data_8OXF
#
_entry.id   8OXF
#
_cell.length_a   60.160
_cell.length_b   60.060
_cell.length_c   137.110
_cell.angle_alpha   81.730
_cell.angle_beta   80.260
_cell.angle_gamma   81.720
#
_symmetry.space_group_name_H-M   'P 1'
#
loop_
_entity.id
_entity.type
_entity.pdbx_description
1 polymer 'Halohydrin dehalogenase'
2 non-polymer 'CHLORIDE ION'
3 water water
#
_entity_poly.entity_id   1
_entity_poly.type   'polypeptide(L)'
_entity_poly.pdbx_seq_one_letter_code
;VIALVTHARHFAGPAAVEALTQDGYTVVCHDASFADAAERQRFESENPGTIALAEQKPERLVDATLQHGEAIDTIVSNDY
IPRPMNRLPLEGTSEADIRQMFEALSIFPILLLQSAIAPLRAAGGASVIFITSSVGKKPLAYNPLYGPARAATVALVESA
AKTLSRDGILLYAIGPAFFNNPTYFPTSDWENNPELRERVDRDVPLGRLGRPDEMGALITFLASRRAAPIVGQFFAFTGG
YLP
;
_entity_poly.pdbx_strand_id   A,B,C,D,E,F,G,H
#
loop_
_chem_comp.id
_chem_comp.type
_chem_comp.name
_chem_comp.formula
CL non-polymer 'CHLORIDE ION' 'Cl -1'
#
# COMPACT_ATOMS: atom_id res chain seq x y z
N VAL A 1 13.67 68.73 -14.70
CA VAL A 1 13.90 67.35 -14.30
C VAL A 1 13.09 66.47 -15.24
N ILE A 2 13.73 65.62 -16.03
CA ILE A 2 12.98 64.94 -17.09
C ILE A 2 12.87 63.46 -16.78
N ALA A 3 11.73 62.90 -17.18
CA ALA A 3 11.48 61.47 -17.15
C ALA A 3 11.17 60.97 -18.55
N LEU A 4 11.54 59.72 -18.82
CA LEU A 4 11.18 59.06 -20.06
C LEU A 4 10.20 57.95 -19.72
N VAL A 5 8.99 58.02 -20.28
CA VAL A 5 7.99 56.96 -20.17
C VAL A 5 7.81 56.35 -21.55
N THR A 6 7.94 55.01 -21.66
CA THR A 6 7.66 54.36 -22.93
C THR A 6 6.22 53.83 -23.02
N HIS A 7 5.81 53.54 -24.26
CA HIS A 7 4.44 53.08 -24.57
C HIS A 7 3.42 53.90 -23.79
N ALA A 8 3.59 55.22 -23.85
CA ALA A 8 2.91 56.14 -22.95
C ALA A 8 1.40 55.96 -22.94
N ARG A 9 0.83 55.41 -24.02
CA ARG A 9 -0.61 55.30 -24.22
C ARG A 9 -1.23 54.03 -23.63
N HIS A 10 -0.42 53.12 -23.09
CA HIS A 10 -0.89 51.79 -22.73
C HIS A 10 -0.40 51.46 -21.32
N PHE A 11 -0.99 50.39 -20.76
CA PHE A 11 -0.52 49.78 -19.52
C PHE A 11 -0.34 50.85 -18.44
N ALA A 12 0.86 50.98 -17.86
CA ALA A 12 1.09 51.93 -16.77
C ALA A 12 1.48 53.32 -17.26
N GLY A 13 1.42 53.55 -18.58
CA GLY A 13 1.82 54.81 -19.18
C GLY A 13 1.02 56.01 -18.69
N PRO A 14 -0.31 56.01 -18.88
CA PRO A 14 -1.10 57.16 -18.41
C PRO A 14 -0.89 57.46 -16.93
N ALA A 15 -0.88 56.43 -16.08
CA ALA A 15 -0.63 56.65 -14.66
C ALA A 15 0.72 57.31 -14.43
N ALA A 16 1.75 56.86 -15.18
CA ALA A 16 3.09 57.40 -15.00
C ALA A 16 3.18 58.86 -15.43
N VAL A 17 2.69 59.16 -16.63
CA VAL A 17 2.74 60.54 -17.13
C VAL A 17 2.05 61.48 -16.15
N GLU A 18 0.83 61.13 -15.73
CA GLU A 18 0.04 61.99 -14.86
C GLU A 18 0.76 62.28 -13.55
N ALA A 19 1.22 61.23 -12.88
CA ALA A 19 1.86 61.40 -11.58
C ALA A 19 3.20 62.13 -11.71
N LEU A 20 4.01 61.75 -12.71
CA LEU A 20 5.29 62.42 -12.89
C LEU A 20 5.12 63.89 -13.26
N THR A 21 4.20 64.21 -14.17
CA THR A 21 3.97 65.63 -14.48
C THR A 21 3.49 66.39 -13.23
N GLN A 22 2.63 65.77 -12.42
CA GLN A 22 2.22 66.39 -11.15
C GLN A 22 3.39 66.60 -10.19
N ASP A 23 4.42 65.76 -10.28
CA ASP A 23 5.57 65.90 -9.41
C ASP A 23 6.61 66.86 -9.95
N GLY A 24 6.28 67.67 -10.96
CA GLY A 24 7.21 68.63 -11.50
C GLY A 24 8.11 68.12 -12.60
N TYR A 25 7.93 66.89 -13.08
CA TYR A 25 8.76 66.38 -14.17
C TYR A 25 8.28 66.87 -15.52
N THR A 26 9.23 67.14 -16.40
CA THR A 26 8.96 67.21 -17.83
C THR A 26 9.02 65.77 -18.36
N VAL A 27 7.89 65.24 -18.82
CA VAL A 27 7.77 63.84 -19.18
C VAL A 27 7.90 63.71 -20.70
N VAL A 28 9.05 63.20 -21.13
CA VAL A 28 9.26 62.84 -22.53
C VAL A 28 8.67 61.45 -22.76
N CYS A 29 7.79 61.33 -23.77
CA CYS A 29 7.00 60.12 -24.01
C CYS A 29 7.33 59.46 -25.34
N HIS A 30 7.54 58.14 -25.30
CA HIS A 30 7.56 57.28 -26.48
C HIS A 30 6.24 56.55 -26.63
N ASP A 31 5.84 56.32 -27.89
CA ASP A 31 4.66 55.50 -28.18
C ASP A 31 4.65 55.16 -29.67
N ALA A 32 4.14 53.98 -29.99
CA ALA A 32 4.10 53.55 -31.39
C ALA A 32 3.30 54.54 -32.23
N SER A 33 2.20 55.05 -31.71
CA SER A 33 1.36 55.97 -32.48
C SER A 33 2.07 57.27 -32.81
N PHE A 34 3.13 57.61 -32.07
CA PHE A 34 3.84 58.85 -32.30
C PHE A 34 4.59 58.85 -33.62
N ALA A 35 4.66 57.71 -34.31
CA ALA A 35 5.20 57.71 -35.66
C ALA A 35 4.34 58.52 -36.62
N ASP A 36 3.10 58.81 -36.23
CA ASP A 36 2.22 59.74 -36.93
C ASP A 36 2.30 61.09 -36.23
N ALA A 37 2.77 62.11 -36.96
CA ALA A 37 3.04 63.42 -36.35
C ALA A 37 1.79 64.06 -35.78
N ALA A 38 0.63 63.89 -36.44
CA ALA A 38 -0.62 64.40 -35.89
C ALA A 38 -0.87 63.87 -34.47
N GLU A 39 -0.59 62.58 -34.24
CA GLU A 39 -0.79 61.99 -32.91
C GLU A 39 0.18 62.63 -31.90
N ARG A 40 1.40 62.94 -32.31
CA ARG A 40 2.32 63.66 -31.44
C ARG A 40 1.73 65.00 -31.01
N GLN A 41 1.19 65.79 -31.94
CA GLN A 41 0.68 67.08 -31.49
C GLN A 41 -0.64 66.93 -30.74
N ARG A 42 -1.41 65.88 -31.02
CA ARG A 42 -2.60 65.69 -30.18
C ARG A 42 -2.20 65.29 -28.77
N PHE A 43 -1.20 64.42 -28.63
CA PHE A 43 -0.79 63.99 -27.29
C PHE A 43 -0.26 65.16 -26.47
N GLU A 44 0.60 65.98 -27.08
CA GLU A 44 1.15 67.10 -26.33
C GLU A 44 0.05 68.08 -25.95
N SER A 45 -0.96 68.24 -26.80
CA SER A 45 -2.05 69.18 -26.51
C SER A 45 -2.92 68.67 -25.36
N GLU A 46 -3.15 67.36 -25.30
CA GLU A 46 -3.94 66.74 -24.23
C GLU A 46 -3.14 66.54 -22.96
N ASN A 47 -1.81 66.66 -22.99
CA ASN A 47 -0.98 66.38 -21.83
C ASN A 47 0.04 67.49 -21.65
N PRO A 48 -0.37 68.61 -21.04
CA PRO A 48 0.56 69.71 -20.81
C PRO A 48 1.80 69.25 -20.05
N GLY A 49 2.96 69.71 -20.52
CA GLY A 49 4.22 69.35 -19.92
C GLY A 49 4.79 68.05 -20.41
N THR A 50 4.34 67.55 -21.57
CA THR A 50 4.91 66.37 -22.15
C THR A 50 5.56 66.71 -23.48
N ILE A 51 6.44 65.82 -23.91
CA ILE A 51 7.08 65.86 -25.23
C ILE A 51 6.92 64.48 -25.85
N ALA A 52 6.26 64.41 -27.01
CA ALA A 52 6.08 63.14 -27.70
C ALA A 52 7.21 62.94 -28.70
N LEU A 53 8.00 61.88 -28.50
CA LEU A 53 9.09 61.56 -29.41
C LEU A 53 8.57 60.86 -30.67
N ALA A 54 9.23 61.15 -31.79
CA ALA A 54 9.01 60.38 -33.01
C ALA A 54 9.74 59.05 -32.97
N GLU A 55 10.86 58.99 -32.26
CA GLU A 55 11.73 57.82 -32.29
C GLU A 55 11.00 56.55 -31.84
N GLN A 56 11.34 55.44 -32.51
CA GLN A 56 10.72 54.15 -32.25
C GLN A 56 11.72 53.06 -31.84
N LYS A 57 13.05 53.24 -32.10
CA LYS A 57 13.94 52.13 -31.73
C LYS A 57 14.31 52.23 -30.26
N PRO A 58 14.27 51.12 -29.53
CA PRO A 58 14.55 51.17 -28.08
C PRO A 58 15.91 51.76 -27.75
N GLU A 59 16.94 51.39 -28.51
CA GLU A 59 18.29 51.84 -28.20
C GLU A 59 18.54 53.29 -28.59
N ARG A 60 17.56 53.98 -29.18
CA ARG A 60 17.71 55.37 -29.60
C ARG A 60 16.85 56.35 -28.81
N LEU A 61 15.97 55.85 -27.93
CA LEU A 61 15.08 56.70 -27.14
C LEU A 61 15.85 57.59 -26.18
N VAL A 62 16.96 57.09 -25.64
CA VAL A 62 17.72 57.89 -24.70
C VAL A 62 18.31 59.11 -25.40
N ASP A 63 19.02 58.88 -26.50
CA ASP A 63 19.58 60.01 -27.25
C ASP A 63 18.49 60.95 -27.72
N ALA A 64 17.34 60.41 -28.18
CA ALA A 64 16.22 61.27 -28.55
C ALA A 64 15.74 62.12 -27.37
N THR A 65 15.70 61.52 -26.17
CA THR A 65 15.29 62.27 -24.99
C THR A 65 16.32 63.33 -24.62
N LEU A 66 17.61 63.00 -24.66
CA LEU A 66 18.59 64.04 -24.36
C LEU A 66 18.61 65.18 -25.40
N GLN A 67 17.79 65.12 -26.45
CA GLN A 67 17.61 66.32 -27.28
C GLN A 67 16.79 67.38 -26.58
N HIS A 68 16.16 67.07 -25.45
CA HIS A 68 15.26 68.00 -24.79
C HIS A 68 15.70 68.37 -23.39
N GLY A 69 16.90 68.01 -22.99
CA GLY A 69 17.38 68.26 -21.64
C GLY A 69 18.77 67.72 -21.49
N GLU A 70 19.36 67.99 -20.32
CA GLU A 70 20.76 67.63 -20.12
C GLU A 70 20.92 66.27 -19.43
N ALA A 71 19.92 65.83 -18.67
CA ALA A 71 20.00 64.53 -18.00
C ALA A 71 18.61 63.94 -17.90
N ILE A 72 18.55 62.61 -17.90
CA ILE A 72 17.34 61.86 -17.59
C ILE A 72 17.38 61.45 -16.12
N ASP A 73 16.39 61.90 -15.35
CA ASP A 73 16.33 61.54 -13.93
C ASP A 73 15.68 60.17 -13.73
N THR A 74 14.67 59.84 -14.55
CA THR A 74 13.93 58.61 -14.35
C THR A 74 13.49 58.04 -15.70
N ILE A 75 13.61 56.72 -15.84
CA ILE A 75 13.07 56.01 -17.00
C ILE A 75 12.00 55.06 -16.47
N VAL A 76 10.80 55.14 -17.04
CA VAL A 76 9.77 54.14 -16.78
C VAL A 76 9.71 53.25 -18.04
N SER A 77 10.31 52.06 -17.96
CA SER A 77 10.26 51.08 -19.03
C SER A 77 8.94 50.33 -18.91
N ASN A 78 7.94 50.84 -19.63
CA ASN A 78 6.54 50.40 -19.55
C ASN A 78 6.24 49.50 -20.75
N ASP A 79 6.78 48.30 -20.68
CA ASP A 79 6.65 47.37 -21.80
C ASP A 79 5.34 46.59 -21.72
N TYR A 80 4.71 46.40 -22.87
CA TYR A 80 3.45 45.70 -22.94
C TYR A 80 3.30 44.98 -24.29
N ILE A 81 2.35 44.05 -24.33
CA ILE A 81 1.97 43.34 -25.55
C ILE A 81 0.46 43.53 -25.67
N PRO A 82 -0.10 43.73 -26.88
CA PRO A 82 -1.56 43.95 -27.00
C PRO A 82 -2.35 42.80 -26.39
N ARG A 83 -3.51 43.17 -25.79
CA ARG A 83 -4.13 42.35 -24.76
C ARG A 83 -4.19 40.85 -25.06
N PRO A 84 -4.96 40.36 -26.05
CA PRO A 84 -5.17 38.90 -26.12
C PRO A 84 -3.87 38.10 -26.17
N MET A 85 -2.77 38.70 -26.68
CA MET A 85 -1.54 37.91 -26.82
C MET A 85 -0.94 37.51 -25.48
N ASN A 86 -1.21 38.22 -24.39
CA ASN A 86 -0.66 37.79 -23.12
C ASN A 86 -1.21 36.42 -22.72
N ARG A 87 -2.31 35.99 -23.32
CA ARG A 87 -2.90 34.67 -23.06
C ARG A 87 -2.50 33.63 -24.11
N LEU A 88 -1.43 33.86 -24.85
CA LEU A 88 -1.12 32.94 -25.95
C LEU A 88 -0.67 31.59 -25.40
N PRO A 89 -1.21 30.49 -25.90
CA PRO A 89 -0.87 29.16 -25.39
C PRO A 89 0.37 28.60 -26.08
N LEU A 90 0.88 27.49 -25.54
CA LEU A 90 2.04 26.84 -26.14
C LEU A 90 1.68 26.21 -27.48
N GLU A 91 0.53 25.53 -27.53
CA GLU A 91 0.19 24.71 -28.70
C GLU A 91 -0.34 25.60 -29.83
N GLY A 92 0.15 25.35 -31.05
CA GLY A 92 -0.35 26.01 -32.23
C GLY A 92 0.13 27.44 -32.42
N THR A 93 0.88 27.98 -31.47
CA THR A 93 1.35 29.35 -31.56
C THR A 93 2.55 29.43 -32.52
N SER A 94 2.47 30.38 -33.44
CA SER A 94 3.52 30.55 -34.45
C SER A 94 4.83 30.96 -33.80
N GLU A 95 5.92 30.50 -34.42
CA GLU A 95 7.25 30.96 -34.04
C GLU A 95 7.34 32.49 -34.02
N ALA A 96 6.71 33.14 -35.00
CA ALA A 96 6.73 34.60 -35.08
C ALA A 96 6.13 35.23 -33.82
N ASP A 97 4.95 34.75 -33.39
CA ASP A 97 4.34 35.25 -32.16
C ASP A 97 5.22 34.99 -30.94
N ILE A 98 5.82 33.81 -30.83
CA ILE A 98 6.72 33.57 -29.72
C ILE A 98 7.84 34.61 -29.70
N ARG A 99 8.44 34.88 -30.87
CA ARG A 99 9.56 35.81 -30.90
C ARG A 99 9.11 37.23 -30.60
N GLN A 100 7.88 37.59 -31.01
CA GLN A 100 7.39 38.93 -30.73
C GLN A 100 7.13 39.12 -29.23
N MET A 101 6.72 38.05 -28.53
CA MET A 101 6.53 38.10 -27.09
C MET A 101 7.83 38.54 -26.39
N PHE A 102 8.93 37.84 -26.69
CA PHE A 102 10.24 38.18 -26.13
C PHE A 102 10.72 39.54 -26.62
N GLU A 103 10.45 39.86 -27.89
CA GLU A 103 10.90 41.15 -28.43
C GLU A 103 10.30 42.32 -27.65
N ALA A 104 8.98 42.31 -27.42
CA ALA A 104 8.34 43.43 -26.75
C ALA A 104 8.66 43.49 -25.26
N LEU A 105 8.76 42.33 -24.60
CA LEU A 105 8.81 42.28 -23.14
C LEU A 105 10.17 41.94 -22.55
N SER A 106 11.17 41.63 -23.37
CA SER A 106 12.46 41.20 -22.85
C SER A 106 13.61 41.85 -23.61
N ILE A 107 13.52 41.91 -24.94
CA ILE A 107 14.64 42.43 -25.72
C ILE A 107 14.60 43.97 -25.77
N PHE A 108 13.43 44.53 -26.06
CA PHE A 108 13.24 45.98 -26.04
C PHE A 108 13.67 46.59 -24.71
N PRO A 109 13.25 46.08 -23.55
CA PRO A 109 13.77 46.68 -22.30
C PRO A 109 15.28 46.54 -22.14
N ILE A 110 15.89 45.42 -22.53
CA ILE A 110 17.35 45.29 -22.42
C ILE A 110 18.05 46.33 -23.28
N LEU A 111 17.60 46.47 -24.53
CA LEU A 111 18.29 47.38 -25.44
C LEU A 111 18.17 48.82 -24.97
N LEU A 112 17.00 49.19 -24.41
CA LEU A 112 16.83 50.49 -23.77
C LEU A 112 17.81 50.65 -22.60
N LEU A 113 17.84 49.67 -21.70
CA LEU A 113 18.71 49.77 -20.52
C LEU A 113 20.18 49.89 -20.93
N GLN A 114 20.62 49.05 -21.87
CA GLN A 114 22.00 49.08 -22.34
C GLN A 114 22.39 50.49 -22.78
N SER A 115 21.53 51.13 -23.55
CA SER A 115 21.77 52.46 -24.09
C SER A 115 21.78 53.54 -23.02
N ALA A 116 21.15 53.30 -21.89
CA ALA A 116 20.99 54.33 -20.87
C ALA A 116 22.14 54.40 -19.88
N ILE A 117 22.99 53.38 -19.79
CA ILE A 117 23.92 53.29 -18.65
C ILE A 117 24.92 54.45 -18.67
N ALA A 118 25.53 54.73 -19.83
CA ALA A 118 26.58 55.75 -19.85
C ALA A 118 26.07 57.15 -19.54
N PRO A 119 25.00 57.66 -20.18
CA PRO A 119 24.49 58.98 -19.77
C PRO A 119 23.97 58.99 -18.35
N LEU A 120 23.33 57.91 -17.92
CA LEU A 120 22.82 57.87 -16.56
C LEU A 120 23.97 57.88 -15.55
N ARG A 121 25.02 57.09 -15.80
CA ARG A 121 26.19 57.13 -14.93
C ARG A 121 26.83 58.52 -14.93
N ALA A 122 27.00 59.11 -16.13
CA ALA A 122 27.59 60.43 -16.23
C ALA A 122 26.83 61.48 -15.43
N ALA A 123 25.51 61.34 -15.32
CA ALA A 123 24.68 62.30 -14.61
C ALA A 123 24.59 62.03 -13.12
N GLY A 124 25.41 61.14 -12.58
CA GLY A 124 25.44 60.90 -11.15
C GLY A 124 24.42 59.91 -10.66
N GLY A 125 23.70 59.26 -11.56
CA GLY A 125 22.67 58.29 -11.20
C GLY A 125 21.30 58.69 -11.71
N ALA A 126 20.37 57.75 -11.53
CA ALA A 126 18.99 57.88 -12.01
C ALA A 126 18.20 56.68 -11.50
N SER A 127 16.92 56.65 -11.85
CA SER A 127 16.08 55.50 -11.56
C SER A 127 15.52 54.95 -12.85
N VAL A 128 15.53 53.62 -12.97
CA VAL A 128 14.94 52.94 -14.11
C VAL A 128 13.90 51.98 -13.52
N ILE A 129 12.64 52.20 -13.84
CA ILE A 129 11.53 51.44 -13.27
C ILE A 129 10.90 50.62 -14.39
N PHE A 130 11.02 49.28 -14.28
CA PHE A 130 10.44 48.39 -15.28
C PHE A 130 9.04 47.97 -14.83
N ILE A 131 8.05 48.18 -15.70
CA ILE A 131 6.70 47.71 -15.45
C ILE A 131 6.59 46.31 -16.06
N THR A 132 6.48 45.28 -15.22
CA THR A 132 6.42 43.94 -15.77
C THR A 132 5.02 43.32 -15.53
N SER A 133 4.93 42.25 -14.77
CA SER A 133 3.65 41.60 -14.48
C SER A 133 3.80 40.73 -13.25
N SER A 134 2.66 40.43 -12.63
CA SER A 134 2.68 39.48 -11.54
C SER A 134 3.25 38.15 -11.97
N VAL A 135 3.09 37.78 -13.25
CA VAL A 135 3.62 36.51 -13.74
C VAL A 135 5.13 36.52 -13.87
N GLY A 136 5.78 37.67 -13.67
CA GLY A 136 7.23 37.67 -13.56
C GLY A 136 7.71 36.89 -12.34
N LYS A 137 6.88 36.77 -11.32
CA LYS A 137 7.24 36.05 -10.10
C LYS A 137 6.34 34.86 -9.80
N LYS A 138 5.05 34.93 -10.16
CA LYS A 138 4.09 33.87 -9.84
C LYS A 138 3.47 33.33 -11.14
N PRO A 139 3.66 32.04 -11.47
CA PRO A 139 3.18 31.54 -12.75
C PRO A 139 1.66 31.41 -12.80
N LEU A 140 1.14 31.48 -14.02
CA LEU A 140 -0.29 31.30 -14.28
C LEU A 140 -0.53 30.41 -15.49
N ALA A 141 -1.51 29.52 -15.36
CA ALA A 141 -1.75 28.50 -16.38
C ALA A 141 -1.88 29.11 -17.77
N TYR A 142 -2.60 30.23 -17.89
CA TYR A 142 -2.93 30.78 -19.19
C TYR A 142 -1.86 31.72 -19.73
N ASN A 143 -0.71 31.84 -19.07
CA ASN A 143 0.36 32.74 -19.50
C ASN A 143 1.70 32.02 -19.68
N PRO A 144 1.74 30.92 -20.44
CA PRO A 144 2.99 30.13 -20.52
C PRO A 144 4.05 30.70 -21.45
N LEU A 145 3.77 31.76 -22.21
CA LEU A 145 4.80 32.46 -22.97
C LEU A 145 5.02 33.87 -22.46
N TYR A 146 3.93 34.59 -22.21
CA TYR A 146 4.00 35.88 -21.53
C TYR A 146 4.74 35.79 -20.21
N GLY A 147 4.51 34.72 -19.45
CA GLY A 147 5.19 34.49 -18.19
C GLY A 147 6.70 34.48 -18.37
N PRO A 148 7.21 33.56 -19.19
CA PRO A 148 8.68 33.56 -19.44
C PRO A 148 9.25 34.91 -19.84
N ALA A 149 8.61 35.62 -20.77
CA ALA A 149 9.16 36.91 -21.20
C ALA A 149 9.20 37.90 -20.04
N ARG A 150 8.14 37.98 -19.24
CA ARG A 150 8.16 38.88 -18.10
C ARG A 150 9.19 38.46 -17.07
N ALA A 151 9.34 37.16 -16.83
CA ALA A 151 10.29 36.70 -15.83
C ALA A 151 11.71 37.06 -16.22
N ALA A 152 12.01 37.07 -17.53
CA ALA A 152 13.35 37.43 -17.97
C ALA A 152 13.71 38.85 -17.55
N THR A 153 12.77 39.79 -17.69
CA THR A 153 13.04 41.19 -17.37
C THR A 153 13.07 41.43 -15.86
N VAL A 154 12.29 40.68 -15.08
CA VAL A 154 12.44 40.80 -13.62
C VAL A 154 13.82 40.33 -13.18
N ALA A 155 14.31 39.24 -13.77
CA ALA A 155 15.64 38.75 -13.45
C ALA A 155 16.72 39.70 -13.96
N LEU A 156 16.45 40.40 -15.06
CA LEU A 156 17.32 41.48 -15.53
C LEU A 156 17.46 42.55 -14.46
N VAL A 157 16.35 43.01 -13.89
CA VAL A 157 16.39 44.01 -12.82
C VAL A 157 17.22 43.49 -11.66
N GLU A 158 16.96 42.25 -11.25
CA GLU A 158 17.61 41.71 -10.05
C GLU A 158 19.10 41.51 -10.28
N SER A 159 19.50 41.11 -11.50
CA SER A 159 20.91 40.93 -11.81
C SER A 159 21.61 42.24 -12.10
N ALA A 160 21.03 43.07 -12.98
CA ALA A 160 21.71 44.29 -13.38
C ALA A 160 21.87 45.25 -12.20
N ALA A 161 20.94 45.19 -11.24
CA ALA A 161 21.08 46.03 -10.05
C ALA A 161 22.39 45.75 -9.31
N LYS A 162 22.91 44.51 -9.38
CA LYS A 162 24.07 44.18 -8.57
C LYS A 162 25.30 45.01 -8.95
N THR A 163 25.41 45.43 -10.21
CA THR A 163 26.48 46.33 -10.64
C THR A 163 26.04 47.80 -10.70
N LEU A 164 24.90 48.07 -11.34
CA LEU A 164 24.52 49.45 -11.62
C LEU A 164 24.20 50.27 -10.38
N SER A 165 23.88 49.64 -9.25
CA SER A 165 23.58 50.43 -8.06
C SER A 165 24.80 51.22 -7.59
N ARG A 166 26.01 50.71 -7.81
CA ARG A 166 27.21 51.44 -7.39
C ARG A 166 27.36 52.74 -8.18
N ASP A 167 26.81 52.82 -9.39
CA ASP A 167 26.78 54.07 -10.15
C ASP A 167 25.62 54.99 -9.75
N GLY A 168 24.84 54.64 -8.74
CA GLY A 168 23.64 55.40 -8.44
C GLY A 168 22.50 55.21 -9.43
N ILE A 169 22.61 54.21 -10.31
CA ILE A 169 21.57 53.88 -11.28
C ILE A 169 20.68 52.83 -10.63
N LEU A 170 19.51 53.25 -10.12
CA LEU A 170 18.67 52.39 -9.28
C LEU A 170 17.57 51.72 -10.11
N LEU A 171 17.62 50.38 -10.17
CA LEU A 171 16.68 49.56 -10.94
C LEU A 171 15.59 48.97 -10.04
N TYR A 172 14.37 48.92 -10.56
CA TYR A 172 13.21 48.36 -9.85
C TYR A 172 12.30 47.68 -10.86
N ALA A 173 11.60 46.64 -10.41
CA ALA A 173 10.55 46.01 -11.21
C ALA A 173 9.24 46.11 -10.44
N ILE A 174 8.19 46.50 -11.14
CA ILE A 174 6.84 46.50 -10.59
C ILE A 174 6.03 45.46 -11.34
N GLY A 175 5.31 44.62 -10.60
CA GLY A 175 4.57 43.54 -11.21
C GLY A 175 3.08 43.61 -10.94
N PRO A 176 2.34 44.33 -11.80
CA PRO A 176 0.92 44.56 -11.54
C PRO A 176 0.00 43.38 -11.85
N ALA A 177 -1.08 43.30 -11.08
CA ALA A 177 -2.22 42.45 -11.42
C ALA A 177 -3.46 43.12 -10.87
N PHE A 178 -4.59 42.96 -11.58
CA PHE A 178 -5.83 43.62 -11.20
C PHE A 178 -5.60 45.12 -11.02
N PHE A 179 -4.81 45.69 -11.93
CA PHE A 179 -4.47 47.11 -11.92
C PHE A 179 -5.30 47.81 -12.99
N ASN A 180 -6.12 48.78 -12.56
CA ASN A 180 -7.00 49.52 -13.45
C ASN A 180 -6.16 50.30 -14.46
N ASN A 181 -6.12 49.83 -15.70
CA ASN A 181 -5.29 50.44 -16.74
C ASN A 181 -5.94 50.15 -18.08
N PRO A 182 -5.64 50.93 -19.12
CA PRO A 182 -6.36 50.77 -20.41
C PRO A 182 -6.07 49.46 -21.15
N THR A 183 -5.00 48.73 -20.83
CA THR A 183 -4.62 47.51 -21.52
C THR A 183 -5.31 46.26 -20.96
N TYR A 184 -5.21 46.02 -19.65
CA TYR A 184 -5.65 44.76 -19.06
C TYR A 184 -6.92 44.90 -18.22
N PHE A 185 -7.19 46.06 -17.61
CA PHE A 185 -8.36 46.23 -16.76
C PHE A 185 -8.91 47.65 -16.89
N PRO A 186 -9.46 47.99 -18.05
CA PRO A 186 -10.13 49.30 -18.19
C PRO A 186 -11.33 49.39 -17.26
N THR A 187 -11.68 50.64 -16.92
CA THR A 187 -12.88 50.86 -16.11
C THR A 187 -14.12 50.28 -16.78
N SER A 188 -14.14 50.28 -18.12
CA SER A 188 -15.16 49.61 -18.91
C SER A 188 -15.37 48.16 -18.46
N ASP A 189 -14.26 47.42 -18.31
CA ASP A 189 -14.33 46.01 -17.98
C ASP A 189 -14.97 45.79 -16.62
N TRP A 190 -14.65 46.65 -15.64
CA TRP A 190 -15.22 46.49 -14.31
C TRP A 190 -16.75 46.57 -14.35
N GLU A 191 -17.28 47.53 -15.12
CA GLU A 191 -18.73 47.68 -15.20
C GLU A 191 -19.37 46.64 -16.11
N ASN A 192 -18.68 46.27 -17.20
CA ASN A 192 -19.27 45.38 -18.20
C ASN A 192 -19.12 43.90 -17.88
N ASN A 193 -18.24 43.52 -16.96
CA ASN A 193 -17.85 42.12 -16.80
C ASN A 193 -18.13 41.70 -15.35
N PRO A 194 -19.33 41.21 -15.05
CA PRO A 194 -19.60 40.72 -13.69
C PRO A 194 -18.69 39.58 -13.27
N GLU A 195 -18.10 38.83 -14.22
CA GLU A 195 -17.11 37.81 -13.84
C GLU A 195 -15.87 38.45 -13.25
N LEU A 196 -15.46 39.60 -13.78
CA LEU A 196 -14.27 40.25 -13.24
C LEU A 196 -14.48 40.70 -11.81
N ARG A 197 -15.67 41.21 -11.49
CA ARG A 197 -15.94 41.67 -10.14
C ARG A 197 -15.97 40.51 -9.15
N GLU A 198 -16.57 39.38 -9.56
CA GLU A 198 -16.55 38.18 -8.72
C GLU A 198 -15.14 37.65 -8.54
N ARG A 199 -14.37 37.61 -9.62
CA ARG A 199 -12.99 37.12 -9.53
C ARG A 199 -12.17 38.00 -8.58
N VAL A 200 -12.37 39.32 -8.65
CA VAL A 200 -11.68 40.25 -7.74
C VAL A 200 -12.14 40.06 -6.29
N ASP A 201 -13.45 39.92 -6.06
CA ASP A 201 -13.90 39.60 -4.70
C ASP A 201 -13.21 38.36 -4.17
N ARG A 202 -13.05 37.34 -5.02
CA ARG A 202 -12.53 36.07 -4.55
C ARG A 202 -11.02 36.12 -4.33
N ASP A 203 -10.27 36.70 -5.27
CA ASP A 203 -8.81 36.56 -5.30
C ASP A 203 -8.00 37.78 -4.88
N VAL A 204 -8.61 38.95 -4.71
CA VAL A 204 -7.86 40.17 -4.41
C VAL A 204 -8.24 40.65 -3.01
N PRO A 205 -7.38 40.39 -2.01
CA PRO A 205 -7.68 40.84 -0.64
C PRO A 205 -8.16 42.27 -0.54
N LEU A 206 -7.53 43.19 -1.28
CA LEU A 206 -7.97 44.57 -1.24
C LEU A 206 -9.43 44.71 -1.67
N GLY A 207 -9.91 43.81 -2.51
CA GLY A 207 -11.30 43.82 -2.90
C GLY A 207 -11.62 44.70 -4.08
N ARG A 208 -10.61 45.29 -4.71
CA ARG A 208 -10.86 46.25 -5.80
C ARG A 208 -9.65 46.29 -6.71
N LEU A 209 -9.82 46.85 -7.89
CA LEU A 209 -8.68 47.09 -8.77
C LEU A 209 -7.82 48.20 -8.20
N GLY A 210 -6.52 48.10 -8.43
CA GLY A 210 -5.62 49.16 -8.00
C GLY A 210 -5.80 50.40 -8.86
N ARG A 211 -5.74 51.58 -8.22
CA ARG A 211 -6.05 52.79 -8.95
C ARG A 211 -4.84 53.32 -9.72
N PRO A 212 -5.09 53.98 -10.86
CA PRO A 212 -3.98 54.64 -11.57
C PRO A 212 -3.14 55.57 -10.69
N ASP A 213 -3.76 56.34 -9.78
CA ASP A 213 -3.00 57.23 -8.91
C ASP A 213 -2.19 56.48 -7.86
N GLU A 214 -2.57 55.24 -7.52
CA GLU A 214 -1.75 54.45 -6.62
C GLU A 214 -0.50 53.92 -7.34
N MET A 215 -0.66 53.53 -8.60
CA MET A 215 0.50 53.17 -9.41
C MET A 215 1.40 54.37 -9.59
N GLY A 216 0.81 55.55 -9.80
CA GLY A 216 1.61 56.77 -9.88
C GLY A 216 2.35 57.08 -8.59
N ALA A 217 1.67 56.91 -7.44
CA ALA A 217 2.30 57.11 -6.15
C ALA A 217 3.51 56.19 -5.95
N LEU A 218 3.39 54.92 -6.35
CA LEU A 218 4.57 54.04 -6.33
C LEU A 218 5.68 54.58 -7.22
N ILE A 219 5.36 54.94 -8.46
CA ILE A 219 6.36 55.42 -9.42
C ILE A 219 7.07 56.67 -8.90
N THR A 220 6.31 57.67 -8.44
CA THR A 220 6.95 58.92 -8.01
C THR A 220 7.82 58.70 -6.77
N PHE A 221 7.38 57.84 -5.84
CA PHE A 221 8.20 57.47 -4.69
C PHE A 221 9.52 56.82 -5.13
N LEU A 222 9.47 55.90 -6.08
CA LEU A 222 10.72 55.31 -6.55
C LEU A 222 11.60 56.37 -7.21
N ALA A 223 11.00 57.23 -8.03
CA ALA A 223 11.77 58.25 -8.75
C ALA A 223 12.44 59.24 -7.81
N SER A 224 11.89 59.43 -6.62
CA SER A 224 12.45 60.39 -5.67
C SER A 224 13.81 59.97 -5.14
N ARG A 225 14.15 58.67 -5.21
CA ARG A 225 15.38 58.08 -4.67
C ARG A 225 15.46 58.15 -3.15
N ARG A 226 14.35 58.48 -2.49
CA ARG A 226 14.40 58.74 -1.06
C ARG A 226 14.56 57.47 -0.24
N ALA A 227 14.19 56.31 -0.80
CA ALA A 227 14.42 55.03 -0.13
C ALA A 227 15.29 54.12 -0.99
N ALA A 228 16.39 54.65 -1.54
CA ALA A 228 17.32 53.94 -2.41
C ALA A 228 17.72 52.53 -1.95
N PRO A 229 17.87 52.23 -0.65
CA PRO A 229 18.23 50.86 -0.27
C PRO A 229 17.25 49.77 -0.69
N ILE A 230 16.04 50.09 -1.20
CA ILE A 230 15.17 49.02 -1.66
C ILE A 230 15.45 48.74 -3.14
N VAL A 231 16.60 49.23 -3.64
CA VAL A 231 16.94 49.03 -5.04
C VAL A 231 17.06 47.56 -5.40
N GLY A 232 16.67 47.23 -6.63
CA GLY A 232 17.02 45.96 -7.24
C GLY A 232 16.06 44.84 -6.95
N GLN A 233 14.79 45.14 -6.73
CA GLN A 233 13.83 44.12 -6.34
C GLN A 233 12.51 44.34 -7.04
N PHE A 234 11.67 43.34 -6.87
CA PHE A 234 10.37 43.22 -7.51
C PHE A 234 9.29 43.63 -6.51
N PHE A 235 8.41 44.55 -6.90
CA PHE A 235 7.31 44.99 -6.05
C PHE A 235 6.00 44.47 -6.65
N ALA A 236 5.34 43.58 -5.91
CA ALA A 236 4.00 43.19 -6.33
C ALA A 236 3.07 44.39 -6.22
N PHE A 237 2.25 44.61 -7.27
CA PHE A 237 1.21 45.66 -7.27
C PHE A 237 -0.10 44.95 -7.60
N THR A 238 -0.63 44.21 -6.61
CA THR A 238 -1.68 43.23 -6.86
C THR A 238 -2.80 43.26 -5.82
N GLY A 239 -2.85 44.25 -4.94
CA GLY A 239 -3.86 44.26 -3.89
C GLY A 239 -3.78 43.06 -2.95
N GLY A 240 -2.61 42.44 -2.82
CA GLY A 240 -2.46 41.26 -1.99
C GLY A 240 -2.70 39.93 -2.67
N TYR A 241 -2.93 39.93 -3.98
CA TYR A 241 -3.07 38.67 -4.71
C TYR A 241 -1.76 37.89 -4.74
N LEU A 242 -0.63 38.60 -4.96
CA LEU A 242 0.66 38.04 -4.62
C LEU A 242 1.01 38.44 -3.18
N PRO A 243 1.85 37.66 -2.48
CA PRO A 243 2.46 36.43 -2.98
C PRO A 243 1.55 35.22 -2.96
N VAL B 1 12.76 1.50 -23.73
CA VAL B 1 12.50 2.84 -23.20
C VAL B 1 13.44 3.89 -23.83
N ILE B 2 12.82 4.96 -24.32
CA ILE B 2 13.50 5.99 -25.11
C ILE B 2 13.60 7.26 -24.29
N ALA B 3 14.78 7.87 -24.33
CA ALA B 3 15.04 9.18 -23.78
C ALA B 3 15.69 10.02 -24.85
N LEU B 4 15.29 11.28 -24.93
CA LEU B 4 15.96 12.24 -25.80
C LEU B 4 16.80 13.16 -24.91
N VAL B 5 18.10 13.25 -25.19
CA VAL B 5 18.99 14.18 -24.48
C VAL B 5 19.59 15.12 -25.53
N THR B 6 19.38 16.42 -25.35
CA THR B 6 19.89 17.43 -26.26
C THR B 6 21.28 17.89 -25.84
N HIS B 7 22.01 18.48 -26.79
CA HIS B 7 23.40 18.92 -26.59
C HIS B 7 24.21 17.93 -25.77
N ALA B 8 24.20 16.66 -26.23
CA ALA B 8 24.68 15.55 -25.41
C ALA B 8 26.15 15.66 -24.99
N ARG B 9 26.95 16.48 -25.67
CA ARG B 9 28.37 16.52 -25.37
C ARG B 9 28.71 17.60 -24.33
N HIS B 10 27.73 18.35 -23.86
CA HIS B 10 27.99 19.54 -23.06
C HIS B 10 27.16 19.53 -21.79
N PHE B 11 27.56 20.40 -20.85
CA PHE B 11 26.78 20.70 -19.65
C PHE B 11 26.38 19.42 -18.93
N ALA B 12 25.07 19.23 -18.71
CA ALA B 12 24.56 18.03 -18.06
C ALA B 12 24.45 16.82 -18.99
N GLY B 13 24.72 17.00 -20.29
CA GLY B 13 24.56 15.93 -21.25
C GLY B 13 25.22 14.60 -20.88
N PRO B 14 26.56 14.60 -20.69
CA PRO B 14 27.23 13.34 -20.34
C PRO B 14 26.68 12.67 -19.09
N ALA B 15 26.45 13.42 -18.02
CA ALA B 15 25.84 12.84 -16.82
C ALA B 15 24.51 12.18 -17.15
N ALA B 16 23.66 12.88 -17.91
CA ALA B 16 22.35 12.33 -18.23
C ALA B 16 22.49 11.04 -19.05
N VAL B 17 23.38 11.06 -20.04
CA VAL B 17 23.54 9.92 -20.94
C VAL B 17 24.01 8.70 -20.16
N GLU B 18 25.05 8.88 -19.33
CA GLU B 18 25.58 7.76 -18.55
C GLU B 18 24.49 7.14 -17.68
N ALA B 19 23.70 7.96 -16.98
CA ALA B 19 22.76 7.44 -15.99
C ALA B 19 21.52 6.82 -16.62
N LEU B 20 20.97 7.46 -17.65
CA LEU B 20 19.80 6.94 -18.36
C LEU B 20 20.12 5.62 -19.06
N THR B 21 21.26 5.56 -19.74
CA THR B 21 21.67 4.31 -20.37
C THR B 21 21.91 3.21 -19.32
N GLN B 22 22.48 3.57 -18.16
CA GLN B 22 22.66 2.61 -17.07
C GLN B 22 21.35 2.13 -16.47
N ASP B 23 20.30 2.94 -16.54
CA ASP B 23 18.97 2.55 -16.08
C ASP B 23 18.12 1.90 -17.16
N GLY B 24 18.74 1.36 -18.22
CA GLY B 24 18.02 0.59 -19.21
C GLY B 24 17.38 1.38 -20.33
N TYR B 25 17.65 2.69 -20.41
CA TYR B 25 17.13 3.50 -21.50
C TYR B 25 17.97 3.34 -22.75
N THR B 26 17.31 3.46 -23.89
CA THR B 26 17.93 3.76 -25.16
C THR B 26 17.96 5.29 -25.29
N VAL B 27 19.14 5.90 -25.27
CA VAL B 27 19.22 7.36 -25.22
C VAL B 27 19.49 7.91 -26.62
N VAL B 28 18.47 8.54 -27.19
CA VAL B 28 18.60 9.25 -28.45
C VAL B 28 19.19 10.63 -28.15
N CYS B 29 20.26 10.98 -28.86
CA CYS B 29 21.07 12.16 -28.53
C CYS B 29 21.13 13.13 -29.69
N HIS B 30 20.99 14.41 -29.36
CA HIS B 30 21.20 15.52 -30.26
C HIS B 30 22.48 16.24 -29.87
N ASP B 31 23.16 16.80 -30.86
CA ASP B 31 24.33 17.62 -30.56
C ASP B 31 24.78 18.31 -31.84
N ALA B 32 25.26 19.55 -31.70
CA ALA B 32 25.69 20.31 -32.87
C ALA B 32 26.74 19.56 -33.68
N SER B 33 27.62 18.81 -33.00
CA SER B 33 28.68 18.12 -33.71
C SER B 33 28.14 16.95 -34.52
N PHE B 34 26.91 16.51 -34.23
CA PHE B 34 26.34 15.37 -34.94
C PHE B 34 25.89 15.72 -36.35
N ALA B 35 26.07 16.96 -36.80
CA ALA B 35 25.92 17.24 -38.23
C ALA B 35 26.86 16.36 -39.03
N ASP B 36 28.07 16.16 -38.53
CA ASP B 36 29.07 15.30 -39.16
C ASP B 36 28.76 13.84 -38.85
N ALA B 37 28.65 13.02 -39.91
CA ALA B 37 28.32 11.61 -39.71
C ALA B 37 29.40 10.84 -38.97
N ALA B 38 30.67 11.25 -39.08
CA ALA B 38 31.73 10.54 -38.38
C ALA B 38 31.66 10.79 -36.88
N GLU B 39 31.34 12.03 -36.49
CA GLU B 39 31.05 12.31 -35.09
C GLU B 39 29.94 11.41 -34.58
N ARG B 40 28.90 11.21 -35.39
CA ARG B 40 27.77 10.37 -34.98
C ARG B 40 28.21 8.93 -34.75
N GLN B 41 29.08 8.42 -35.63
CA GLN B 41 29.54 7.04 -35.46
C GLN B 41 30.47 6.91 -34.28
N ARG B 42 31.30 7.93 -34.04
CA ARG B 42 32.22 7.84 -32.92
C ARG B 42 31.46 7.89 -31.60
N PHE B 43 30.52 8.84 -31.47
CA PHE B 43 29.76 8.96 -30.24
C PHE B 43 29.04 7.65 -29.90
N GLU B 44 28.42 7.03 -30.90
CA GLU B 44 27.66 5.80 -30.68
C GLU B 44 28.55 4.65 -30.25
N SER B 45 29.77 4.57 -30.78
CA SER B 45 30.67 3.47 -30.41
C SER B 45 31.24 3.66 -29.02
N GLU B 46 31.54 4.90 -28.63
CA GLU B 46 32.00 5.21 -27.28
C GLU B 46 30.89 5.09 -26.24
N ASN B 47 29.63 5.16 -26.63
CA ASN B 47 28.51 5.17 -25.68
C ASN B 47 27.50 4.11 -26.09
N PRO B 48 27.66 2.87 -25.61
CA PRO B 48 26.66 1.84 -25.92
C PRO B 48 25.29 2.28 -25.43
N GLY B 49 24.26 1.91 -26.20
CA GLY B 49 22.89 2.22 -25.88
C GLY B 49 22.38 3.55 -26.42
N THR B 50 23.20 4.28 -27.19
CA THR B 50 22.81 5.62 -27.65
C THR B 50 22.68 5.68 -29.17
N ILE B 51 21.77 6.53 -29.61
CA ILE B 51 21.52 6.77 -31.02
C ILE B 51 21.76 8.24 -31.29
N ALA B 52 22.65 8.55 -32.23
CA ALA B 52 22.99 9.94 -32.52
C ALA B 52 22.13 10.42 -33.67
N LEU B 53 21.40 11.51 -33.45
CA LEU B 53 20.61 12.14 -34.50
C LEU B 53 21.45 13.11 -35.30
N ALA B 54 21.10 13.28 -36.57
CA ALA B 54 21.64 14.35 -37.36
C ALA B 54 20.82 15.62 -37.25
N GLU B 55 19.52 15.49 -36.92
CA GLU B 55 18.63 16.63 -36.80
C GLU B 55 19.23 17.72 -35.93
N GLN B 56 19.11 18.97 -36.38
CA GLN B 56 19.61 20.10 -35.63
C GLN B 56 18.54 21.15 -35.29
N LYS B 57 17.38 21.12 -35.92
CA LYS B 57 16.37 22.13 -35.59
C LYS B 57 15.64 21.71 -34.30
N PRO B 58 15.45 22.61 -33.35
CA PRO B 58 14.78 22.20 -32.09
C PRO B 58 13.40 21.58 -32.29
N GLU B 59 12.58 22.09 -33.21
CA GLU B 59 11.22 21.57 -33.39
C GLU B 59 11.16 20.28 -34.20
N ARG B 60 12.28 19.76 -34.70
CA ARG B 60 12.27 18.50 -35.45
C ARG B 60 12.87 17.35 -34.66
N LEU B 61 13.37 17.63 -33.46
CA LEU B 61 14.09 16.60 -32.71
C LEU B 61 13.16 15.48 -32.30
N VAL B 62 11.94 15.83 -31.90
CA VAL B 62 10.97 14.84 -31.44
C VAL B 62 10.65 13.86 -32.56
N ASP B 63 10.27 14.39 -33.73
CA ASP B 63 10.00 13.53 -34.88
C ASP B 63 11.18 12.62 -35.20
N ALA B 64 12.38 13.21 -35.27
CA ALA B 64 13.58 12.41 -35.54
C ALA B 64 13.77 11.33 -34.48
N THR B 65 13.47 11.64 -33.22
CA THR B 65 13.59 10.61 -32.17
C THR B 65 12.57 9.50 -32.37
N LEU B 66 11.34 9.85 -32.72
CA LEU B 66 10.27 8.87 -32.90
C LEU B 66 10.49 7.97 -34.12
N GLN B 67 11.54 8.21 -34.91
CA GLN B 67 12.00 7.26 -35.92
C GLN B 67 12.63 6.00 -35.33
N HIS B 68 12.90 5.98 -34.02
CA HIS B 68 13.64 4.89 -33.39
C HIS B 68 12.84 4.18 -32.31
N GLY B 69 11.56 4.49 -32.16
CA GLY B 69 10.79 3.91 -31.07
C GLY B 69 9.37 4.45 -31.09
N GLU B 70 8.51 3.76 -30.35
CA GLU B 70 7.09 4.07 -30.36
C GLU B 70 6.78 5.37 -29.63
N ALA B 71 7.41 5.58 -28.47
CA ALA B 71 7.11 6.73 -27.63
C ALA B 71 8.38 7.17 -26.91
N ILE B 72 8.40 8.44 -26.54
CA ILE B 72 9.50 9.00 -25.77
C ILE B 72 9.09 9.01 -24.30
N ASP B 73 9.90 8.39 -23.43
CA ASP B 73 9.58 8.40 -22.02
C ASP B 73 10.10 9.64 -21.30
N THR B 74 11.23 10.20 -21.75
CA THR B 74 11.85 11.34 -21.07
C THR B 74 12.61 12.20 -22.08
N ILE B 75 12.46 13.51 -21.94
CA ILE B 75 13.25 14.50 -22.66
C ILE B 75 14.08 15.24 -21.62
N VAL B 76 15.41 15.26 -21.81
CA VAL B 76 16.30 16.13 -21.07
C VAL B 76 16.69 17.28 -21.99
N SER B 77 16.15 18.45 -21.72
CA SER B 77 16.43 19.67 -22.48
C SER B 77 17.64 20.36 -21.87
N ASN B 78 18.83 19.96 -22.35
CA ASN B 78 20.11 20.30 -21.76
C ASN B 78 20.73 21.49 -22.51
N ASP B 79 20.13 22.65 -22.29
CA ASP B 79 20.50 23.85 -23.04
C ASP B 79 21.68 24.56 -22.38
N TYR B 80 22.52 25.18 -23.21
CA TYR B 80 23.71 25.82 -22.68
C TYR B 80 24.19 26.86 -23.67
N ILE B 81 25.06 27.74 -23.17
CA ILE B 81 25.74 28.71 -24.03
C ILE B 81 27.24 28.54 -23.80
N PRO B 82 28.04 28.48 -24.85
CA PRO B 82 29.50 28.34 -24.70
C PRO B 82 30.09 29.36 -23.73
N ARG B 83 30.84 28.86 -22.78
CA ARG B 83 31.70 29.69 -21.97
C ARG B 83 32.71 30.42 -22.86
N PRO B 84 32.93 31.73 -22.70
CA PRO B 84 32.50 32.63 -21.63
C PRO B 84 31.30 33.54 -21.96
N MET B 85 30.46 33.18 -22.93
CA MET B 85 29.31 34.03 -23.18
C MET B 85 28.35 34.07 -22.00
N ASN B 86 28.38 33.07 -21.12
CA ASN B 86 27.50 33.12 -19.96
C ASN B 86 27.79 34.33 -19.08
N ARG B 87 29.00 34.91 -19.18
CA ARG B 87 29.40 36.06 -18.37
C ARG B 87 29.37 37.37 -19.15
N LEU B 88 28.71 37.41 -20.31
CA LEU B 88 28.65 38.63 -21.06
C LEU B 88 28.06 39.75 -20.20
N PRO B 89 28.65 40.93 -20.18
CA PRO B 89 28.09 42.05 -19.42
C PRO B 89 26.99 42.77 -20.21
N LEU B 90 26.37 43.74 -19.55
CA LEU B 90 25.31 44.52 -20.14
C LEU B 90 25.88 45.54 -21.13
N GLU B 91 26.99 46.16 -20.76
CA GLU B 91 27.60 47.26 -21.49
C GLU B 91 28.50 46.71 -22.58
N GLY B 92 28.38 47.25 -23.79
CA GLY B 92 29.25 46.87 -24.88
C GLY B 92 28.97 45.53 -25.53
N THR B 93 27.97 44.78 -25.06
CA THR B 93 27.66 43.50 -25.69
C THR B 93 26.78 43.74 -26.92
N SER B 94 27.11 43.05 -28.01
CA SER B 94 26.39 43.24 -29.25
C SER B 94 24.94 42.78 -29.14
N GLU B 95 24.08 43.42 -29.93
CA GLU B 95 22.70 42.95 -30.03
C GLU B 95 22.64 41.49 -30.47
N ALA B 96 23.57 41.08 -31.34
CA ALA B 96 23.55 39.71 -31.84
C ALA B 96 23.86 38.71 -30.74
N ASP B 97 24.78 39.05 -29.82
CA ASP B 97 25.07 38.14 -28.73
C ASP B 97 23.90 38.08 -27.75
N ILE B 98 23.27 39.23 -27.51
CA ILE B 98 22.07 39.27 -26.66
C ILE B 98 21.02 38.31 -27.21
N ARG B 99 20.74 38.40 -28.52
CA ARG B 99 19.72 37.54 -29.13
C ARG B 99 20.13 36.07 -29.13
N GLN B 100 21.43 35.78 -29.30
CA GLN B 100 21.87 34.39 -29.25
C GLN B 100 21.66 33.81 -27.86
N MET B 101 21.86 34.62 -26.81
CA MET B 101 21.61 34.16 -25.43
C MET B 101 20.19 33.64 -25.27
N PHE B 102 19.21 34.44 -25.71
CA PHE B 102 17.83 34.00 -25.64
C PHE B 102 17.54 32.86 -26.61
N GLU B 103 18.23 32.83 -27.75
CA GLU B 103 17.98 31.77 -28.72
C GLU B 103 18.36 30.40 -28.15
N ALA B 104 19.57 30.29 -27.63
CA ALA B 104 20.04 29.01 -27.13
C ALA B 104 19.36 28.61 -25.82
N LEU B 105 19.01 29.57 -24.97
CA LEU B 105 18.61 29.25 -23.61
C LEU B 105 17.11 29.37 -23.39
N SER B 106 16.38 30.04 -24.29
CA SER B 106 14.98 30.37 -24.03
C SER B 106 14.08 29.99 -25.21
N ILE B 107 14.45 30.40 -26.45
CA ILE B 107 13.66 30.05 -27.62
C ILE B 107 13.78 28.56 -27.94
N PHE B 108 15.01 28.05 -27.97
CA PHE B 108 15.22 26.65 -28.32
C PHE B 108 14.43 25.68 -27.43
N PRO B 109 14.50 25.74 -26.09
CA PRO B 109 13.66 24.83 -25.30
C PRO B 109 12.16 25.04 -25.50
N ILE B 110 11.71 26.25 -25.84
CA ILE B 110 10.28 26.47 -26.08
C ILE B 110 9.84 25.76 -27.35
N LEU B 111 10.62 25.88 -28.42
CA LEU B 111 10.27 25.23 -29.70
C LEU B 111 10.30 23.70 -29.57
N LEU B 112 11.30 23.18 -28.83
CA LEU B 112 11.32 21.77 -28.44
C LEU B 112 10.05 21.38 -27.72
N LEU B 113 9.73 22.07 -26.62
CA LEU B 113 8.57 21.71 -25.80
C LEU B 113 7.30 21.74 -26.64
N GLN B 114 7.09 22.82 -27.38
CA GLN B 114 5.87 22.96 -28.17
C GLN B 114 5.74 21.80 -29.15
N SER B 115 6.85 21.36 -29.76
CA SER B 115 6.74 20.25 -30.70
C SER B 115 6.42 18.93 -29.99
N ALA B 116 6.75 18.81 -28.71
CA ALA B 116 6.63 17.54 -28.02
C ALA B 116 5.23 17.26 -27.48
N ILE B 117 4.38 18.27 -27.40
CA ILE B 117 3.15 18.12 -26.61
C ILE B 117 2.24 17.08 -27.25
N ALA B 118 1.93 17.24 -28.56
CA ALA B 118 1.01 16.30 -29.20
C ALA B 118 1.49 14.85 -29.07
N PRO B 119 2.72 14.48 -29.50
CA PRO B 119 3.09 13.06 -29.41
C PRO B 119 3.25 12.56 -27.99
N LEU B 120 3.68 13.41 -27.04
CA LEU B 120 3.80 12.94 -25.67
C LEU B 120 2.44 12.75 -25.02
N ARG B 121 1.48 13.61 -25.33
CA ARG B 121 0.12 13.40 -24.82
C ARG B 121 -0.48 12.12 -25.40
N ALA B 122 -0.35 11.94 -26.71
CA ALA B 122 -0.94 10.78 -27.36
C ALA B 122 -0.37 9.47 -26.82
N ALA B 123 0.83 9.51 -26.27
CA ALA B 123 1.47 8.34 -25.69
C ALA B 123 1.15 8.14 -24.22
N GLY B 124 0.35 9.02 -23.61
CA GLY B 124 -0.07 8.86 -22.23
C GLY B 124 0.76 9.59 -21.19
N GLY B 125 1.74 10.39 -21.60
CA GLY B 125 2.57 11.13 -20.66
C GLY B 125 4.04 10.84 -20.86
N ALA B 126 4.85 11.59 -20.12
CA ALA B 126 6.32 11.58 -20.21
C ALA B 126 6.85 12.56 -19.16
N SER B 127 8.18 12.60 -19.03
CA SER B 127 8.89 13.60 -18.22
C SER B 127 9.75 14.46 -19.15
N VAL B 128 9.77 15.76 -18.89
CA VAL B 128 10.50 16.75 -19.67
C VAL B 128 11.33 17.56 -18.67
N ILE B 129 12.65 17.34 -18.65
CA ILE B 129 13.53 17.85 -17.60
C ILE B 129 14.39 18.93 -18.23
N PHE B 130 14.22 20.18 -17.79
CA PHE B 130 15.01 21.28 -18.33
C PHE B 130 16.21 21.51 -17.43
N ILE B 131 17.40 21.54 -18.03
CA ILE B 131 18.62 21.88 -17.30
C ILE B 131 18.83 23.37 -17.51
N THR B 132 18.70 24.13 -16.44
CA THR B 132 18.79 25.58 -16.53
C THR B 132 20.04 26.06 -15.79
N SER B 133 19.90 26.87 -14.75
CA SER B 133 21.04 27.34 -13.97
C SER B 133 20.53 27.89 -12.65
N SER B 134 21.46 28.01 -11.69
CA SER B 134 21.14 28.64 -10.43
C SER B 134 20.63 30.06 -10.64
N VAL B 135 21.11 30.75 -11.68
CA VAL B 135 20.69 32.14 -11.92
C VAL B 135 19.28 32.16 -12.52
N GLY B 136 18.71 30.99 -12.80
CA GLY B 136 17.27 30.92 -13.08
C GLY B 136 16.42 31.34 -11.90
N LYS B 137 16.97 31.31 -10.70
CA LYS B 137 16.23 31.75 -9.51
C LYS B 137 16.96 32.81 -8.69
N LYS B 138 18.28 32.77 -8.60
CA LYS B 138 19.00 33.74 -7.77
C LYS B 138 20.01 34.48 -8.63
N PRO B 139 19.94 35.81 -8.69
CA PRO B 139 20.74 36.57 -9.66
C PRO B 139 22.20 36.65 -9.26
N LEU B 140 23.06 36.82 -10.27
CA LEU B 140 24.48 36.99 -10.03
C LEU B 140 24.98 38.17 -10.85
N ALA B 141 25.87 38.97 -10.24
CA ALA B 141 26.31 40.23 -10.84
C ALA B 141 26.93 40.01 -12.22
N TYR B 142 27.67 38.92 -12.39
CA TYR B 142 28.33 38.69 -13.67
C TYR B 142 27.44 38.01 -14.71
N ASN B 143 26.16 37.72 -14.39
CA ASN B 143 25.31 37.04 -15.36
C ASN B 143 24.08 37.87 -15.74
N PRO B 144 24.23 39.13 -16.15
CA PRO B 144 23.04 39.98 -16.35
C PRO B 144 22.25 39.71 -17.64
N LEU B 145 22.76 38.86 -18.51
CA LEU B 145 22.02 38.45 -19.70
C LEU B 145 21.72 36.96 -19.71
N TYR B 146 22.70 36.16 -19.27
CA TYR B 146 22.51 34.74 -19.07
C TYR B 146 21.39 34.46 -18.06
N GLY B 147 21.33 35.23 -16.97
CA GLY B 147 20.29 35.10 -15.97
C GLY B 147 18.88 35.26 -16.53
N PRO B 148 18.59 36.44 -17.11
CA PRO B 148 17.27 36.61 -17.75
C PRO B 148 16.89 35.45 -18.66
N ALA B 149 17.82 34.98 -19.50
CA ALA B 149 17.46 33.91 -20.43
C ALA B 149 17.14 32.62 -19.68
N ARG B 150 17.87 32.32 -18.60
CA ARG B 150 17.62 31.12 -17.82
C ARG B 150 16.34 31.25 -17.02
N ALA B 151 16.08 32.44 -16.48
CA ALA B 151 14.88 32.66 -15.70
C ALA B 151 13.64 32.45 -16.54
N ALA B 152 13.69 32.86 -17.81
CA ALA B 152 12.55 32.65 -18.71
C ALA B 152 12.15 31.18 -18.76
N THR B 153 13.14 30.30 -18.99
CA THR B 153 12.85 28.87 -19.11
C THR B 153 12.39 28.26 -17.77
N VAL B 154 12.90 28.75 -16.64
CA VAL B 154 12.36 28.30 -15.36
C VAL B 154 10.89 28.69 -15.25
N ALA B 155 10.56 29.92 -15.65
CA ALA B 155 9.17 30.35 -15.68
C ALA B 155 8.35 29.54 -16.66
N LEU B 156 8.95 29.14 -17.79
CA LEU B 156 8.23 28.26 -18.71
C LEU B 156 7.82 26.96 -18.02
N VAL B 157 8.75 26.33 -17.29
CA VAL B 157 8.45 25.10 -16.57
C VAL B 157 7.32 25.31 -15.58
N GLU B 158 7.39 26.39 -14.82
CA GLU B 158 6.43 26.57 -13.74
C GLU B 158 5.04 26.85 -14.30
N SER B 159 4.96 27.63 -15.37
CA SER B 159 3.66 27.93 -15.98
C SER B 159 3.13 26.76 -16.80
N ALA B 160 3.96 26.23 -17.72
CA ALA B 160 3.49 25.15 -18.60
C ALA B 160 3.10 23.91 -17.81
N ALA B 161 3.68 23.72 -16.63
CA ALA B 161 3.27 22.58 -15.81
C ALA B 161 1.81 22.68 -15.38
N LYS B 162 1.25 23.90 -15.29
CA LYS B 162 -0.12 24.04 -14.80
C LYS B 162 -1.13 23.34 -15.72
N THR B 163 -0.84 23.30 -17.02
CA THR B 163 -1.71 22.65 -17.99
C THR B 163 -1.22 21.26 -18.43
N LEU B 164 0.09 21.06 -18.56
CA LEU B 164 0.59 19.81 -19.12
C LEU B 164 0.56 18.66 -18.12
N SER B 165 0.60 18.93 -16.81
CA SER B 165 0.60 17.85 -15.83
C SER B 165 -0.68 17.02 -15.92
N ARG B 166 -1.77 17.63 -16.35
CA ARG B 166 -3.03 16.89 -16.48
C ARG B 166 -2.94 15.88 -17.62
N ASP B 167 -2.11 16.14 -18.63
CA ASP B 167 -1.90 15.17 -19.69
C ASP B 167 -0.87 14.10 -19.32
N GLY B 168 -0.38 14.10 -18.08
CA GLY B 168 0.66 13.21 -17.67
C GLY B 168 2.05 13.63 -18.13
N ILE B 169 2.18 14.83 -18.67
CA ILE B 169 3.45 15.38 -19.12
C ILE B 169 4.02 16.18 -17.96
N LEU B 170 5.03 15.61 -17.27
CA LEU B 170 5.57 16.16 -16.03
C LEU B 170 6.83 16.97 -16.32
N LEU B 171 6.78 18.29 -16.09
CA LEU B 171 7.92 19.18 -16.32
C LEU B 171 8.67 19.48 -15.03
N TYR B 172 10.00 19.62 -15.14
CA TYR B 172 10.86 20.03 -14.02
C TYR B 172 12.00 20.92 -14.52
N ALA B 173 12.52 21.76 -13.63
CA ALA B 173 13.74 22.53 -13.91
C ALA B 173 14.80 22.19 -12.89
N ILE B 174 16.01 21.97 -13.36
CA ILE B 174 17.18 21.79 -12.49
C ILE B 174 18.08 22.99 -12.69
N GLY B 175 18.55 23.57 -11.57
CA GLY B 175 19.36 24.77 -11.65
C GLY B 175 20.69 24.53 -10.98
N PRO B 176 21.66 24.06 -11.75
CA PRO B 176 22.95 23.70 -11.16
C PRO B 176 23.86 24.88 -10.92
N ALA B 177 24.72 24.71 -9.92
CA ALA B 177 25.89 25.55 -9.74
C ALA B 177 26.94 24.68 -9.09
N PHE B 178 28.21 24.94 -9.44
CA PHE B 178 29.31 24.15 -8.89
C PHE B 178 29.10 22.67 -9.17
N PHE B 179 28.60 22.40 -10.36
CA PHE B 179 28.33 21.04 -10.83
C PHE B 179 29.49 20.66 -11.75
N ASN B 180 30.21 19.61 -11.38
CA ASN B 180 31.37 19.15 -12.17
C ASN B 180 30.87 18.70 -13.53
N ASN B 181 31.13 19.50 -14.56
CA ASN B 181 30.63 19.27 -15.91
C ASN B 181 31.57 19.96 -16.87
N PRO B 182 31.61 19.52 -18.13
CA PRO B 182 32.67 20.00 -19.03
C PRO B 182 32.48 21.43 -19.45
N THR B 183 31.27 21.99 -19.27
CA THR B 183 31.03 23.34 -19.79
C THR B 183 31.41 24.42 -18.78
N TYR B 184 30.98 24.28 -17.52
CA TYR B 184 31.18 25.35 -16.56
C TYR B 184 32.14 25.00 -15.42
N PHE B 185 32.29 23.72 -15.07
CA PHE B 185 33.18 23.31 -13.99
C PHE B 185 33.87 22.01 -14.36
N PRO B 186 34.69 22.04 -15.42
CA PRO B 186 35.43 20.83 -15.80
C PRO B 186 36.47 20.46 -14.76
N THR B 187 36.76 19.16 -14.68
CA THR B 187 37.77 18.68 -13.74
C THR B 187 39.08 19.43 -13.92
N SER B 188 39.40 19.82 -15.15
CA SER B 188 40.67 20.51 -15.41
C SER B 188 40.73 21.83 -14.65
N ASP B 189 39.61 22.56 -14.59
CA ASP B 189 39.58 23.78 -13.78
C ASP B 189 39.79 23.47 -12.30
N TRP B 190 39.17 22.39 -11.80
CA TRP B 190 39.37 22.07 -10.39
C TRP B 190 40.85 21.81 -10.09
N GLU B 191 41.53 21.07 -10.98
CA GLU B 191 42.94 20.76 -10.77
C GLU B 191 43.87 21.95 -11.00
N ASN B 192 43.59 22.76 -12.02
CA ASN B 192 44.56 23.77 -12.41
C ASN B 192 44.38 25.09 -11.70
N ASN B 193 43.16 25.46 -11.35
CA ASN B 193 42.89 26.83 -10.97
C ASN B 193 42.74 26.95 -9.47
N PRO B 194 43.72 27.52 -8.77
CA PRO B 194 43.65 27.55 -7.30
C PRO B 194 42.41 28.26 -6.79
N GLU B 195 41.85 29.17 -7.58
CA GLU B 195 40.77 30.00 -7.06
C GLU B 195 39.47 29.24 -6.94
N LEU B 196 39.31 28.15 -7.69
CA LEU B 196 38.00 27.48 -7.71
C LEU B 196 37.78 26.70 -6.42
N ARG B 197 38.77 25.91 -5.98
CA ARG B 197 38.64 25.24 -4.69
C ARG B 197 38.47 26.22 -3.53
N GLU B 198 39.11 27.39 -3.61
CA GLU B 198 38.94 28.42 -2.58
C GLU B 198 37.50 28.93 -2.56
N ARG B 199 36.97 29.23 -3.75
CA ARG B 199 35.58 29.65 -3.88
C ARG B 199 34.63 28.59 -3.35
N VAL B 200 34.88 27.31 -3.68
CA VAL B 200 33.96 26.26 -3.24
C VAL B 200 33.99 26.13 -1.72
N ASP B 201 35.18 26.18 -1.12
CA ASP B 201 35.30 26.16 0.34
C ASP B 201 34.49 27.30 0.98
N ARG B 202 34.56 28.49 0.42
CA ARG B 202 33.85 29.62 1.02
C ARG B 202 32.35 29.51 0.82
N ASP B 203 31.91 29.11 -0.38
CA ASP B 203 30.51 29.33 -0.77
C ASP B 203 29.65 28.08 -0.87
N VAL B 204 30.22 26.89 -0.93
CA VAL B 204 29.42 25.68 -1.15
C VAL B 204 29.41 24.88 0.14
N PRO B 205 28.29 24.86 0.87
CA PRO B 205 28.23 24.09 2.13
C PRO B 205 28.67 22.64 2.01
N LEU B 206 28.36 21.98 0.89
CA LEU B 206 28.80 20.60 0.71
C LEU B 206 30.31 20.51 0.64
N GLY B 207 30.97 21.62 0.28
CA GLY B 207 32.42 21.69 0.19
C GLY B 207 33.05 21.01 -1.01
N ARG B 208 32.28 20.72 -2.06
CA ARG B 208 32.82 20.06 -3.25
C ARG B 208 31.91 20.33 -4.45
N LEU B 209 32.45 20.11 -5.64
CA LEU B 209 31.59 20.13 -6.81
C LEU B 209 30.59 18.98 -6.79
N GLY B 210 29.44 19.22 -7.41
CA GLY B 210 28.50 18.13 -7.63
C GLY B 210 29.05 17.16 -8.67
N ARG B 211 28.90 15.86 -8.39
CA ARG B 211 29.42 14.82 -9.26
C ARG B 211 28.49 14.56 -10.44
N PRO B 212 29.02 14.04 -11.54
CA PRO B 212 28.13 13.64 -12.64
C PRO B 212 27.12 12.58 -12.24
N ASP B 213 27.53 11.55 -11.48
CA ASP B 213 26.57 10.52 -11.10
C ASP B 213 25.48 11.08 -10.19
N GLU B 214 25.77 12.14 -9.45
CA GLU B 214 24.75 12.74 -8.60
C GLU B 214 23.72 13.50 -9.43
N MET B 215 24.16 14.22 -10.46
CA MET B 215 23.22 14.80 -11.42
C MET B 215 22.41 13.67 -12.07
N GLY B 216 23.10 12.61 -12.49
CA GLY B 216 22.43 11.48 -13.10
C GLY B 216 21.39 10.85 -12.19
N ALA B 217 21.70 10.76 -10.88
CA ALA B 217 20.74 10.20 -9.92
C ALA B 217 19.45 11.02 -9.89
N LEU B 218 19.59 12.35 -9.94
CA LEU B 218 18.41 13.21 -9.92
C LEU B 218 17.59 13.03 -11.19
N ILE B 219 18.27 13.02 -12.35
CA ILE B 219 17.59 12.89 -13.63
C ILE B 219 16.84 11.55 -13.71
N THR B 220 17.49 10.45 -13.32
CA THR B 220 16.80 9.17 -13.43
C THR B 220 15.70 9.06 -12.37
N PHE B 221 15.88 9.68 -11.19
CA PHE B 221 14.79 9.70 -10.23
C PHE B 221 13.58 10.38 -10.82
N LEU B 222 13.77 11.59 -11.37
CA LEU B 222 12.65 12.30 -11.95
C LEU B 222 12.01 11.50 -13.07
N ALA B 223 12.84 10.88 -13.92
CA ALA B 223 12.34 10.18 -15.10
C ALA B 223 11.50 8.94 -14.77
N SER B 224 11.69 8.36 -13.58
CA SER B 224 10.90 7.21 -13.16
C SER B 224 9.45 7.56 -12.87
N ARG B 225 9.15 8.82 -12.56
CA ARG B 225 7.81 9.28 -12.19
C ARG B 225 7.34 8.76 -10.84
N ARG B 226 8.25 8.19 -10.03
CA ARG B 226 7.82 7.61 -8.76
C ARG B 226 7.38 8.67 -7.75
N ALA B 227 7.82 9.93 -7.93
CA ALA B 227 7.39 10.99 -7.03
C ALA B 227 6.73 12.11 -7.82
N ALA B 228 5.84 11.74 -8.74
CA ALA B 228 5.10 12.65 -9.62
C ALA B 228 4.54 13.91 -8.95
N PRO B 229 4.13 13.91 -7.67
CA PRO B 229 3.63 15.15 -7.07
C PRO B 229 4.63 16.29 -6.98
N ILE B 230 5.91 16.07 -7.27
CA ILE B 230 6.87 17.18 -7.17
C ILE B 230 7.00 17.90 -8.51
N VAL B 231 6.11 17.59 -9.45
CA VAL B 231 6.11 18.20 -10.77
C VAL B 231 6.03 19.72 -10.71
N GLY B 232 6.68 20.36 -11.69
CA GLY B 232 6.42 21.76 -11.98
C GLY B 232 7.23 22.74 -11.18
N GLN B 233 8.35 22.30 -10.62
CA GLN B 233 9.16 23.20 -9.80
C GLN B 233 10.62 23.11 -10.19
N PHE B 234 11.35 24.04 -9.61
CA PHE B 234 12.78 24.24 -9.82
C PHE B 234 13.54 23.54 -8.71
N PHE B 235 14.58 22.77 -9.05
CA PHE B 235 15.42 22.13 -8.05
C PHE B 235 16.82 22.69 -8.16
N ALA B 236 17.33 23.26 -7.06
CA ALA B 236 18.72 23.67 -7.01
C ALA B 236 19.62 22.45 -6.97
N PHE B 237 20.71 22.47 -7.76
CA PHE B 237 21.74 21.41 -7.70
C PHE B 237 23.05 22.16 -7.48
N THR B 238 23.27 22.56 -6.22
CA THR B 238 24.28 23.56 -5.90
C THR B 238 25.10 23.22 -4.66
N GLY B 239 24.84 22.09 -3.98
CA GLY B 239 25.53 21.80 -2.73
C GLY B 239 25.21 22.76 -1.61
N GLY B 240 24.01 23.36 -1.60
CA GLY B 240 23.61 24.27 -0.55
C GLY B 240 23.94 25.73 -0.80
N TYR B 241 24.53 26.05 -1.95
CA TYR B 241 24.82 27.43 -2.28
C TYR B 241 23.54 28.25 -2.41
N LEU B 242 22.53 27.69 -3.05
CA LEU B 242 21.18 28.17 -3.01
C LEU B 242 20.40 27.43 -1.94
N PRO B 243 19.34 28.03 -1.38
CA PRO B 243 18.89 29.39 -1.60
C PRO B 243 19.75 30.47 -0.91
N VAL C 1 -3.16 62.83 14.63
CA VAL C 1 -2.87 61.65 13.82
C VAL C 1 -1.74 60.86 14.51
N ILE C 2 -2.04 59.66 14.99
CA ILE C 2 -1.06 59.01 15.86
C ILE C 2 -0.52 57.73 15.23
N ALA C 3 0.74 57.44 15.58
CA ALA C 3 1.40 56.18 15.24
C ALA C 3 1.92 55.55 16.52
N LEU C 4 1.93 54.22 16.55
CA LEU C 4 2.60 53.46 17.61
C LEU C 4 3.87 52.84 17.04
N VAL C 5 4.99 53.07 17.73
CA VAL C 5 6.29 52.51 17.36
C VAL C 5 6.82 51.74 18.57
N THR C 6 7.13 50.44 18.37
CA THR C 6 7.63 49.66 19.50
C THR C 6 9.16 49.66 19.54
N HIS C 7 9.70 49.23 20.68
CA HIS C 7 11.13 49.25 20.97
C HIS C 7 11.81 50.51 20.41
N ALA C 8 11.26 51.66 20.83
CA ALA C 8 11.58 52.90 20.15
C ALA C 8 13.07 53.24 20.17
N ARG C 9 13.83 52.71 21.13
CA ARG C 9 15.24 53.09 21.26
C ARG C 9 16.18 52.17 20.51
N HIS C 10 15.66 51.20 19.74
CA HIS C 10 16.47 50.18 19.10
C HIS C 10 16.08 50.00 17.65
N PHE C 11 17.01 49.37 16.90
CA PHE C 11 16.77 48.90 15.54
C PHE C 11 16.21 50.04 14.67
N ALA C 12 15.02 49.87 14.10
CA ALA C 12 14.43 50.90 13.24
C ALA C 12 13.66 51.96 14.02
N GLY C 13 13.70 51.92 15.36
CA GLY C 13 12.86 52.76 16.17
C GLY C 13 13.18 54.24 16.05
N PRO C 14 14.45 54.61 16.22
CA PRO C 14 14.81 56.02 16.03
C PRO C 14 14.49 56.54 14.64
N ALA C 15 14.72 55.76 13.58
CA ALA C 15 14.37 56.22 12.25
C ALA C 15 12.87 56.49 12.14
N ALA C 16 12.06 55.57 12.66
CA ALA C 16 10.61 55.68 12.50
C ALA C 16 10.05 56.87 13.27
N VAL C 17 10.57 57.10 14.47
CA VAL C 17 10.07 58.19 15.31
C VAL C 17 10.39 59.54 14.65
N GLU C 18 11.64 59.71 14.24
CA GLU C 18 12.07 60.97 13.62
C GLU C 18 11.27 61.27 12.36
N ALA C 19 11.06 60.25 11.50
CA ALA C 19 10.37 60.48 10.23
C ALA C 19 8.87 60.68 10.43
N LEU C 20 8.26 59.84 11.27
CA LEU C 20 6.83 59.98 11.55
C LEU C 20 6.54 61.34 12.19
N THR C 21 7.37 61.77 13.16
CA THR C 21 7.17 63.09 13.77
C THR C 21 7.41 64.21 12.76
N GLN C 22 8.47 64.13 11.94
CA GLN C 22 8.68 65.15 10.92
C GLN C 22 7.49 65.26 9.98
N ASP C 23 6.75 64.16 9.81
CA ASP C 23 5.61 64.06 8.91
C ASP C 23 4.29 64.43 9.60
N GLY C 24 4.33 64.93 10.83
CA GLY C 24 3.16 65.44 11.51
C GLY C 24 2.45 64.46 12.43
N TYR C 25 2.99 63.26 12.63
CA TYR C 25 2.39 62.30 13.53
C TYR C 25 2.70 62.65 14.98
N THR C 26 1.74 62.37 15.87
CA THR C 26 2.00 62.20 17.30
C THR C 26 2.40 60.75 17.50
N VAL C 27 3.66 60.49 17.86
CA VAL C 27 4.19 59.14 17.89
C VAL C 27 4.19 58.63 19.31
N VAL C 28 3.34 57.66 19.58
CA VAL C 28 3.32 56.96 20.85
C VAL C 28 4.33 55.83 20.80
N CYS C 29 5.21 55.77 21.80
CA CYS C 29 6.36 54.87 21.77
C CYS C 29 6.35 53.91 22.95
N HIS C 30 6.63 52.65 22.63
CA HIS C 30 6.91 51.61 23.62
C HIS C 30 8.41 51.38 23.68
N ASP C 31 8.90 51.01 24.88
CA ASP C 31 10.28 50.58 25.01
C ASP C 31 10.49 50.00 26.40
N ALA C 32 11.38 48.99 26.47
CA ALA C 32 11.62 48.28 27.72
C ALA C 32 12.09 49.24 28.81
N SER C 33 12.89 50.24 28.44
CA SER C 33 13.34 51.21 29.43
C SER C 33 12.21 52.09 29.97
N PHE C 34 11.08 52.20 29.27
CA PHE C 34 10.00 53.09 29.68
C PHE C 34 9.28 52.63 30.93
N ALA C 35 9.60 51.44 31.45
CA ALA C 35 9.13 51.09 32.79
C ALA C 35 9.66 52.07 33.83
N ASP C 36 10.82 52.66 33.56
CA ASP C 36 11.39 53.68 34.44
C ASP C 36 10.69 55.00 34.16
N ALA C 37 9.97 55.54 35.15
CA ALA C 37 9.30 56.82 34.97
C ALA C 37 10.26 57.90 34.50
N ALA C 38 11.49 57.91 35.02
CA ALA C 38 12.42 58.97 34.64
C ALA C 38 12.91 58.80 33.20
N GLU C 39 12.99 57.56 32.71
CA GLU C 39 13.32 57.35 31.30
C GLU C 39 12.20 57.85 30.38
N ARG C 40 10.94 57.72 30.81
CA ARG C 40 9.82 58.22 30.01
C ARG C 40 9.90 59.73 29.85
N GLN C 41 10.07 60.44 30.96
CA GLN C 41 10.12 61.91 30.91
C GLN C 41 11.31 62.38 30.08
N ARG C 42 12.45 61.71 30.21
CA ARG C 42 13.61 62.12 29.44
C ARG C 42 13.40 61.90 27.94
N PHE C 43 12.83 60.74 27.56
CA PHE C 43 12.57 60.48 26.14
C PHE C 43 11.59 61.50 25.56
N GLU C 44 10.51 61.80 26.28
CA GLU C 44 9.53 62.76 25.80
C GLU C 44 10.13 64.16 25.63
N SER C 45 11.03 64.56 26.55
CA SER C 45 11.64 65.88 26.43
C SER C 45 12.72 65.93 25.36
N GLU C 46 13.40 64.82 25.11
CA GLU C 46 14.37 64.78 24.01
C GLU C 46 13.71 64.62 22.65
N ASN C 47 12.45 64.25 22.58
CA ASN C 47 11.79 63.93 21.32
C ASN C 47 10.42 64.60 21.29
N PRO C 48 10.37 65.87 20.90
CA PRO C 48 9.10 66.62 20.97
C PRO C 48 8.04 66.02 20.06
N GLY C 49 6.83 65.92 20.59
CA GLY C 49 5.75 65.29 19.85
C GLY C 49 5.67 63.79 20.00
N THR C 50 6.33 63.22 20.99
CA THR C 50 6.18 61.81 21.32
C THR C 50 5.49 61.64 22.66
N ILE C 51 4.99 60.43 22.88
CA ILE C 51 4.36 60.01 24.13
C ILE C 51 4.95 58.66 24.48
N ALA C 52 5.57 58.57 25.66
CA ALA C 52 6.17 57.32 26.12
C ALA C 52 5.17 56.53 26.96
N LEU C 53 4.93 55.27 26.57
CA LEU C 53 4.07 54.37 27.33
C LEU C 53 4.86 53.66 28.44
N ALA C 54 4.17 53.39 29.54
CA ALA C 54 4.74 52.50 30.55
C ALA C 54 4.49 51.03 30.22
N GLU C 55 3.36 50.74 29.52
CA GLU C 55 2.94 49.37 29.24
C GLU C 55 4.04 48.57 28.55
N GLN C 56 4.16 47.30 28.97
CA GLN C 56 5.18 46.38 28.46
C GLN C 56 4.61 45.15 27.80
N LYS C 57 3.31 44.83 28.00
CA LYS C 57 2.82 43.58 27.46
C LYS C 57 2.31 43.82 26.05
N PRO C 58 2.71 43.00 25.05
CA PRO C 58 2.34 43.29 23.65
C PRO C 58 0.85 43.49 23.43
N GLU C 59 0.01 42.66 24.06
CA GLU C 59 -1.43 42.71 23.84
C GLU C 59 -2.11 43.87 24.57
N ARG C 60 -1.36 44.69 25.33
CA ARG C 60 -1.93 45.88 25.96
C ARG C 60 -1.46 47.18 25.35
N LEU C 61 -0.46 47.14 24.45
CA LEU C 61 0.08 48.37 23.86
C LEU C 61 -1.00 49.19 23.17
N VAL C 62 -1.89 48.54 22.42
CA VAL C 62 -2.89 49.25 21.63
C VAL C 62 -3.86 50.00 22.54
N ASP C 63 -4.38 49.32 23.55
CA ASP C 63 -5.32 49.98 24.46
C ASP C 63 -4.63 51.10 25.22
N ALA C 64 -3.36 50.92 25.58
CA ALA C 64 -2.63 52.01 26.22
C ALA C 64 -2.40 53.16 25.26
N THR C 65 -2.10 52.85 24.00
CA THR C 65 -1.95 53.89 22.98
C THR C 65 -3.26 54.66 22.83
N LEU C 66 -4.40 53.96 22.87
CA LEU C 66 -5.69 54.58 22.65
C LEU C 66 -6.09 55.51 23.80
N GLN C 67 -5.29 55.56 24.86
CA GLN C 67 -5.53 56.52 25.93
C GLN C 67 -5.16 57.93 25.51
N HIS C 68 -4.52 58.09 24.35
CA HIS C 68 -3.98 59.36 23.90
C HIS C 68 -4.60 59.87 22.60
N GLY C 69 -5.41 59.06 21.93
CA GLY C 69 -6.10 59.50 20.72
C GLY C 69 -7.28 58.58 20.47
N GLU C 70 -8.08 58.95 19.47
CA GLU C 70 -9.27 58.17 19.16
C GLU C 70 -8.98 56.99 18.25
N ALA C 71 -7.85 57.01 17.53
CA ALA C 71 -7.54 55.95 16.58
C ALA C 71 -6.03 55.90 16.33
N ILE C 72 -5.54 54.71 15.99
CA ILE C 72 -4.17 54.52 15.54
C ILE C 72 -4.14 54.46 14.02
N ASP C 73 -3.39 55.36 13.40
CA ASP C 73 -3.24 55.35 11.94
C ASP C 73 -2.18 54.35 11.48
N THR C 74 -1.04 54.26 12.18
CA THR C 74 0.06 53.39 11.79
C THR C 74 0.61 52.69 13.03
N ILE C 75 0.94 51.40 12.90
CA ILE C 75 1.72 50.66 13.90
C ILE C 75 3.02 50.21 13.25
N VAL C 76 4.15 50.58 13.87
CA VAL C 76 5.45 50.07 13.45
C VAL C 76 5.88 49.02 14.46
N SER C 77 5.70 47.76 14.10
CA SER C 77 6.12 46.67 14.97
C SER C 77 7.61 46.44 14.77
N ASN C 78 8.41 47.14 15.59
CA ASN C 78 9.87 47.22 15.46
C ASN C 78 10.50 46.19 16.39
N ASP C 79 10.54 44.95 15.95
CA ASP C 79 10.85 43.82 16.81
C ASP C 79 12.35 43.54 16.72
N TYR C 80 12.98 43.24 17.86
CA TYR C 80 14.41 43.00 17.83
C TYR C 80 14.82 42.12 19.00
N ILE C 81 16.03 41.57 18.89
CA ILE C 81 16.68 40.81 19.95
C ILE C 81 18.05 41.44 20.15
N PRO C 82 18.53 41.65 21.37
CA PRO C 82 19.81 42.35 21.54
C PRO C 82 20.95 41.62 20.83
N ARG C 83 21.83 42.39 20.18
CA ARG C 83 23.07 41.82 19.68
C ARG C 83 23.87 41.27 20.87
N PRO C 84 24.61 40.17 20.67
CA PRO C 84 24.75 39.39 19.46
C PRO C 84 23.90 38.13 19.52
N MET C 85 22.73 38.20 20.15
CA MET C 85 21.86 37.03 20.15
C MET C 85 21.40 36.65 18.76
N ASN C 86 21.43 37.59 17.81
CA ASN C 86 21.03 37.26 16.45
C ASN C 86 21.93 36.20 15.83
N ARG C 87 23.17 36.06 16.33
CA ARG C 87 24.15 35.10 15.85
C ARG C 87 24.17 33.79 16.62
N LEU C 88 23.22 33.57 17.53
CA LEU C 88 23.19 32.33 18.28
C LEU C 88 23.27 31.11 17.35
N PRO C 89 24.18 30.18 17.60
CA PRO C 89 24.25 28.97 16.79
C PRO C 89 23.24 27.93 17.27
N LEU C 90 23.13 26.84 16.49
CA LEU C 90 22.28 25.72 16.88
C LEU C 90 22.86 24.96 18.07
N GLU C 91 24.11 24.52 17.95
CA GLU C 91 24.70 23.67 18.98
C GLU C 91 24.95 24.47 20.25
N GLY C 92 24.64 23.85 21.39
CA GLY C 92 24.99 24.37 22.69
C GLY C 92 24.06 25.45 23.22
N THR C 93 23.26 26.07 22.35
CA THR C 93 22.39 27.18 22.74
C THR C 93 21.27 26.69 23.65
N SER C 94 21.02 27.44 24.72
CA SER C 94 20.06 26.98 25.71
C SER C 94 18.63 27.00 25.15
N GLU C 95 17.79 26.16 25.76
CA GLU C 95 16.38 26.16 25.38
C GLU C 95 15.74 27.51 25.67
N ALA C 96 16.09 28.12 26.80
CA ALA C 96 15.56 29.44 27.15
C ALA C 96 15.89 30.49 26.08
N ASP C 97 17.10 30.45 25.52
CA ASP C 97 17.48 31.40 24.48
C ASP C 97 16.71 31.15 23.18
N ILE C 98 16.55 29.87 22.79
CA ILE C 98 15.69 29.54 21.66
C ILE C 98 14.29 30.11 21.90
N ARG C 99 13.76 29.93 23.10
CA ARG C 99 12.40 30.41 23.34
C ARG C 99 12.33 31.93 23.32
N GLN C 100 13.38 32.61 23.83
CA GLN C 100 13.37 34.07 23.85
C GLN C 100 13.44 34.64 22.43
N MET C 101 14.18 33.97 21.55
CA MET C 101 14.23 34.37 20.14
C MET C 101 12.83 34.42 19.54
N PHE C 102 12.06 33.37 19.74
CA PHE C 102 10.72 33.35 19.17
C PHE C 102 9.80 34.32 19.90
N GLU C 103 9.97 34.43 21.21
CA GLU C 103 9.14 35.36 21.98
C GLU C 103 9.27 36.78 21.44
N ALA C 104 10.51 37.25 21.27
CA ALA C 104 10.73 38.64 20.87
C ALA C 104 10.38 38.89 19.41
N LEU C 105 10.68 37.93 18.53
CA LEU C 105 10.63 38.18 17.10
C LEU C 105 9.38 37.64 16.41
N SER C 106 8.62 36.74 17.06
CA SER C 106 7.52 36.02 16.44
C SER C 106 6.25 36.09 17.29
N ILE C 107 6.33 35.79 18.59
CA ILE C 107 5.12 35.74 19.40
C ILE C 107 4.68 37.15 19.80
N PHE C 108 5.63 37.98 20.22
CA PHE C 108 5.32 39.37 20.58
C PHE C 108 4.59 40.07 19.44
N PRO C 109 5.10 40.08 18.19
CA PRO C 109 4.33 40.71 17.11
C PRO C 109 2.96 40.08 16.85
N ILE C 110 2.84 38.76 16.97
CA ILE C 110 1.54 38.12 16.75
C ILE C 110 0.53 38.61 17.78
N LEU C 111 0.93 38.68 19.05
CA LEU C 111 0.00 39.12 20.08
C LEU C 111 -0.36 40.59 19.93
N LEU C 112 0.59 41.42 19.48
CA LEU C 112 0.28 42.82 19.19
C LEU C 112 -0.72 42.92 18.03
N LEU C 113 -0.44 42.23 16.92
CA LEU C 113 -1.30 42.34 15.74
C LEU C 113 -2.70 41.90 16.06
N GLN C 114 -2.84 40.77 16.76
CA GLN C 114 -4.16 40.27 17.15
C GLN C 114 -4.94 41.32 17.91
N SER C 115 -4.32 41.91 18.93
CA SER C 115 -5.01 42.92 19.74
C SER C 115 -5.41 44.15 18.96
N ALA C 116 -4.71 44.43 17.85
CA ALA C 116 -4.98 45.63 17.07
C ALA C 116 -6.14 45.49 16.10
N ILE C 117 -6.54 44.26 15.78
CA ILE C 117 -7.43 44.06 14.62
C ILE C 117 -8.76 44.78 14.82
N ALA C 118 -9.39 44.58 15.97
CA ALA C 118 -10.74 45.13 16.16
C ALA C 118 -10.76 46.67 16.14
N PRO C 119 -9.92 47.39 16.91
CA PRO C 119 -9.99 48.85 16.84
C PRO C 119 -9.46 49.43 15.53
N LEU C 120 -8.50 48.79 14.87
CA LEU C 120 -8.07 49.28 13.56
C LEU C 120 -9.20 49.16 12.54
N ARG C 121 -9.95 48.06 12.57
CA ARG C 121 -11.06 47.90 11.65
C ARG C 121 -12.16 48.92 11.91
N ALA C 122 -12.45 49.19 13.19
CA ALA C 122 -13.47 50.18 13.55
C ALA C 122 -13.09 51.58 13.09
N ALA C 123 -11.79 51.87 13.02
CA ALA C 123 -11.36 53.16 12.49
C ALA C 123 -11.32 53.21 10.97
N GLY C 124 -11.73 52.14 10.29
CA GLY C 124 -11.77 52.12 8.84
C GLY C 124 -10.47 51.77 8.17
N GLY C 125 -9.51 51.26 8.92
CA GLY C 125 -8.23 50.84 8.37
C GLY C 125 -7.05 51.49 9.08
N ALA C 126 -5.87 51.02 8.70
CA ALA C 126 -4.58 51.43 9.28
C ALA C 126 -3.49 50.70 8.52
N SER C 127 -2.24 51.05 8.84
CA SER C 127 -1.06 50.37 8.32
C SER C 127 -0.33 49.71 9.48
N VAL C 128 0.11 48.47 9.27
CA VAL C 128 0.94 47.79 10.26
C VAL C 128 2.24 47.39 9.56
N ILE C 129 3.35 47.91 10.05
CA ILE C 129 4.63 47.76 9.39
C ILE C 129 5.56 46.96 10.33
N PHE C 130 5.85 45.72 9.96
CA PHE C 130 6.76 44.88 10.75
C PHE C 130 8.18 45.09 10.25
N ILE C 131 9.07 45.45 11.15
CA ILE C 131 10.51 45.46 10.84
C ILE C 131 11.03 44.07 11.20
N THR C 132 11.42 43.31 10.18
CA THR C 132 11.95 41.98 10.38
C THR C 132 13.45 41.96 10.09
N SER C 133 13.87 41.28 9.02
CA SER C 133 15.29 41.16 8.67
C SER C 133 15.40 40.54 7.28
N SER C 134 16.55 40.77 6.62
CA SER C 134 16.84 40.06 5.39
C SER C 134 16.69 38.55 5.56
N VAL C 135 17.00 38.03 6.75
CA VAL C 135 16.95 36.58 6.95
C VAL C 135 15.52 36.04 7.01
N GLY C 136 14.51 36.91 7.05
CA GLY C 136 13.16 36.41 6.84
C GLY C 136 12.92 35.82 5.46
N LYS C 137 13.70 36.23 4.45
CA LYS C 137 13.58 35.62 3.13
C LYS C 137 14.82 34.84 2.71
N LYS C 138 16.01 35.35 3.03
CA LYS C 138 17.25 34.75 2.55
C LYS C 138 18.05 34.18 3.71
N PRO C 139 18.34 32.88 3.73
CA PRO C 139 19.08 32.30 4.86
C PRO C 139 20.52 32.79 4.92
N LEU C 140 21.06 32.81 6.15
CA LEU C 140 22.48 33.09 6.37
C LEU C 140 23.04 32.07 7.35
N ALA C 141 24.28 31.64 7.09
CA ALA C 141 24.89 30.55 7.86
C ALA C 141 24.90 30.83 9.36
N TYR C 142 25.12 32.07 9.75
CA TYR C 142 25.27 32.39 11.17
C TYR C 142 23.99 32.88 11.83
N ASN C 143 22.82 32.69 11.19
CA ASN C 143 21.55 33.10 11.77
C ASN C 143 20.55 31.94 11.78
N PRO C 144 20.94 30.76 12.29
CA PRO C 144 20.05 29.59 12.15
C PRO C 144 18.86 29.58 13.10
N LEU C 145 18.82 30.49 14.08
CA LEU C 145 17.67 30.64 14.98
C LEU C 145 16.97 31.98 14.79
N TYR C 146 17.76 33.05 14.66
CA TYR C 146 17.24 34.36 14.30
C TYR C 146 16.48 34.30 12.96
N GLY C 147 16.98 33.51 12.00
CA GLY C 147 16.30 33.38 10.72
C GLY C 147 14.89 32.80 10.81
N PRO C 148 14.75 31.62 11.43
CA PRO C 148 13.42 31.02 11.55
C PRO C 148 12.41 31.91 12.25
N ALA C 149 12.80 32.57 13.35
CA ALA C 149 11.86 33.47 14.03
C ALA C 149 11.47 34.65 13.14
N ARG C 150 12.42 35.22 12.41
CA ARG C 150 12.09 36.32 11.50
C ARG C 150 11.20 35.84 10.38
N ALA C 151 11.48 34.64 9.85
CA ALA C 151 10.73 34.12 8.71
C ALA C 151 9.26 33.89 9.08
N ALA C 152 9.01 33.46 10.32
CA ALA C 152 7.62 33.32 10.81
C ALA C 152 6.87 34.64 10.73
N THR C 153 7.49 35.75 11.13
CA THR C 153 6.77 37.03 11.10
C THR C 153 6.59 37.55 9.66
N VAL C 154 7.56 37.31 8.77
CA VAL C 154 7.33 37.59 7.35
C VAL C 154 6.11 36.82 6.86
N ALA C 155 6.04 35.52 7.20
CA ALA C 155 4.94 34.69 6.74
C ALA C 155 3.63 35.13 7.36
N LEU C 156 3.67 35.66 8.59
CA LEU C 156 2.48 36.26 9.19
C LEU C 156 1.97 37.42 8.35
N VAL C 157 2.86 38.32 7.95
CA VAL C 157 2.46 39.42 7.07
C VAL C 157 1.76 38.86 5.85
N GLU C 158 2.41 37.92 5.18
CA GLU C 158 1.94 37.50 3.87
C GLU C 158 0.59 36.82 3.98
N SER C 159 0.40 36.04 5.04
CA SER C 159 -0.85 35.31 5.24
C SER C 159 -1.97 36.19 5.80
N ALA C 160 -1.70 36.89 6.92
CA ALA C 160 -2.71 37.76 7.52
C ALA C 160 -3.21 38.82 6.55
N ALA C 161 -2.36 39.30 5.63
CA ALA C 161 -2.82 40.30 4.68
C ALA C 161 -3.93 39.77 3.78
N LYS C 162 -4.01 38.44 3.58
CA LYS C 162 -5.05 37.87 2.72
C LYS C 162 -6.46 38.17 3.25
N THR C 163 -6.59 38.36 4.56
CA THR C 163 -7.89 38.69 5.14
C THR C 163 -7.95 40.14 5.63
N LEU C 164 -6.90 40.63 6.31
CA LEU C 164 -7.00 41.95 6.91
C LEU C 164 -7.10 43.07 5.88
N SER C 165 -6.63 42.85 4.64
CA SER C 165 -6.65 43.90 3.62
C SER C 165 -8.06 44.37 3.32
N ARG C 166 -9.02 43.44 3.30
CA ARG C 166 -10.41 43.79 3.03
C ARG C 166 -10.95 44.75 4.08
N ASP C 167 -10.37 44.77 5.29
CA ASP C 167 -10.76 45.71 6.33
C ASP C 167 -10.05 47.05 6.21
N GLY C 168 -9.24 47.24 5.17
CA GLY C 168 -8.41 48.41 5.11
C GLY C 168 -7.21 48.39 6.03
N ILE C 169 -6.90 47.23 6.63
CA ILE C 169 -5.75 47.10 7.52
C ILE C 169 -4.62 46.55 6.67
N LEU C 170 -3.64 47.40 6.36
CA LEU C 170 -2.61 47.09 5.38
C LEU C 170 -1.32 46.68 6.10
N LEU C 171 -0.89 45.44 5.87
CA LEU C 171 0.27 44.87 6.52
C LEU C 171 1.46 44.81 5.56
N TYR C 172 2.66 45.06 6.08
CA TYR C 172 3.88 44.98 5.29
C TYR C 172 5.01 44.45 6.15
N ALA C 173 6.00 43.83 5.52
CA ALA C 173 7.24 43.46 6.19
C ALA C 173 8.41 44.13 5.49
N ILE C 174 9.26 44.79 6.27
CA ILE C 174 10.52 45.32 5.80
C ILE C 174 11.64 44.43 6.32
N GLY C 175 12.60 44.12 5.47
CA GLY C 175 13.70 43.24 5.83
C GLY C 175 15.06 43.88 5.60
N PRO C 176 15.58 44.57 6.62
CA PRO C 176 16.82 45.31 6.44
C PRO C 176 18.04 44.40 6.53
N ALA C 177 19.09 44.81 5.85
CA ALA C 177 20.44 44.34 6.10
C ALA C 177 21.35 45.52 5.81
N PHE C 178 22.48 45.60 6.52
CA PHE C 178 23.42 46.70 6.34
C PHE C 178 22.71 48.05 6.46
N PHE C 179 21.74 48.10 7.38
CA PHE C 179 20.96 49.29 7.65
C PHE C 179 21.60 50.02 8.82
N ASN C 180 22.00 51.27 8.60
CA ASN C 180 22.64 52.07 9.65
C ASN C 180 21.64 52.27 10.78
N ASN C 181 21.88 51.62 11.93
CA ASN C 181 20.94 51.67 13.05
C ASN C 181 21.70 51.31 14.32
N PRO C 182 21.20 51.73 15.49
CA PRO C 182 21.98 51.56 16.72
C PRO C 182 22.17 50.11 17.14
N THR C 183 21.33 49.19 16.68
CA THR C 183 21.41 47.80 17.15
C THR C 183 22.39 46.96 16.35
N TYR C 184 22.29 46.96 15.02
CA TYR C 184 23.11 46.06 14.22
C TYR C 184 24.21 46.74 13.43
N PHE C 185 24.08 48.04 13.11
CA PHE C 185 25.08 48.73 12.30
C PHE C 185 25.22 50.19 12.71
N PRO C 186 25.64 50.48 13.93
CA PRO C 186 25.83 51.87 14.32
C PRO C 186 26.98 52.49 13.54
N THR C 187 26.90 53.81 13.35
CA THR C 187 27.94 54.51 12.60
C THR C 187 29.32 54.19 13.14
N SER C 188 29.45 54.04 14.46
CA SER C 188 30.75 53.79 15.08
C SER C 188 31.35 52.48 14.58
N ASP C 189 30.52 51.45 14.37
CA ASP C 189 31.01 50.21 13.76
C ASP C 189 31.58 50.46 12.37
N TRP C 190 30.94 51.33 11.59
CA TRP C 190 31.48 51.62 10.27
C TRP C 190 32.87 52.23 10.38
N GLU C 191 33.08 53.09 11.38
CA GLU C 191 34.39 53.68 11.55
C GLU C 191 35.40 52.70 12.16
N ASN C 192 34.99 51.88 13.14
CA ASN C 192 35.94 51.01 13.85
C ASN C 192 36.26 49.70 13.15
N ASN C 193 35.59 49.36 12.07
CA ASN C 193 35.63 48.00 11.53
C ASN C 193 35.92 48.04 10.03
N PRO C 194 37.19 47.97 9.64
CA PRO C 194 37.48 47.86 8.20
C PRO C 194 36.92 46.59 7.60
N GLU C 195 36.77 45.53 8.38
CA GLU C 195 36.11 44.34 7.85
C GLU C 195 34.68 44.66 7.41
N LEU C 196 33.98 45.53 8.15
CA LEU C 196 32.61 45.86 7.79
C LEU C 196 32.57 46.67 6.50
N ARG C 197 33.51 47.61 6.35
CA ARG C 197 33.58 48.43 5.14
C ARG C 197 33.91 47.57 3.91
N GLU C 198 34.75 46.53 4.08
CA GLU C 198 35.07 45.61 2.98
C GLU C 198 33.91 44.66 2.67
N ARG C 199 33.20 44.20 3.70
CA ARG C 199 32.01 43.40 3.44
C ARG C 199 30.96 44.22 2.68
N VAL C 200 30.76 45.47 3.07
CA VAL C 200 29.78 46.28 2.37
C VAL C 200 30.25 46.54 0.94
N ASP C 201 31.55 46.81 0.74
CA ASP C 201 32.07 46.99 -0.61
C ASP C 201 31.83 45.74 -1.46
N ARG C 202 32.07 44.56 -0.89
CA ARG C 202 31.91 43.32 -1.64
C ARG C 202 30.44 42.96 -1.88
N ASP C 203 29.60 43.04 -0.85
CA ASP C 203 28.28 42.39 -0.91
C ASP C 203 27.11 43.33 -1.15
N VAL C 204 27.26 44.63 -0.94
CA VAL C 204 26.15 45.58 -1.01
C VAL C 204 26.32 46.41 -2.28
N PRO C 205 25.51 46.17 -3.32
CA PRO C 205 25.67 46.95 -4.57
C PRO C 205 25.60 48.46 -4.38
N LEU C 206 24.72 48.96 -3.52
CA LEU C 206 24.66 50.41 -3.28
C LEU C 206 25.98 50.93 -2.71
N GLY C 207 26.73 50.10 -2.00
CA GLY C 207 28.08 50.41 -1.56
C GLY C 207 28.18 51.11 -0.23
N ARG C 208 27.08 51.19 0.53
CA ARG C 208 27.05 51.98 1.75
C ARG C 208 25.97 51.41 2.66
N LEU C 209 26.01 51.80 3.93
CA LEU C 209 24.91 51.45 4.81
C LEU C 209 23.64 52.20 4.39
N GLY C 210 22.49 51.54 4.55
CA GLY C 210 21.24 52.26 4.37
C GLY C 210 21.10 53.33 5.43
N ARG C 211 20.65 54.54 5.01
CA ARG C 211 20.55 55.60 6.01
C ARG C 211 19.24 55.57 6.80
N PRO C 212 19.27 56.07 8.03
CA PRO C 212 18.01 56.16 8.81
C PRO C 212 16.89 56.95 8.12
N ASP C 213 17.21 58.06 7.42
CA ASP C 213 16.14 58.80 6.76
C ASP C 213 15.56 58.03 5.57
N GLU C 214 16.33 57.11 4.97
CA GLU C 214 15.79 56.28 3.90
C GLU C 214 14.83 55.23 4.43
N MET C 215 15.14 54.62 5.57
CA MET C 215 14.17 53.76 6.25
C MET C 215 12.96 54.56 6.68
N GLY C 216 13.17 55.79 7.17
CA GLY C 216 12.05 56.63 7.56
C GLY C 216 11.18 57.04 6.38
N ALA C 217 11.80 57.28 5.22
CA ALA C 217 11.04 57.55 4.00
C ALA C 217 10.20 56.35 3.59
N LEU C 218 10.75 55.13 3.69
CA LEU C 218 9.94 53.96 3.33
C LEU C 218 8.77 53.81 4.29
N ILE C 219 9.02 53.96 5.60
CA ILE C 219 7.97 53.84 6.60
C ILE C 219 6.89 54.88 6.36
N THR C 220 7.31 56.13 6.14
CA THR C 220 6.37 57.22 6.00
C THR C 220 5.55 57.08 4.71
N PHE C 221 6.18 56.59 3.64
CA PHE C 221 5.47 56.31 2.39
C PHE C 221 4.41 55.23 2.60
N LEU C 222 4.79 54.13 3.26
CA LEU C 222 3.81 53.07 3.55
C LEU C 222 2.69 53.61 4.45
N ALA C 223 3.03 54.49 5.40
CA ALA C 223 2.02 54.98 6.32
C ALA C 223 0.97 55.83 5.61
N SER C 224 1.34 56.47 4.49
CA SER C 224 0.41 57.35 3.80
C SER C 224 -0.72 56.58 3.13
N ARG C 225 -0.55 55.27 2.92
CA ARG C 225 -1.48 54.40 2.21
C ARG C 225 -1.67 54.81 0.75
N ARG C 226 -0.81 55.68 0.22
CA ARG C 226 -1.04 56.20 -1.13
C ARG C 226 -0.82 55.13 -2.20
N ALA C 227 -0.09 54.06 -1.89
CA ALA C 227 0.03 52.96 -2.85
C ALA C 227 -0.38 51.66 -2.18
N ALA C 228 -1.62 51.63 -1.69
CA ALA C 228 -2.21 50.48 -1.00
C ALA C 228 -2.08 49.15 -1.74
N PRO C 229 -2.12 49.07 -3.08
CA PRO C 229 -2.05 47.75 -3.72
C PRO C 229 -0.74 46.98 -3.51
N ILE C 230 0.32 47.60 -2.95
CA ILE C 230 1.54 46.83 -2.66
C ILE C 230 1.42 46.16 -1.30
N VAL C 231 0.20 46.09 -0.74
CA VAL C 231 0.00 45.52 0.59
C VAL C 231 0.41 44.05 0.62
N GLY C 232 0.87 43.59 1.79
CA GLY C 232 1.01 42.17 2.02
C GLY C 232 2.29 41.54 1.53
N GLN C 233 3.34 42.34 1.30
CA GLN C 233 4.61 41.78 0.84
C GLN C 233 5.77 42.22 1.73
N PHE C 234 6.90 41.59 1.42
CA PHE C 234 8.20 41.84 2.04
C PHE C 234 8.99 42.80 1.16
N PHE C 235 9.55 43.86 1.77
CA PHE C 235 10.44 44.78 1.06
C PHE C 235 11.87 44.59 1.57
N ALA C 236 12.76 44.19 0.66
CA ALA C 236 14.17 44.21 1.00
C ALA C 236 14.62 45.65 1.24
N PHE C 237 15.30 45.88 2.36
CA PHE C 237 15.97 47.16 2.62
C PHE C 237 17.45 46.85 2.81
N THR C 238 18.10 46.46 1.71
CA THR C 238 19.43 45.89 1.79
C THR C 238 20.43 46.51 0.83
N GLY C 239 20.04 47.52 0.06
CA GLY C 239 20.98 48.10 -0.87
C GLY C 239 21.35 47.19 -2.01
N GLY C 240 20.49 46.23 -2.35
CA GLY C 240 20.77 45.30 -3.43
C GLY C 240 21.45 44.04 -3.00
N TYR C 241 21.74 43.89 -1.71
CA TYR C 241 22.27 42.65 -1.20
C TYR C 241 21.30 41.51 -1.48
N LEU C 242 20.05 41.74 -1.20
CA LEU C 242 18.99 40.83 -1.60
C LEU C 242 18.40 41.28 -2.94
N PRO C 243 17.81 40.40 -3.74
CA PRO C 243 17.65 38.95 -3.55
C PRO C 243 18.92 38.17 -3.90
N VAL D 1 20.60 -0.69 9.10
CA VAL D 1 20.54 0.74 8.86
C VAL D 1 19.25 1.27 9.47
N ILE D 2 19.32 2.35 10.25
CA ILE D 2 18.15 2.73 11.03
C ILE D 2 17.69 4.12 10.58
N ALA D 3 16.39 4.34 10.71
CA ALA D 3 15.79 5.65 10.53
C ALA D 3 14.94 5.96 11.75
N LEU D 4 14.91 7.24 12.15
CA LEU D 4 14.02 7.73 13.17
C LEU D 4 12.89 8.48 12.48
N VAL D 5 11.65 8.08 12.72
CA VAL D 5 10.47 8.77 12.20
C VAL D 5 9.63 9.22 13.39
N THR D 6 9.31 10.52 13.43
CA THR D 6 8.51 11.09 14.51
C THR D 6 7.04 11.16 14.13
N HIS D 7 6.19 11.20 15.17
CA HIS D 7 4.73 11.22 15.01
C HIS D 7 4.28 10.20 13.97
N ALA D 8 4.67 8.96 14.24
CA ALA D 8 4.65 7.95 13.18
C ALA D 8 3.22 7.61 12.73
N ARG D 9 2.21 7.84 13.57
CA ARG D 9 0.85 7.52 13.15
C ARG D 9 0.14 8.67 12.45
N HIS D 10 0.84 9.76 12.18
CA HIS D 10 0.21 10.95 11.65
C HIS D 10 0.93 11.47 10.40
N PHE D 11 0.19 12.24 9.62
CA PHE D 11 0.76 13.08 8.52
C PHE D 11 1.51 12.17 7.55
N ALA D 12 2.79 12.46 7.24
CA ALA D 12 3.59 11.62 6.33
C ALA D 12 4.21 10.42 7.01
N GLY D 13 3.88 10.16 8.27
CA GLY D 13 4.46 9.07 9.03
C GLY D 13 4.23 7.68 8.47
N PRO D 14 2.96 7.29 8.26
CA PRO D 14 2.72 5.98 7.64
C PRO D 14 3.47 5.80 6.33
N ALA D 15 3.45 6.81 5.47
CA ALA D 15 4.19 6.71 4.21
C ALA D 15 5.68 6.50 4.46
N ALA D 16 6.26 7.28 5.37
CA ALA D 16 7.70 7.18 5.63
C ALA D 16 8.09 5.83 6.24
N VAL D 17 7.29 5.31 7.19
CA VAL D 17 7.58 4.00 7.75
C VAL D 17 7.48 2.92 6.66
N GLU D 18 6.41 2.97 5.86
CA GLU D 18 6.23 1.97 4.81
C GLU D 18 7.43 1.95 3.86
N ALA D 19 7.71 3.08 3.21
CA ALA D 19 8.75 3.10 2.19
C ALA D 19 10.12 2.77 2.77
N LEU D 20 10.43 3.28 3.97
CA LEU D 20 11.76 3.05 4.54
C LEU D 20 11.93 1.59 4.96
N THR D 21 10.87 0.99 5.55
CA THR D 21 10.91 -0.43 5.87
C THR D 21 11.13 -1.28 4.62
N GLN D 22 10.43 -0.95 3.53
CA GLN D 22 10.59 -1.69 2.29
C GLN D 22 11.99 -1.53 1.72
N ASP D 23 12.61 -0.39 1.99
CA ASP D 23 13.98 -0.14 1.54
C ASP D 23 15.02 -0.83 2.42
N GLY D 24 14.60 -1.62 3.39
CA GLY D 24 15.52 -2.35 4.23
C GLY D 24 15.94 -1.68 5.52
N TYR D 25 15.34 -0.53 5.85
CA TYR D 25 15.65 0.17 7.09
C TYR D 25 14.96 -0.47 8.28
N THR D 26 15.63 -0.46 9.43
CA THR D 26 14.95 -0.69 10.70
C THR D 26 14.39 0.66 11.14
N VAL D 27 13.07 0.80 11.20
CA VAL D 27 12.47 2.11 11.41
C VAL D 27 12.09 2.25 12.87
N VAL D 28 12.83 3.10 13.57
CA VAL D 28 12.55 3.41 14.97
C VAL D 28 11.55 4.56 15.01
N CYS D 29 10.44 4.39 15.74
CA CYS D 29 9.29 5.27 15.61
C CYS D 29 8.96 5.96 16.93
N HIS D 30 8.68 7.26 16.83
CA HIS D 30 8.14 8.04 17.94
C HIS D 30 6.68 8.35 17.64
N ASP D 31 5.86 8.41 18.71
CA ASP D 31 4.48 8.87 18.63
C ASP D 31 3.97 9.18 20.02
N ALA D 32 3.13 10.21 20.13
CA ALA D 32 2.47 10.52 21.40
C ALA D 32 1.80 9.27 22.00
N SER D 33 1.16 8.45 21.16
CA SER D 33 0.46 7.29 21.69
C SER D 33 1.40 6.27 22.31
N PHE D 34 2.71 6.40 22.12
CA PHE D 34 3.64 5.37 22.54
C PHE D 34 4.02 5.47 24.02
N ALA D 35 3.54 6.49 24.74
CA ALA D 35 3.66 6.47 26.20
C ALA D 35 3.01 5.21 26.79
N ASP D 36 1.99 4.68 26.11
CA ASP D 36 1.31 3.43 26.47
C ASP D 36 2.07 2.22 25.94
N ALA D 37 2.46 1.31 26.85
CA ALA D 37 3.19 0.12 26.42
C ALA D 37 2.35 -0.71 25.46
N ALA D 38 1.04 -0.76 25.67
CA ALA D 38 0.18 -1.57 24.82
C ALA D 38 0.15 -1.02 23.40
N GLU D 39 0.09 0.30 23.25
CA GLU D 39 0.12 0.89 21.92
C GLU D 39 1.45 0.65 21.24
N ARG D 40 2.55 0.59 22.01
CA ARG D 40 3.84 0.28 21.43
C ARG D 40 3.83 -1.11 20.80
N GLN D 41 3.27 -2.10 21.53
CA GLN D 41 3.25 -3.46 21.03
C GLN D 41 2.34 -3.59 19.82
N ARG D 42 1.16 -2.95 19.83
CA ARG D 42 0.29 -3.03 18.68
C ARG D 42 0.96 -2.45 17.44
N PHE D 43 1.67 -1.32 17.61
CA PHE D 43 2.32 -0.69 16.46
C PHE D 43 3.34 -1.62 15.84
N GLU D 44 4.22 -2.21 16.67
CA GLU D 44 5.24 -3.12 16.15
C GLU D 44 4.61 -4.35 15.51
N SER D 45 3.54 -4.88 16.12
CA SER D 45 2.78 -5.99 15.50
C SER D 45 2.22 -5.60 14.12
N GLU D 46 1.68 -4.40 13.99
CA GLU D 46 1.09 -3.99 12.75
C GLU D 46 2.14 -3.56 11.73
N ASN D 47 3.38 -3.33 12.16
CA ASN D 47 4.44 -2.80 11.29
C ASN D 47 5.72 -3.59 11.54
N PRO D 48 5.84 -4.78 10.92
CA PRO D 48 7.09 -5.55 11.03
C PRO D 48 8.32 -4.73 10.72
N GLY D 49 9.36 -4.92 11.53
CA GLY D 49 10.62 -4.23 11.34
C GLY D 49 10.75 -2.90 12.06
N THR D 50 9.72 -2.46 12.78
CA THR D 50 9.80 -1.20 13.51
C THR D 50 10.08 -1.46 14.98
N ILE D 51 10.52 -0.39 15.64
CA ILE D 51 10.70 -0.34 17.08
C ILE D 51 10.00 0.94 17.54
N ALA D 52 9.14 0.81 18.54
CA ALA D 52 8.39 1.96 19.05
C ALA D 52 9.07 2.46 20.33
N LEU D 53 9.51 3.72 20.29
CA LEU D 53 10.12 4.36 21.45
C LEU D 53 9.04 4.79 22.44
N ALA D 54 9.39 4.75 23.74
CA ALA D 54 8.51 5.36 24.75
C ALA D 54 8.75 6.87 24.87
N GLU D 55 9.97 7.32 24.59
CA GLU D 55 10.39 8.70 24.83
C GLU D 55 9.49 9.72 24.15
N GLN D 56 9.20 10.80 24.86
CA GLN D 56 8.31 11.84 24.36
C GLN D 56 8.98 13.19 24.21
N LYS D 57 10.15 13.39 24.80
CA LYS D 57 10.83 14.69 24.77
C LYS D 57 11.60 14.82 23.47
N PRO D 58 11.51 15.97 22.76
CA PRO D 58 12.22 16.08 21.47
C PRO D 58 13.73 15.91 21.58
N GLU D 59 14.34 16.43 22.65
CA GLU D 59 15.80 16.38 22.78
C GLU D 59 16.31 15.01 23.20
N ARG D 60 15.42 14.06 23.52
CA ARG D 60 15.84 12.74 23.98
C ARG D 60 15.56 11.63 22.96
N LEU D 61 14.95 11.96 21.83
CA LEU D 61 14.62 10.94 20.84
C LEU D 61 15.88 10.30 20.27
N VAL D 62 16.92 11.10 20.01
CA VAL D 62 18.14 10.59 19.39
C VAL D 62 18.84 9.61 20.33
N ASP D 63 18.99 9.99 21.59
CA ASP D 63 19.63 9.09 22.55
C ASP D 63 18.81 7.81 22.67
N ALA D 64 17.49 7.92 22.63
CA ALA D 64 16.62 6.76 22.78
C ALA D 64 16.71 5.85 21.56
N THR D 65 16.79 6.45 20.37
CA THR D 65 16.99 5.66 19.16
C THR D 65 18.34 4.96 19.17
N LEU D 66 19.40 5.64 19.62
CA LEU D 66 20.74 5.06 19.63
C LEU D 66 20.88 3.88 20.58
N GLN D 67 19.83 3.59 21.35
CA GLN D 67 19.76 2.34 22.11
C GLN D 67 19.57 1.12 21.22
N HIS D 68 19.07 1.30 20.00
CA HIS D 68 18.74 0.16 19.15
C HIS D 68 19.65 0.07 17.92
N GLY D 69 20.77 0.75 17.91
CA GLY D 69 21.64 0.71 16.74
C GLY D 69 22.89 1.54 16.98
N GLU D 70 23.83 1.40 16.04
CA GLU D 70 25.11 2.08 16.16
C GLU D 70 25.00 3.55 15.77
N ALA D 71 24.22 3.86 14.73
CA ALA D 71 24.11 5.21 14.22
C ALA D 71 22.77 5.40 13.56
N ILE D 72 22.36 6.67 13.43
CA ILE D 72 21.12 7.03 12.73
C ILE D 72 21.49 7.46 11.31
N ASP D 73 20.92 6.77 10.31
CA ASP D 73 21.16 7.14 8.92
C ASP D 73 20.24 8.24 8.43
N THR D 74 19.01 8.27 8.92
CA THR D 74 18.00 9.20 8.42
C THR D 74 17.04 9.52 9.56
N ILE D 75 16.72 10.80 9.72
CA ILE D 75 15.66 11.26 10.62
C ILE D 75 14.58 11.91 9.77
N VAL D 76 13.33 11.44 9.92
CA VAL D 76 12.20 12.09 9.28
C VAL D 76 11.42 12.85 10.36
N SER D 77 11.62 14.16 10.40
CA SER D 77 10.98 15.03 11.38
C SER D 77 9.60 15.40 10.84
N ASN D 78 8.64 14.55 11.20
CA ASN D 78 7.27 14.56 10.69
C ASN D 78 6.35 15.32 11.66
N ASP D 79 6.52 16.63 11.71
CA ASP D 79 5.83 17.46 12.68
C ASP D 79 4.44 17.85 12.18
N TYR D 80 3.49 17.92 13.10
CA TYR D 80 2.11 18.17 12.71
C TYR D 80 1.34 18.73 13.88
N ILE D 81 0.18 19.31 13.58
CA ILE D 81 -0.75 19.70 14.62
C ILE D 81 -2.16 19.23 14.21
N PRO D 82 -2.95 18.69 15.14
CA PRO D 82 -4.22 18.05 14.72
C PRO D 82 -5.17 19.04 14.09
N ARG D 83 -5.87 18.58 13.05
CA ARG D 83 -7.00 19.32 12.51
C ARG D 83 -8.05 19.45 13.61
N PRO D 84 -8.78 20.57 13.69
CA PRO D 84 -8.83 21.71 12.78
C PRO D 84 -7.88 22.82 13.19
N MET D 85 -6.92 22.53 14.08
CA MET D 85 -6.08 23.60 14.64
C MET D 85 -5.24 24.28 13.58
N ASN D 86 -4.86 23.57 12.49
CA ASN D 86 -4.07 24.21 11.44
C ASN D 86 -4.81 25.37 10.80
N ARG D 87 -6.15 25.40 10.90
CA ARG D 87 -6.97 26.48 10.34
C ARG D 87 -7.41 27.49 11.39
N LEU D 88 -6.73 27.57 12.53
CA LEU D 88 -7.07 28.57 13.53
C LEU D 88 -6.79 29.98 13.00
N PRO D 89 -7.73 30.91 13.15
CA PRO D 89 -7.55 32.26 12.64
C PRO D 89 -6.79 33.13 13.63
N LEU D 90 -6.44 34.33 13.17
CA LEU D 90 -5.76 35.33 14.00
C LEU D 90 -6.65 35.80 15.14
N GLU D 91 -7.89 36.19 14.82
CA GLU D 91 -8.76 36.81 15.79
C GLU D 91 -9.35 35.78 16.74
N GLY D 92 -9.28 36.08 18.04
CA GLY D 92 -9.94 35.30 19.07
C GLY D 92 -9.24 34.02 19.47
N THR D 93 -8.17 33.63 18.77
CA THR D 93 -7.48 32.40 19.10
C THR D 93 -6.65 32.61 20.37
N SER D 94 -6.73 31.64 21.28
CA SER D 94 -6.08 31.82 22.58
C SER D 94 -4.56 31.85 22.43
N GLU D 95 -3.92 32.49 23.41
CA GLU D 95 -2.47 32.51 23.45
C GLU D 95 -1.89 31.10 23.59
N ALA D 96 -2.55 30.25 24.39
CA ALA D 96 -2.14 28.85 24.47
C ALA D 96 -2.10 28.19 23.10
N ASP D 97 -3.17 28.37 22.30
CA ASP D 97 -3.16 27.77 20.95
C ASP D 97 -2.05 28.35 20.08
N ILE D 98 -1.81 29.66 20.16
CA ILE D 98 -0.71 30.27 19.43
C ILE D 98 0.61 29.59 19.80
N ARG D 99 0.89 29.50 21.11
CA ARG D 99 2.14 28.91 21.57
C ARG D 99 2.24 27.43 21.20
N GLN D 100 1.14 26.70 21.31
CA GLN D 100 1.15 25.28 20.93
C GLN D 100 1.52 25.12 19.46
N MET D 101 1.05 26.04 18.62
CA MET D 101 1.33 25.94 17.20
C MET D 101 2.84 26.02 16.94
N PHE D 102 3.49 26.99 17.56
CA PHE D 102 4.93 27.08 17.45
C PHE D 102 5.62 25.93 18.16
N GLU D 103 5.07 25.46 19.29
CA GLU D 103 5.71 24.36 20.02
C GLU D 103 5.80 23.12 19.15
N ALA D 104 4.71 22.78 18.47
CA ALA D 104 4.66 21.53 17.73
C ALA D 104 5.38 21.62 16.40
N LEU D 105 5.37 22.80 15.76
CA LEU D 105 5.82 22.93 14.39
C LEU D 105 7.16 23.65 14.25
N SER D 106 7.67 24.27 15.29
CA SER D 106 8.94 24.98 15.19
C SER D 106 9.92 24.66 16.31
N ILE D 107 9.45 24.63 17.57
CA ILE D 107 10.38 24.41 18.67
C ILE D 107 10.77 22.93 18.76
N PHE D 108 9.77 22.05 18.70
CA PHE D 108 10.03 20.61 18.69
C PHE D 108 11.05 20.21 17.62
N PRO D 109 10.91 20.56 16.33
CA PRO D 109 11.97 20.18 15.39
C PRO D 109 13.32 20.85 15.67
N ILE D 110 13.34 22.06 16.22
CA ILE D 110 14.63 22.68 16.54
C ILE D 110 15.35 21.88 17.64
N LEU D 111 14.61 21.54 18.70
CA LEU D 111 15.22 20.82 19.82
C LEU D 111 15.68 19.44 19.38
N LEU D 112 14.93 18.80 18.48
CA LEU D 112 15.35 17.53 17.91
C LEU D 112 16.63 17.69 17.12
N LEU D 113 16.64 18.61 16.16
CA LEU D 113 17.81 18.83 15.30
C LEU D 113 19.04 19.12 16.13
N GLN D 114 18.91 19.99 17.13
CA GLN D 114 20.03 20.38 17.98
C GLN D 114 20.65 19.15 18.67
N SER D 115 19.81 18.29 19.22
CA SER D 115 20.29 17.08 19.89
C SER D 115 20.98 16.11 18.92
N ALA D 116 20.63 16.18 17.63
CA ALA D 116 21.06 15.22 16.63
C ALA D 116 22.46 15.51 16.08
N ILE D 117 22.92 16.75 16.17
CA ILE D 117 24.11 17.18 15.42
C ILE D 117 25.33 16.39 15.84
N ALA D 118 25.65 16.41 17.15
CA ALA D 118 26.87 15.73 17.62
C ALA D 118 26.90 14.26 17.22
N PRO D 119 25.90 13.43 17.55
CA PRO D 119 26.03 12.01 17.18
C PRO D 119 26.07 11.75 15.69
N LEU D 120 25.28 12.49 14.91
CA LEU D 120 25.27 12.31 13.47
C LEU D 120 26.60 12.73 12.85
N ARG D 121 27.20 13.81 13.35
CA ARG D 121 28.52 14.18 12.87
C ARG D 121 29.56 13.10 13.20
N ALA D 122 29.49 12.50 14.40
CA ALA D 122 30.45 11.46 14.76
C ALA D 122 30.33 10.24 13.85
N ALA D 123 29.12 9.90 13.42
CA ALA D 123 28.92 8.80 12.50
C ALA D 123 29.28 9.16 11.06
N GLY D 124 29.74 10.37 10.80
CA GLY D 124 30.17 10.74 9.48
C GLY D 124 29.10 11.32 8.58
N GLY D 125 27.89 11.55 9.09
CA GLY D 125 26.82 12.16 8.32
C GLY D 125 25.52 11.41 8.45
N ALA D 126 24.49 11.98 7.82
CA ALA D 126 23.13 11.43 7.84
C ALA D 126 22.23 12.38 7.08
N SER D 127 20.95 12.04 6.96
CA SER D 127 19.98 12.89 6.29
C SER D 127 18.90 13.24 7.29
N VAL D 128 18.49 14.51 7.33
CA VAL D 128 17.36 14.94 8.17
C VAL D 128 16.33 15.62 7.25
N ILE D 129 15.14 15.03 7.18
CA ILE D 129 14.08 15.41 6.26
C ILE D 129 12.92 15.95 7.10
N PHE D 130 12.63 17.24 6.97
CA PHE D 130 11.56 17.86 7.74
C PHE D 130 10.30 17.87 6.89
N ILE D 131 9.22 17.30 7.40
CA ILE D 131 7.93 17.37 6.71
C ILE D 131 7.23 18.62 7.21
N THR D 132 7.12 19.64 6.35
CA THR D 132 6.51 20.90 6.76
C THR D 132 5.13 21.05 6.10
N SER D 133 4.95 22.06 5.24
CA SER D 133 3.70 22.26 4.53
C SER D 133 3.95 23.23 3.38
N SER D 134 3.05 23.24 2.39
CA SER D 134 3.14 24.21 1.31
C SER D 134 3.12 25.63 1.84
N VAL D 135 2.38 25.88 2.94
CA VAL D 135 2.33 27.22 3.54
C VAL D 135 3.65 27.57 4.20
N GLY D 136 4.60 26.63 4.21
CA GLY D 136 5.98 27.00 4.52
C GLY D 136 6.54 28.05 3.60
N LYS D 137 6.11 28.04 2.34
CA LYS D 137 6.58 28.93 1.29
C LYS D 137 5.49 29.81 0.70
N LYS D 138 4.28 29.29 0.52
CA LYS D 138 3.18 30.03 -0.13
C LYS D 138 2.04 30.26 0.86
N PRO D 139 1.70 31.51 1.17
CA PRO D 139 0.70 31.77 2.21
C PRO D 139 -0.74 31.48 1.77
N LEU D 140 -1.57 31.13 2.76
CA LEU D 140 -2.98 30.83 2.58
C LEU D 140 -3.79 31.61 3.60
N ALA D 141 -4.91 32.19 3.15
CA ALA D 141 -5.72 33.05 4.03
C ALA D 141 -6.14 32.34 5.33
N TYR D 142 -6.51 31.07 5.25
CA TYR D 142 -7.01 30.38 6.44
C TYR D 142 -5.94 29.74 7.31
N ASN D 143 -4.65 29.96 7.02
CA ASN D 143 -3.55 29.43 7.85
C ASN D 143 -2.66 30.56 8.36
N PRO D 144 -3.21 31.57 9.04
CA PRO D 144 -2.37 32.72 9.46
C PRO D 144 -1.51 32.45 10.67
N LEU D 145 -1.68 31.34 11.36
CA LEU D 145 -0.81 31.00 12.47
C LEU D 145 0.00 29.75 12.18
N TYR D 146 -0.67 28.77 11.55
CA TYR D 146 -0.01 27.57 11.08
C TYR D 146 1.10 27.90 10.07
N GLY D 147 0.85 28.86 9.18
CA GLY D 147 1.78 29.25 8.16
C GLY D 147 3.08 29.74 8.74
N PRO D 148 3.01 30.80 9.58
CA PRO D 148 4.23 31.29 10.27
C PRO D 148 5.05 30.21 10.97
N ALA D 149 4.41 29.30 11.71
CA ALA D 149 5.19 28.27 12.39
C ALA D 149 5.87 27.33 11.39
N ARG D 150 5.17 26.99 10.31
CA ARG D 150 5.78 26.13 9.30
C ARG D 150 6.92 26.86 8.58
N ALA D 151 6.76 28.15 8.34
CA ALA D 151 7.79 28.89 7.61
C ALA D 151 9.09 28.97 8.43
N ALA D 152 8.95 28.98 9.76
CA ALA D 152 10.13 29.00 10.61
C ALA D 152 10.98 27.75 10.38
N THR D 153 10.34 26.58 10.28
CA THR D 153 11.08 25.34 10.12
C THR D 153 11.65 25.20 8.71
N VAL D 154 10.95 25.71 7.69
CA VAL D 154 11.55 25.78 6.36
C VAL D 154 12.82 26.63 6.41
N ALA D 155 12.75 27.79 7.05
CA ALA D 155 13.94 28.65 7.15
C ALA D 155 15.04 27.98 7.97
N LEU D 156 14.65 27.17 8.97
CA LEU D 156 15.62 26.41 9.73
C LEU D 156 16.43 25.50 8.82
N VAL D 157 15.73 24.74 7.95
CA VAL D 157 16.40 23.89 6.96
C VAL D 157 17.36 24.70 6.10
N GLU D 158 16.87 25.79 5.48
CA GLU D 158 17.75 26.48 4.55
C GLU D 158 18.94 27.12 5.26
N SER D 159 18.76 27.62 6.48
CA SER D 159 19.91 28.22 7.17
C SER D 159 20.83 27.17 7.77
N ALA D 160 20.27 26.22 8.54
CA ALA D 160 21.11 25.22 9.19
C ALA D 160 21.94 24.44 8.18
N ALA D 161 21.40 24.22 6.96
CA ALA D 161 22.14 23.47 5.96
C ALA D 161 23.44 24.16 5.56
N LYS D 162 23.53 25.49 5.72
CA LYS D 162 24.75 26.17 5.30
C LYS D 162 25.97 25.67 6.08
N THR D 163 25.76 25.16 7.28
CA THR D 163 26.84 24.69 8.13
C THR D 163 26.87 23.19 8.29
N LEU D 164 25.72 22.56 8.50
CA LEU D 164 25.68 21.13 8.72
C LEU D 164 26.08 20.33 7.48
N SER D 165 25.91 20.90 6.27
CA SER D 165 26.21 20.14 5.06
C SER D 165 27.68 19.76 4.99
N ARG D 166 28.55 20.58 5.57
CA ARG D 166 29.97 20.27 5.60
C ARG D 166 30.27 19.06 6.50
N ASP D 167 29.41 18.76 7.47
CA ASP D 167 29.57 17.56 8.29
C ASP D 167 29.00 16.31 7.63
N GLY D 168 28.51 16.42 6.40
CA GLY D 168 27.80 15.34 5.78
C GLY D 168 26.38 15.17 6.29
N ILE D 169 25.86 16.16 7.03
CA ILE D 169 24.51 16.09 7.58
C ILE D 169 23.62 16.92 6.66
N LEU D 170 22.80 16.22 5.87
CA LEU D 170 22.07 16.78 4.76
C LEU D 170 20.62 17.03 5.19
N LEU D 171 20.19 18.29 5.14
CA LEU D 171 18.86 18.69 5.56
C LEU D 171 17.98 19.05 4.38
N TYR D 172 16.69 18.73 4.48
CA TYR D 172 15.72 18.98 3.43
C TYR D 172 14.38 19.30 4.08
N ALA D 173 13.52 19.97 3.34
CA ALA D 173 12.14 20.17 3.77
C ALA D 173 11.21 19.76 2.64
N ILE D 174 10.13 19.05 3.01
CA ILE D 174 9.06 18.74 2.07
C ILE D 174 7.83 19.53 2.50
N GLY D 175 7.16 20.14 1.52
CA GLY D 175 5.99 20.95 1.77
C GLY D 175 4.78 20.42 1.03
N PRO D 176 4.10 19.45 1.63
CA PRO D 176 2.98 18.83 0.91
C PRO D 176 1.73 19.69 0.93
N ALA D 177 0.92 19.49 -0.10
CA ALA D 177 -0.46 19.95 -0.14
C ALA D 177 -1.23 18.95 -0.99
N PHE D 178 -2.49 18.72 -0.63
CA PHE D 178 -3.32 17.77 -1.39
C PHE D 178 -2.64 16.41 -1.44
N PHE D 179 -2.06 16.01 -0.30
CA PHE D 179 -1.35 14.76 -0.13
C PHE D 179 -2.26 13.81 0.65
N ASN D 180 -2.49 12.63 0.10
CA ASN D 180 -3.33 11.60 0.72
C ASN D 180 -2.66 11.12 2.00
N ASN D 181 -3.24 11.45 3.16
CA ASN D 181 -2.61 11.10 4.43
C ASN D 181 -3.66 11.22 5.53
N PRO D 182 -3.46 10.52 6.66
CA PRO D 182 -4.53 10.43 7.68
C PRO D 182 -4.86 11.74 8.39
N THR D 183 -3.95 12.72 8.38
CA THR D 183 -4.19 13.92 9.15
C THR D 183 -5.01 14.94 8.37
N TYR D 184 -4.61 15.24 7.14
CA TYR D 184 -5.27 16.34 6.43
C TYR D 184 -6.12 15.89 5.25
N PHE D 185 -5.90 14.70 4.69
CA PHE D 185 -6.67 14.23 3.53
C PHE D 185 -6.83 12.72 3.61
N PRO D 186 -7.63 12.23 4.57
CA PRO D 186 -7.79 10.78 4.68
C PRO D 186 -8.64 10.26 3.52
N THR D 187 -8.33 9.02 3.11
CA THR D 187 -9.04 8.42 1.99
C THR D 187 -10.54 8.33 2.21
N SER D 188 -10.97 8.33 3.48
CA SER D 188 -12.37 8.24 3.82
C SER D 188 -13.17 9.47 3.38
N ASP D 189 -12.55 10.63 3.29
CA ASP D 189 -13.32 11.83 2.97
C ASP D 189 -13.37 12.12 1.47
N TRP D 190 -12.38 11.65 0.69
CA TRP D 190 -12.35 11.86 -0.75
C TRP D 190 -13.67 11.50 -1.42
N GLU D 191 -14.19 10.30 -1.14
CA GLU D 191 -15.38 9.84 -1.84
C GLU D 191 -16.63 10.61 -1.43
N ASN D 192 -16.64 11.15 -0.22
CA ASN D 192 -17.83 11.78 0.34
C ASN D 192 -17.87 13.28 0.10
N ASN D 193 -16.77 13.86 -0.38
CA ASN D 193 -16.58 15.31 -0.41
C ASN D 193 -16.42 15.73 -1.87
N PRO D 194 -17.52 16.09 -2.54
CA PRO D 194 -17.39 16.56 -3.93
C PRO D 194 -16.90 17.99 -4.06
N GLU D 195 -16.88 18.77 -2.96
CA GLU D 195 -16.23 20.07 -3.02
C GLU D 195 -14.72 19.93 -3.08
N LEU D 196 -14.17 18.98 -2.32
CA LEU D 196 -12.74 18.67 -2.42
C LEU D 196 -12.39 18.19 -3.83
N ARG D 197 -13.13 17.20 -4.33
CA ARG D 197 -12.86 16.64 -5.65
C ARG D 197 -12.91 17.73 -6.72
N GLU D 198 -13.81 18.71 -6.56
CA GLU D 198 -13.84 19.85 -7.47
C GLU D 198 -12.69 20.82 -7.22
N ARG D 199 -12.29 20.98 -5.94
CA ARG D 199 -11.15 21.81 -5.60
C ARG D 199 -9.87 21.27 -6.22
N VAL D 200 -9.71 19.95 -6.21
CA VAL D 200 -8.52 19.33 -6.76
C VAL D 200 -8.51 19.47 -8.27
N ASP D 201 -9.67 19.27 -8.91
CA ASP D 201 -9.74 19.45 -10.36
C ASP D 201 -9.41 20.90 -10.74
N ARG D 202 -9.76 21.85 -9.88
CA ARG D 202 -9.50 23.25 -10.19
C ARG D 202 -8.04 23.63 -9.94
N ASP D 203 -7.49 23.27 -8.77
CA ASP D 203 -6.23 23.83 -8.29
C ASP D 203 -5.02 22.92 -8.40
N VAL D 204 -5.18 21.63 -8.62
CA VAL D 204 -4.04 20.72 -8.64
C VAL D 204 -3.79 20.29 -10.07
N PRO D 205 -2.72 20.77 -10.73
CA PRO D 205 -2.49 20.36 -12.13
C PRO D 205 -2.42 18.86 -12.35
N LEU D 206 -1.79 18.12 -11.44
CA LEU D 206 -1.78 16.66 -11.53
C LEU D 206 -3.17 16.04 -11.45
N GLY D 207 -4.17 16.73 -10.89
CA GLY D 207 -5.54 16.23 -10.93
C GLY D 207 -5.88 15.14 -9.94
N ARG D 208 -5.03 14.90 -8.95
CA ARG D 208 -5.31 13.90 -7.93
C ARG D 208 -4.51 14.24 -6.69
N LEU D 209 -4.90 13.64 -5.57
CA LEU D 209 -4.07 13.71 -4.39
C LEU D 209 -2.77 12.97 -4.66
N GLY D 210 -1.70 13.39 -3.98
CA GLY D 210 -0.46 12.65 -4.04
C GLY D 210 -0.58 11.39 -3.21
N ARG D 211 0.04 10.30 -3.70
CA ARG D 211 -0.15 9.03 -3.02
C ARG D 211 0.90 8.82 -1.94
N PRO D 212 0.54 8.05 -0.92
CA PRO D 212 1.54 7.69 0.11
C PRO D 212 2.82 7.12 -0.47
N ASP D 213 2.73 6.26 -1.49
CA ASP D 213 3.97 5.67 -2.01
C ASP D 213 4.82 6.71 -2.73
N GLU D 214 4.21 7.77 -3.26
CA GLU D 214 4.97 8.82 -3.91
C GLU D 214 5.71 9.69 -2.89
N MET D 215 5.07 9.93 -1.73
CA MET D 215 5.77 10.60 -0.64
C MET D 215 6.90 9.69 -0.16
N GLY D 216 6.61 8.39 -0.07
CA GLY D 216 7.63 7.44 0.35
C GLY D 216 8.80 7.38 -0.61
N ALA D 217 8.50 7.46 -1.93
CA ALA D 217 9.57 7.47 -2.94
C ALA D 217 10.49 8.68 -2.80
N LEU D 218 9.92 9.85 -2.50
CA LEU D 218 10.73 11.05 -2.31
C LEU D 218 11.62 10.90 -1.08
N ILE D 219 11.04 10.40 0.02
CA ILE D 219 11.78 10.24 1.27
C ILE D 219 12.93 9.25 1.09
N THR D 220 12.65 8.08 0.50
CA THR D 220 13.72 7.09 0.36
C THR D 220 14.81 7.57 -0.60
N PHE D 221 14.43 8.34 -1.63
CA PHE D 221 15.43 8.91 -2.52
C PHE D 221 16.33 9.89 -1.78
N LEU D 222 15.74 10.76 -0.97
CA LEU D 222 16.55 11.68 -0.18
C LEU D 222 17.44 10.92 0.80
N ALA D 223 16.88 9.92 1.49
CA ALA D 223 17.65 9.15 2.46
C ALA D 223 18.82 8.41 1.81
N SER D 224 18.73 8.12 0.52
CA SER D 224 19.81 7.38 -0.15
C SER D 224 21.08 8.21 -0.30
N ARG D 225 20.99 9.54 -0.25
CA ARG D 225 22.09 10.48 -0.45
C ARG D 225 22.61 10.50 -1.89
N ARG D 226 21.97 9.77 -2.83
CA ARG D 226 22.49 9.65 -4.19
C ARG D 226 22.52 10.98 -4.93
N ALA D 227 21.69 11.95 -4.53
CA ALA D 227 21.72 13.28 -5.14
C ALA D 227 22.02 14.35 -4.10
N ALA D 228 23.08 14.15 -3.32
CA ALA D 228 23.40 15.03 -2.20
C ALA D 228 23.46 16.52 -2.56
N PRO D 229 23.89 16.93 -3.77
CA PRO D 229 23.95 18.37 -4.05
C PRO D 229 22.62 19.09 -4.04
N ILE D 230 21.49 18.39 -3.90
CA ILE D 230 20.24 19.14 -3.76
C ILE D 230 19.94 19.44 -2.28
N VAL D 231 20.92 19.23 -1.40
CA VAL D 231 20.76 19.52 0.03
C VAL D 231 20.34 20.98 0.25
N GLY D 232 19.49 21.20 1.26
CA GLY D 232 19.29 22.53 1.81
C GLY D 232 18.13 23.31 1.23
N GLN D 233 17.17 22.65 0.59
CA GLN D 233 16.06 23.37 0.00
C GLN D 233 14.72 22.72 0.34
N PHE D 234 13.68 23.43 -0.05
CA PHE D 234 12.28 23.06 0.12
C PHE D 234 11.80 22.40 -1.16
N PHE D 235 11.18 21.21 -1.03
CA PHE D 235 10.54 20.52 -2.15
C PHE D 235 9.02 20.62 -2.00
N ALA D 236 8.35 21.21 -2.99
CA ALA D 236 6.90 21.21 -2.99
C ALA D 236 6.41 19.81 -3.33
N PHE D 237 5.45 19.30 -2.57
CA PHE D 237 4.83 18.01 -2.86
C PHE D 237 3.32 18.26 -2.97
N THR D 238 2.92 18.86 -4.11
CA THR D 238 1.60 19.46 -4.25
C THR D 238 0.92 19.13 -5.58
N GLY D 239 1.53 18.26 -6.40
CA GLY D 239 0.99 18.01 -7.73
C GLY D 239 0.92 19.23 -8.63
N GLY D 240 1.81 20.20 -8.45
CA GLY D 240 1.84 21.39 -9.27
C GLY D 240 1.04 22.55 -8.71
N TYR D 241 0.46 22.39 -7.52
CA TYR D 241 -0.31 23.47 -6.92
C TYR D 241 0.59 24.66 -6.59
N LEU D 242 1.83 24.38 -6.01
CA LEU D 242 2.96 25.29 -5.91
C LEU D 242 3.88 25.07 -7.10
N PRO D 243 4.63 26.10 -7.54
CA PRO D 243 4.68 27.45 -6.97
C PRO D 243 3.47 28.32 -7.32
N VAL E 1 -10.94 -64.76 24.00
CA VAL E 1 -10.76 -63.40 23.49
C VAL E 1 -12.09 -62.64 23.45
N ILE E 2 -12.14 -61.52 24.16
CA ILE E 2 -13.38 -60.78 24.39
C ILE E 2 -13.47 -59.53 23.53
N ALA E 3 -14.64 -59.33 22.91
CA ALA E 3 -15.05 -58.05 22.34
C ALA E 3 -16.26 -57.53 23.11
N LEU E 4 -16.35 -56.20 23.23
CA LEU E 4 -17.56 -55.53 23.72
C LEU E 4 -18.19 -54.81 22.54
N VAL E 5 -19.50 -54.97 22.38
CA VAL E 5 -20.25 -54.36 21.29
C VAL E 5 -21.45 -53.64 21.89
N THR E 6 -21.55 -52.34 21.69
CA THR E 6 -22.68 -51.61 22.28
C THR E 6 -23.90 -51.63 21.37
N HIS E 7 -25.06 -51.33 21.96
CA HIS E 7 -26.33 -51.30 21.24
C HIS E 7 -26.45 -52.45 20.25
N ALA E 8 -26.27 -53.68 20.75
CA ALA E 8 -26.04 -54.82 19.86
C ALA E 8 -27.21 -55.14 18.94
N ARG E 9 -28.45 -54.74 19.26
CA ARG E 9 -29.58 -55.08 18.41
C ARG E 9 -29.87 -54.06 17.32
N HIS E 10 -29.06 -53.01 17.18
CA HIS E 10 -29.34 -51.92 16.26
C HIS E 10 -28.09 -51.62 15.43
N PHE E 11 -28.30 -50.93 14.31
CA PHE E 11 -27.23 -50.34 13.47
C PHE E 11 -26.24 -51.44 13.06
N ALA E 12 -24.92 -51.30 13.33
CA ALA E 12 -23.91 -52.30 12.97
C ALA E 12 -23.75 -53.38 14.05
N GLY E 13 -24.60 -53.38 15.06
CA GLY E 13 -24.51 -54.33 16.14
C GLY E 13 -24.57 -55.76 15.67
N PRO E 14 -25.66 -56.15 14.99
CA PRO E 14 -25.77 -57.55 14.54
C PRO E 14 -24.62 -58.00 13.64
N ALA E 15 -24.19 -57.14 12.71
CA ALA E 15 -23.05 -57.49 11.86
C ALA E 15 -21.80 -57.73 12.69
N ALA E 16 -21.55 -56.85 13.66
CA ALA E 16 -20.37 -56.97 14.51
C ALA E 16 -20.42 -58.24 15.34
N VAL E 17 -21.58 -58.53 15.94
CA VAL E 17 -21.74 -59.73 16.75
C VAL E 17 -21.49 -60.98 15.93
N GLU E 18 -22.05 -61.04 14.71
CA GLU E 18 -21.92 -62.21 13.86
C GLU E 18 -20.47 -62.47 13.47
N ALA E 19 -19.79 -61.45 12.97
CA ALA E 19 -18.44 -61.64 12.45
C ALA E 19 -17.44 -61.89 13.58
N LEU E 20 -17.58 -61.17 14.68
CA LEU E 20 -16.69 -61.38 15.82
C LEU E 20 -16.87 -62.78 16.40
N THR E 21 -18.11 -63.21 16.62
CA THR E 21 -18.29 -64.58 17.12
C THR E 21 -17.75 -65.61 16.12
N GLN E 22 -18.04 -65.42 14.83
CA GLN E 22 -17.52 -66.34 13.80
C GLN E 22 -16.00 -66.37 13.75
N ASP E 23 -15.34 -65.31 14.19
CA ASP E 23 -13.88 -65.26 14.21
C ASP E 23 -13.30 -65.77 15.53
N GLY E 24 -14.14 -66.27 16.45
CA GLY E 24 -13.66 -66.88 17.68
C GLY E 24 -13.71 -66.01 18.93
N TYR E 25 -14.26 -64.80 18.84
CA TYR E 25 -14.42 -63.95 20.01
C TYR E 25 -15.61 -64.39 20.86
N THR E 26 -15.48 -64.21 22.17
CA THR E 26 -16.62 -64.14 23.07
C THR E 26 -17.11 -62.70 23.08
N VAL E 27 -18.34 -62.47 22.62
CA VAL E 27 -18.80 -61.10 22.41
C VAL E 27 -19.73 -60.70 23.54
N VAL E 28 -19.23 -59.83 24.40
CA VAL E 28 -20.03 -59.24 25.46
C VAL E 28 -20.84 -58.08 24.86
N CYS E 29 -22.15 -58.12 25.03
CA CYS E 29 -23.05 -57.18 24.37
C CYS E 29 -23.76 -56.27 25.35
N HIS E 30 -23.82 -54.99 25.01
CA HIS E 30 -24.65 -54.00 25.67
C HIS E 30 -25.88 -53.69 24.81
N ASP E 31 -27.03 -53.46 25.46
CA ASP E 31 -28.19 -52.99 24.71
C ASP E 31 -29.23 -52.46 25.70
N ALA E 32 -29.95 -51.42 25.27
CA ALA E 32 -30.95 -50.82 26.17
C ALA E 32 -32.03 -51.82 26.55
N SER E 33 -32.32 -52.79 25.67
CA SER E 33 -33.33 -53.79 25.99
C SER E 33 -32.86 -54.76 27.06
N PHE E 34 -31.54 -54.83 27.31
CA PHE E 34 -31.02 -55.82 28.25
C PHE E 34 -31.23 -55.42 29.71
N ALA E 35 -31.79 -54.24 29.98
CA ALA E 35 -32.29 -53.99 31.34
C ALA E 35 -33.38 -54.98 31.73
N ASP E 36 -34.14 -55.48 30.76
CA ASP E 36 -35.07 -56.58 30.98
C ASP E 36 -34.29 -57.89 31.05
N ALA E 37 -34.38 -58.58 32.20
CA ALA E 37 -33.68 -59.86 32.35
C ALA E 37 -34.13 -60.87 31.30
N ALA E 38 -35.40 -60.81 30.89
CA ALA E 38 -35.92 -61.78 29.94
C ALA E 38 -35.37 -61.55 28.54
N GLU E 39 -35.04 -60.30 28.20
CA GLU E 39 -34.40 -60.03 26.93
C GLU E 39 -32.95 -60.51 26.92
N ARG E 40 -32.30 -60.52 28.09
CA ARG E 40 -30.94 -61.04 28.18
C ARG E 40 -30.91 -62.53 27.88
N GLN E 41 -31.81 -63.28 28.54
CA GLN E 41 -31.88 -64.72 28.31
C GLN E 41 -32.16 -65.03 26.85
N ARG E 42 -33.10 -64.29 26.24
CA ARG E 42 -33.45 -64.57 24.85
C ARG E 42 -32.27 -64.28 23.93
N PHE E 43 -31.65 -63.11 24.10
CA PHE E 43 -30.52 -62.76 23.25
C PHE E 43 -29.44 -63.83 23.30
N GLU E 44 -29.12 -64.34 24.50
CA GLU E 44 -28.04 -65.31 24.63
C GLU E 44 -28.39 -66.64 23.97
N SER E 45 -29.61 -67.12 24.19
CA SER E 45 -30.05 -68.36 23.54
C SER E 45 -30.04 -68.22 22.01
N GLU E 46 -30.40 -67.06 21.50
CA GLU E 46 -30.43 -66.82 20.05
C GLU E 46 -29.05 -66.61 19.47
N ASN E 47 -28.08 -66.20 20.30
CA ASN E 47 -26.73 -65.86 19.82
C ASN E 47 -25.71 -66.58 20.69
N PRO E 48 -25.47 -67.86 20.42
CA PRO E 48 -24.46 -68.61 21.18
C PRO E 48 -23.10 -67.92 21.11
N GLY E 49 -22.43 -67.86 22.25
CA GLY E 49 -21.15 -67.20 22.34
C GLY E 49 -21.20 -65.76 22.80
N THR E 50 -22.38 -65.22 23.05
CA THR E 50 -22.52 -63.84 23.50
C THR E 50 -22.84 -63.83 24.99
N ILE E 51 -22.49 -62.73 25.63
CA ILE E 51 -22.87 -62.45 27.00
C ILE E 51 -23.61 -61.12 26.96
N ALA E 52 -24.83 -61.10 27.52
CA ALA E 52 -25.63 -59.87 27.52
C ALA E 52 -25.46 -59.18 28.87
N LEU E 53 -25.03 -57.90 28.83
CA LEU E 53 -24.84 -57.16 30.07
C LEU E 53 -26.13 -56.52 30.52
N ALA E 54 -26.34 -56.46 31.84
CA ALA E 54 -27.44 -55.64 32.35
C ALA E 54 -27.09 -54.16 32.31
N GLU E 55 -25.80 -53.83 32.42
CA GLU E 55 -25.35 -52.47 32.68
C GLU E 55 -25.76 -51.53 31.56
N GLN E 56 -26.15 -50.31 31.96
CA GLN E 56 -26.61 -49.27 31.05
C GLN E 56 -25.73 -48.03 31.04
N LYS E 57 -24.94 -47.79 32.09
CA LYS E 57 -24.28 -46.50 31.93
C LYS E 57 -22.97 -46.67 31.15
N PRO E 58 -22.65 -45.75 30.23
CA PRO E 58 -21.49 -45.98 29.35
C PRO E 58 -20.19 -46.13 30.09
N GLU E 59 -19.99 -45.41 31.18
CA GLU E 59 -18.73 -45.46 31.89
C GLU E 59 -18.60 -46.72 32.75
N ARG E 60 -19.62 -47.57 32.81
CA ARG E 60 -19.48 -48.83 33.54
C ARG E 60 -19.46 -50.07 32.66
N LEU E 61 -19.60 -49.91 31.35
CA LEU E 61 -19.61 -51.09 30.49
C LEU E 61 -18.29 -51.84 30.56
N VAL E 62 -17.19 -51.12 30.69
CA VAL E 62 -15.89 -51.77 30.67
C VAL E 62 -15.71 -52.64 31.89
N ASP E 63 -16.04 -52.12 33.07
CA ASP E 63 -15.93 -52.92 34.29
C ASP E 63 -16.91 -54.08 34.30
N ALA E 64 -18.10 -53.91 33.70
CA ALA E 64 -19.03 -55.03 33.63
C ALA E 64 -18.54 -56.11 32.65
N THR E 65 -17.98 -55.71 31.51
CA THR E 65 -17.36 -56.67 30.61
C THR E 65 -16.24 -57.43 31.30
N LEU E 66 -15.36 -56.74 32.04
CA LEU E 66 -14.28 -57.46 32.71
C LEU E 66 -14.76 -58.44 33.79
N GLN E 67 -16.04 -58.49 34.13
CA GLN E 67 -16.41 -59.62 34.97
C GLN E 67 -16.44 -60.94 34.22
N HIS E 68 -16.16 -60.94 32.92
CA HIS E 68 -16.25 -62.15 32.11
C HIS E 68 -14.92 -62.54 31.48
N GLY E 69 -13.82 -61.88 31.86
CA GLY E 69 -12.53 -62.17 31.27
C GLY E 69 -11.51 -61.18 31.76
N GLU E 70 -10.24 -61.47 31.41
CA GLU E 70 -9.13 -60.68 31.90
C GLU E 70 -8.93 -59.38 31.11
N ALA E 71 -9.19 -59.41 29.80
CA ALA E 71 -8.88 -58.28 28.95
C ALA E 71 -9.95 -58.12 27.87
N ILE E 72 -10.12 -56.88 27.42
CA ILE E 72 -10.98 -56.53 26.30
C ILE E 72 -10.07 -56.31 25.10
N ASP E 73 -10.20 -57.18 24.09
CA ASP E 73 -9.36 -57.04 22.90
C ASP E 73 -9.92 -56.02 21.92
N THR E 74 -11.25 -55.93 21.81
CA THR E 74 -11.90 -55.02 20.88
C THR E 74 -13.19 -54.47 21.48
N ILE E 75 -13.37 -53.16 21.36
CA ILE E 75 -14.63 -52.49 21.66
C ILE E 75 -15.20 -51.95 20.34
N VAL E 76 -16.47 -52.24 20.08
CA VAL E 76 -17.20 -51.62 18.97
C VAL E 76 -18.18 -50.66 19.59
N SER E 77 -17.90 -49.36 19.47
CA SER E 77 -18.78 -48.33 20.00
C SER E 77 -19.79 -48.06 18.89
N ASN E 78 -20.91 -48.78 18.97
CA ASN E 78 -21.94 -48.81 17.93
C ASN E 78 -23.08 -47.86 18.33
N ASP E 79 -22.81 -46.58 18.23
CA ASP E 79 -23.72 -45.56 18.73
C ASP E 79 -24.79 -45.23 17.70
N TYR E 80 -26.01 -44.99 18.17
CA TYR E 80 -27.10 -44.74 17.22
C TYR E 80 -28.19 -43.95 17.94
N ILE E 81 -29.02 -43.28 17.15
CA ILE E 81 -30.22 -42.63 17.67
C ILE E 81 -31.40 -43.27 16.94
N PRO E 82 -32.52 -43.55 17.59
CA PRO E 82 -33.64 -44.18 16.85
C PRO E 82 -34.06 -43.35 15.64
N ARG E 83 -34.20 -44.02 14.50
CA ARG E 83 -34.86 -43.45 13.34
C ARG E 83 -36.30 -43.07 13.71
N PRO E 84 -36.81 -41.93 13.21
CA PRO E 84 -36.12 -40.98 12.35
C PRO E 84 -35.59 -39.74 13.05
N MET E 85 -35.04 -39.86 14.26
CA MET E 85 -34.42 -38.67 14.84
C MET E 85 -33.18 -38.24 14.09
N ASN E 86 -32.52 -39.16 13.38
CA ASN E 86 -31.39 -38.75 12.55
C ASN E 86 -31.75 -37.63 11.59
N ARG E 87 -33.03 -37.47 11.24
CA ARG E 87 -33.46 -36.45 10.31
C ARG E 87 -34.10 -35.23 10.98
N LEU E 88 -33.91 -35.06 12.29
CA LEU E 88 -34.52 -33.92 12.97
C LEU E 88 -33.98 -32.60 12.41
N PRO E 89 -34.84 -31.62 12.14
CA PRO E 89 -34.37 -30.37 11.53
C PRO E 89 -33.98 -29.35 12.59
N LEU E 90 -33.40 -28.25 12.11
CA LEU E 90 -33.00 -27.18 13.04
C LEU E 90 -34.22 -26.50 13.66
N GLU E 91 -35.11 -25.99 12.82
CA GLU E 91 -36.26 -25.23 13.31
C GLU E 91 -37.26 -26.13 14.01
N GLY E 92 -37.82 -25.65 15.12
CA GLY E 92 -38.89 -26.34 15.81
C GLY E 92 -38.48 -27.45 16.75
N THR E 93 -37.26 -27.96 16.65
CA THR E 93 -36.84 -29.12 17.42
C THR E 93 -36.57 -28.72 18.88
N SER E 94 -37.06 -29.53 19.82
CA SER E 94 -36.94 -29.20 21.24
C SER E 94 -35.48 -29.25 21.70
N GLU E 95 -35.18 -28.46 22.74
CA GLU E 95 -33.85 -28.51 23.35
C GLU E 95 -33.51 -29.90 23.84
N ALA E 96 -34.51 -30.63 24.34
CA ALA E 96 -34.25 -31.97 24.84
C ALA E 96 -33.81 -32.91 23.72
N ASP E 97 -34.45 -32.82 22.54
CA ASP E 97 -34.03 -33.65 21.42
C ASP E 97 -32.61 -33.29 20.96
N ILE E 98 -32.26 -32.00 20.98
CA ILE E 98 -30.88 -31.61 20.64
C ILE E 98 -29.90 -32.24 21.63
N ARG E 99 -30.17 -32.09 22.93
CA ARG E 99 -29.27 -32.68 23.92
C ARG E 99 -29.22 -34.19 23.78
N GLN E 100 -30.38 -34.82 23.53
CA GLN E 100 -30.37 -36.28 23.39
C GLN E 100 -29.49 -36.71 22.23
N MET E 101 -29.47 -35.91 21.15
CA MET E 101 -28.65 -36.24 19.99
C MET E 101 -27.17 -36.31 20.37
N PHE E 102 -26.67 -35.27 21.05
CA PHE E 102 -25.28 -35.27 21.48
C PHE E 102 -25.05 -36.31 22.56
N GLU E 103 -26.08 -36.60 23.36
CA GLU E 103 -25.90 -37.56 24.44
C GLU E 103 -25.63 -38.95 23.86
N ALA E 104 -26.43 -39.36 22.87
CA ALA E 104 -26.29 -40.71 22.33
C ALA E 104 -25.09 -40.85 21.40
N LEU E 105 -24.76 -39.81 20.63
CA LEU E 105 -23.77 -39.98 19.57
C LEU E 105 -22.40 -39.36 19.88
N SER E 106 -22.33 -38.51 20.89
CA SER E 106 -21.09 -37.81 21.27
C SER E 106 -20.69 -38.05 22.71
N ILE E 107 -21.60 -37.85 23.67
CA ILE E 107 -21.19 -37.93 25.07
C ILE E 107 -20.99 -39.38 25.47
N PHE E 108 -21.96 -40.23 25.18
CA PHE E 108 -21.85 -41.64 25.50
C PHE E 108 -20.54 -42.25 24.99
N PRO E 109 -20.17 -42.11 23.70
CA PRO E 109 -18.88 -42.70 23.28
C PRO E 109 -17.66 -42.12 23.98
N ILE E 110 -17.67 -40.83 24.35
CA ILE E 110 -16.53 -40.23 25.03
C ILE E 110 -16.40 -40.79 26.44
N LEU E 111 -17.52 -40.95 27.14
CA LEU E 111 -17.51 -41.50 28.49
C LEU E 111 -17.09 -42.97 28.50
N LEU E 112 -17.52 -43.75 27.50
CA LEU E 112 -17.05 -45.12 27.32
C LEU E 112 -15.54 -45.15 27.04
N LEU E 113 -15.10 -44.42 26.01
CA LEU E 113 -13.67 -44.31 25.70
C LEU E 113 -12.85 -44.02 26.94
N GLN E 114 -13.20 -42.92 27.64
CA GLN E 114 -12.47 -42.49 28.82
C GLN E 114 -12.27 -43.63 29.80
N SER E 115 -13.36 -44.34 30.13
CA SER E 115 -13.31 -45.44 31.08
C SER E 115 -12.48 -46.61 30.57
N ALA E 116 -12.25 -46.69 29.27
CA ALA E 116 -11.56 -47.82 28.69
C ALA E 116 -10.04 -47.67 28.71
N ILE E 117 -9.50 -46.45 28.82
CA ILE E 117 -8.08 -46.24 28.55
C ILE E 117 -7.20 -47.02 29.52
N ALA E 118 -7.45 -46.86 30.82
CA ALA E 118 -6.58 -47.50 31.81
C ALA E 118 -6.53 -49.03 31.70
N PRO E 119 -7.65 -49.75 31.62
CA PRO E 119 -7.54 -51.21 31.53
C PRO E 119 -7.04 -51.69 30.17
N LEU E 120 -7.41 -51.01 29.09
CA LEU E 120 -6.91 -51.36 27.78
C LEU E 120 -5.39 -51.16 27.71
N ARG E 121 -4.89 -50.09 28.33
CA ARG E 121 -3.46 -49.86 28.36
C ARG E 121 -2.75 -50.94 29.16
N ALA E 122 -3.32 -51.31 30.31
CA ALA E 122 -2.74 -52.34 31.17
C ALA E 122 -2.63 -53.67 30.44
N ALA E 123 -3.51 -53.94 29.50
CA ALA E 123 -3.53 -55.20 28.77
C ALA E 123 -2.68 -55.16 27.51
N GLY E 124 -1.87 -54.11 27.32
CA GLY E 124 -0.95 -54.05 26.20
C GLY E 124 -1.53 -53.51 24.92
N GLY E 125 -2.73 -52.96 24.95
CA GLY E 125 -3.39 -52.45 23.78
C GLY E 125 -4.69 -53.17 23.48
N ALA E 126 -5.39 -52.64 22.48
CA ALA E 126 -6.72 -53.09 22.08
C ALA E 126 -7.13 -52.21 20.91
N SER E 127 -8.27 -52.54 20.32
CA SER E 127 -8.86 -51.77 19.23
C SER E 127 -10.20 -51.23 19.67
N VAL E 128 -10.45 -49.95 19.39
CA VAL E 128 -11.74 -49.33 19.65
C VAL E 128 -12.29 -48.79 18.34
N ILE E 129 -13.41 -49.34 17.90
CA ILE E 129 -13.97 -49.08 16.57
C ILE E 129 -15.27 -48.31 16.76
N PHE E 130 -15.30 -47.04 16.36
CA PHE E 130 -16.49 -46.23 16.50
C PHE E 130 -17.32 -46.31 15.22
N ILE E 131 -18.59 -46.70 15.35
CA ILE E 131 -19.49 -46.70 14.22
C ILE E 131 -20.17 -45.34 14.21
N THR E 132 -19.89 -44.55 13.18
CA THR E 132 -20.44 -43.20 13.13
C THR E 132 -21.43 -43.07 11.98
N SER E 133 -21.13 -42.23 10.99
CA SER E 133 -21.98 -42.05 9.81
C SER E 133 -21.17 -41.38 8.72
N SER E 134 -21.68 -41.45 7.49
CA SER E 134 -21.08 -40.66 6.41
C SER E 134 -21.08 -39.17 6.75
N VAL E 135 -22.09 -38.70 7.48
CA VAL E 135 -22.21 -37.27 7.76
C VAL E 135 -21.23 -36.84 8.84
N GLY E 136 -20.50 -37.79 9.43
CA GLY E 136 -19.34 -37.42 10.23
C GLY E 136 -18.26 -36.68 9.44
N LYS E 137 -18.24 -36.85 8.12
CA LYS E 137 -17.29 -36.17 7.23
C LYS E 137 -17.95 -35.30 6.17
N LYS E 138 -19.06 -35.73 5.58
CA LYS E 138 -19.72 -35.06 4.46
C LYS E 138 -21.14 -34.62 4.84
N PRO E 139 -21.45 -33.33 4.81
CA PRO E 139 -22.74 -32.86 5.35
C PRO E 139 -23.90 -33.21 4.43
N LEU E 140 -25.09 -33.26 5.02
CA LEU E 140 -26.32 -33.52 4.28
C LEU E 140 -27.41 -32.59 4.77
N ALA E 141 -28.18 -32.05 3.83
CA ALA E 141 -29.27 -31.12 4.12
C ALA E 141 -30.17 -31.57 5.28
N TYR E 142 -30.55 -32.84 5.31
CA TYR E 142 -31.57 -33.32 6.25
C TYR E 142 -30.98 -33.86 7.54
N ASN E 143 -29.67 -33.66 7.78
CA ASN E 143 -28.98 -34.19 8.96
C ASN E 143 -28.27 -33.09 9.76
N PRO E 144 -28.93 -31.96 10.02
CA PRO E 144 -28.20 -30.79 10.57
C PRO E 144 -27.93 -30.86 12.07
N LEU E 145 -28.51 -31.81 12.79
CA LEU E 145 -28.17 -32.05 14.20
C LEU E 145 -27.43 -33.37 14.38
N TYR E 146 -27.92 -34.41 13.71
CA TYR E 146 -27.26 -35.70 13.62
C TYR E 146 -25.83 -35.58 13.09
N GLY E 147 -25.62 -34.72 12.10
CA GLY E 147 -24.30 -34.53 11.52
C GLY E 147 -23.27 -34.01 12.51
N PRO E 148 -23.56 -32.87 13.16
CA PRO E 148 -22.62 -32.35 14.16
C PRO E 148 -22.27 -33.35 15.26
N ALA E 149 -23.27 -34.03 15.82
CA ALA E 149 -23.01 -35.05 16.83
C ALA E 149 -22.07 -36.15 16.32
N ARG E 150 -22.29 -36.61 15.09
CA ARG E 150 -21.40 -37.60 14.50
C ARG E 150 -20.02 -37.03 14.20
N ALA E 151 -19.97 -35.77 13.73
CA ALA E 151 -18.68 -35.13 13.44
C ALA E 151 -17.83 -35.06 14.70
N ALA E 152 -18.46 -34.83 15.84
CA ALA E 152 -17.71 -34.74 17.10
C ALA E 152 -17.00 -36.04 17.40
N THR E 153 -17.66 -37.17 17.19
CA THR E 153 -17.04 -38.45 17.51
C THR E 153 -15.98 -38.84 16.48
N VAL E 154 -16.18 -38.51 15.20
CA VAL E 154 -15.10 -38.67 14.24
C VAL E 154 -13.88 -37.85 14.68
N ALA E 155 -14.10 -36.62 15.12
CA ALA E 155 -12.99 -35.79 15.56
C ALA E 155 -12.33 -36.37 16.81
N LEU E 156 -13.13 -36.92 17.74
CA LEU E 156 -12.58 -37.61 18.90
C LEU E 156 -11.60 -38.70 18.49
N VAL E 157 -11.99 -39.52 17.49
CA VAL E 157 -11.11 -40.56 17.00
C VAL E 157 -9.80 -39.96 16.52
N GLU E 158 -9.89 -38.97 15.62
CA GLU E 158 -8.71 -38.39 15.00
C GLU E 158 -7.76 -37.78 16.00
N SER E 159 -8.31 -37.17 17.06
CA SER E 159 -7.49 -36.51 18.08
C SER E 159 -6.99 -37.50 19.12
N ALA E 160 -7.90 -38.25 19.75
CA ALA E 160 -7.47 -39.21 20.77
C ALA E 160 -6.42 -40.18 20.22
N ALA E 161 -6.48 -40.50 18.92
CA ALA E 161 -5.51 -41.46 18.40
C ALA E 161 -4.09 -40.91 18.46
N LYS E 162 -3.93 -39.59 18.51
CA LYS E 162 -2.59 -39.01 18.52
C LYS E 162 -1.84 -39.40 19.78
N THR E 163 -2.55 -39.70 20.86
CA THR E 163 -1.93 -40.14 22.10
C THR E 163 -2.12 -41.63 22.36
N LEU E 164 -3.33 -42.14 22.21
CA LEU E 164 -3.60 -43.52 22.62
C LEU E 164 -2.86 -44.56 21.77
N SER E 165 -2.47 -44.20 20.53
CA SER E 165 -1.82 -45.17 19.66
C SER E 165 -0.50 -45.64 20.26
N ARG E 166 0.15 -44.77 21.04
CA ARG E 166 1.44 -45.11 21.65
C ARG E 166 1.28 -46.20 22.71
N ASP E 167 0.11 -46.28 23.35
CA ASP E 167 -0.19 -47.36 24.29
C ASP E 167 -0.68 -48.62 23.59
N GLY E 168 -0.70 -48.63 22.26
CA GLY E 168 -1.27 -49.73 21.53
C GLY E 168 -2.78 -49.77 21.53
N ILE E 169 -3.42 -48.65 21.87
CA ILE E 169 -4.87 -48.54 21.86
C ILE E 169 -5.20 -47.89 20.53
N LEU E 170 -5.67 -48.69 19.58
CA LEU E 170 -5.87 -48.27 18.19
C LEU E 170 -7.32 -47.90 17.96
N LEU E 171 -7.56 -46.64 17.60
CA LEU E 171 -8.90 -46.08 17.41
C LEU E 171 -9.19 -45.91 15.92
N TYR E 172 -10.43 -46.21 15.54
CA TYR E 172 -10.91 -46.07 14.16
C TYR E 172 -12.33 -45.54 14.16
N ALA E 173 -12.69 -44.84 13.08
CA ALA E 173 -14.09 -44.47 12.87
C ALA E 173 -14.53 -45.04 11.54
N ILE E 174 -15.72 -45.63 11.52
CA ILE E 174 -16.35 -46.12 10.29
C ILE E 174 -17.59 -45.26 10.03
N GLY E 175 -17.77 -44.87 8.77
CA GLY E 175 -18.85 -43.97 8.42
C GLY E 175 -19.76 -44.56 7.37
N PRO E 176 -20.74 -45.34 7.80
CA PRO E 176 -21.61 -46.01 6.85
C PRO E 176 -22.64 -45.06 6.25
N ALA E 177 -22.99 -45.36 5.00
CA ALA E 177 -24.20 -44.89 4.35
C ALA E 177 -24.66 -46.02 3.44
N PHE E 178 -25.98 -46.14 3.27
CA PHE E 178 -26.54 -47.18 2.41
C PHE E 178 -26.02 -48.56 2.83
N PHE E 179 -25.90 -48.75 4.13
CA PHE E 179 -25.44 -50.00 4.72
C PHE E 179 -26.66 -50.79 5.19
N ASN E 180 -26.83 -52.00 4.64
CA ASN E 180 -27.98 -52.85 5.00
C ASN E 180 -27.95 -53.17 6.47
N ASN E 181 -28.81 -52.52 7.25
CA ASN E 181 -28.84 -52.70 8.70
C ASN E 181 -30.25 -52.40 9.19
N PRO E 182 -30.64 -52.97 10.33
CA PRO E 182 -32.04 -52.87 10.75
C PRO E 182 -32.47 -51.47 11.13
N THR E 183 -31.55 -50.53 11.34
CA THR E 183 -31.90 -49.18 11.77
C THR E 183 -32.13 -48.23 10.62
N TYR E 184 -31.23 -48.13 9.64
CA TYR E 184 -31.40 -47.15 8.58
C TYR E 184 -31.74 -47.73 7.21
N PHE E 185 -31.37 -48.98 6.92
CA PHE E 185 -31.60 -49.58 5.60
C PHE E 185 -31.91 -51.07 5.75
N PRO E 186 -33.05 -51.39 6.37
CA PRO E 186 -33.49 -52.78 6.41
C PRO E 186 -33.79 -53.31 5.02
N THR E 187 -33.57 -54.61 4.84
CA THR E 187 -33.86 -55.25 3.56
C THR E 187 -35.28 -54.98 3.09
N SER E 188 -36.23 -54.90 4.02
CA SER E 188 -37.61 -54.64 3.63
C SER E 188 -37.75 -53.25 3.01
N ASP E 189 -37.01 -52.26 3.53
CA ASP E 189 -36.97 -50.95 2.90
C ASP E 189 -36.54 -51.05 1.44
N TRP E 190 -35.48 -51.81 1.17
CA TRP E 190 -35.08 -52.00 -0.22
C TRP E 190 -36.21 -52.62 -1.04
N GLU E 191 -36.93 -53.58 -0.45
CA GLU E 191 -38.00 -54.23 -1.21
C GLU E 191 -39.23 -53.33 -1.34
N ASN E 192 -39.54 -52.54 -0.29
CA ASN E 192 -40.74 -51.70 -0.30
C ASN E 192 -40.56 -50.38 -1.03
N ASN E 193 -39.33 -49.85 -1.06
CA ASN E 193 -39.06 -48.43 -1.29
C ASN E 193 -38.43 -48.26 -2.68
N PRO E 194 -39.21 -48.12 -3.75
CA PRO E 194 -38.59 -47.98 -5.06
C PRO E 194 -37.77 -46.70 -5.20
N GLU E 195 -38.11 -45.66 -4.41
CA GLU E 195 -37.26 -44.48 -4.32
C GLU E 195 -35.89 -44.78 -3.71
N LEU E 196 -35.83 -45.70 -2.74
CA LEU E 196 -34.51 -46.08 -2.23
C LEU E 196 -33.68 -46.74 -3.32
N ARG E 197 -34.31 -47.62 -4.10
CA ARG E 197 -33.58 -48.32 -5.16
C ARG E 197 -33.11 -47.35 -6.24
N GLU E 198 -33.94 -46.36 -6.60
CA GLU E 198 -33.51 -45.34 -7.54
C GLU E 198 -32.40 -44.48 -6.95
N ARG E 199 -32.52 -44.10 -5.67
CA ARG E 199 -31.47 -43.36 -5.00
C ARG E 199 -30.12 -44.05 -5.09
N VAL E 200 -30.11 -45.36 -4.82
CA VAL E 200 -28.84 -46.11 -4.83
C VAL E 200 -28.30 -46.20 -6.25
N ASP E 201 -29.17 -46.50 -7.23
CA ASP E 201 -28.76 -46.51 -8.63
C ASP E 201 -28.06 -45.20 -8.99
N ARG E 202 -28.65 -44.08 -8.58
CA ARG E 202 -28.09 -42.77 -8.92
C ARG E 202 -26.82 -42.43 -8.13
N ASP E 203 -26.85 -42.55 -6.80
CA ASP E 203 -25.79 -42.00 -5.96
C ASP E 203 -24.76 -43.00 -5.41
N VAL E 204 -24.98 -44.31 -5.56
CA VAL E 204 -24.08 -45.29 -4.96
C VAL E 204 -23.35 -46.01 -6.09
N PRO E 205 -22.05 -45.73 -6.32
CA PRO E 205 -21.35 -46.39 -7.43
C PRO E 205 -21.40 -47.91 -7.40
N LEU E 206 -21.25 -48.53 -6.21
CA LEU E 206 -21.39 -49.98 -6.09
C LEU E 206 -22.77 -50.45 -6.55
N GLY E 207 -23.77 -49.59 -6.43
CA GLY E 207 -25.09 -49.89 -6.95
C GLY E 207 -25.94 -50.78 -6.08
N ARG E 208 -25.62 -50.90 -4.79
CA ARG E 208 -26.34 -51.79 -3.89
C ARG E 208 -25.98 -51.41 -2.47
N LEU E 209 -26.81 -51.85 -1.54
CA LEU E 209 -26.49 -51.66 -0.13
C LEU E 209 -25.25 -52.46 0.23
N GLY E 210 -24.48 -51.95 1.20
CA GLY E 210 -23.41 -52.74 1.75
C GLY E 210 -23.96 -53.86 2.61
N ARG E 211 -23.39 -55.09 2.45
CA ARG E 211 -23.97 -56.23 3.17
C ARG E 211 -23.49 -56.27 4.62
N PRO E 212 -24.30 -56.86 5.51
CA PRO E 212 -23.80 -57.11 6.88
C PRO E 212 -22.45 -57.81 6.93
N ASP E 213 -22.23 -58.85 6.11
CA ASP E 213 -20.97 -59.58 6.20
C ASP E 213 -19.79 -58.71 5.77
N GLU E 214 -20.04 -57.71 4.93
CA GLU E 214 -18.96 -56.80 4.51
C GLU E 214 -18.60 -55.82 5.63
N MET E 215 -19.60 -55.34 6.37
CA MET E 215 -19.30 -54.57 7.56
C MET E 215 -18.59 -55.45 8.58
N GLY E 216 -19.03 -56.70 8.72
CA GLY E 216 -18.36 -57.62 9.63
C GLY E 216 -16.91 -57.87 9.27
N ALA E 217 -16.62 -57.96 7.96
CA ALA E 217 -15.25 -58.23 7.51
C ALA E 217 -14.33 -57.04 7.80
N LEU E 218 -14.83 -55.82 7.65
CA LEU E 218 -14.04 -54.65 8.04
C LEU E 218 -13.78 -54.65 9.55
N ILE E 219 -14.80 -54.96 10.35
CA ILE E 219 -14.65 -54.92 11.80
C ILE E 219 -13.59 -55.91 12.26
N THR E 220 -13.66 -57.15 11.76
CA THR E 220 -12.71 -58.15 12.24
C THR E 220 -11.31 -57.90 11.69
N PHE E 221 -11.21 -57.32 10.49
CA PHE E 221 -9.90 -56.90 9.98
C PHE E 221 -9.27 -55.88 10.91
N LEU E 222 -10.03 -54.83 11.26
CA LEU E 222 -9.50 -53.87 12.20
C LEU E 222 -9.20 -54.56 13.54
N ALA E 223 -10.10 -55.44 13.99
CA ALA E 223 -9.90 -56.12 15.26
C ALA E 223 -8.59 -56.91 15.28
N SER E 224 -8.12 -57.39 14.13
CA SER E 224 -6.96 -58.26 14.17
C SER E 224 -5.68 -57.50 14.47
N ARG E 225 -5.67 -56.17 14.33
CA ARG E 225 -4.50 -55.31 14.47
C ARG E 225 -3.44 -55.57 13.39
N ARG E 226 -3.77 -56.35 12.35
CA ARG E 226 -2.76 -56.74 11.38
C ARG E 226 -2.27 -55.57 10.52
N ALA E 227 -3.06 -54.49 10.43
CA ALA E 227 -2.66 -53.28 9.70
C ALA E 227 -2.69 -52.07 10.61
N ALA E 228 -2.10 -52.21 11.80
CA ALA E 228 -2.03 -51.14 12.79
C ALA E 228 -1.73 -49.74 12.23
N PRO E 229 -0.85 -49.55 11.24
CA PRO E 229 -0.54 -48.16 10.81
C PRO E 229 -1.72 -47.39 10.19
N ILE E 230 -2.87 -48.02 9.91
CA ILE E 230 -4.01 -47.24 9.42
C ILE E 230 -4.82 -46.67 10.58
N VAL E 231 -4.26 -46.75 11.79
CA VAL E 231 -4.89 -46.25 13.00
C VAL E 231 -5.26 -44.79 12.89
N GLY E 232 -6.40 -44.44 13.49
CA GLY E 232 -6.72 -43.05 13.78
C GLY E 232 -7.39 -42.30 12.65
N GLN E 233 -8.07 -43.00 11.75
CA GLN E 233 -8.72 -42.31 10.65
C GLN E 233 -10.15 -42.83 10.49
N PHE E 234 -10.85 -42.16 9.57
CA PHE E 234 -12.24 -42.43 9.25
C PHE E 234 -12.30 -43.24 7.97
N PHE E 235 -13.08 -44.33 7.97
CA PHE E 235 -13.29 -45.18 6.79
C PHE E 235 -14.71 -45.00 6.27
N ALA E 236 -14.85 -44.43 5.09
CA ALA E 236 -16.14 -44.45 4.41
C ALA E 236 -16.58 -45.90 4.17
N PHE E 237 -17.81 -46.23 4.55
CA PHE E 237 -18.41 -47.52 4.20
C PHE E 237 -19.71 -47.22 3.46
N THR E 238 -19.58 -46.81 2.21
CA THR E 238 -20.71 -46.19 1.51
C THR E 238 -20.86 -46.70 0.08
N GLY E 239 -20.08 -47.69 -0.33
CA GLY E 239 -20.07 -48.11 -1.72
C GLY E 239 -19.68 -47.04 -2.71
N GLY E 240 -18.82 -46.10 -2.31
CA GLY E 240 -18.39 -45.06 -3.23
C GLY E 240 -19.19 -43.78 -3.19
N TYR E 241 -20.24 -43.71 -2.37
CA TYR E 241 -21.02 -42.49 -2.25
C TYR E 241 -20.15 -41.34 -1.76
N LEU E 242 -19.29 -41.59 -0.77
CA LEU E 242 -18.19 -40.73 -0.36
C LEU E 242 -16.91 -41.17 -1.04
N PRO E 243 -15.94 -40.25 -1.22
CA PRO E 243 -16.03 -38.81 -0.94
C PRO E 243 -16.86 -38.03 -1.94
N VAL F 1 -27.70 -0.28 10.57
CA VAL F 1 -27.36 -1.67 10.28
C VAL F 1 -26.75 -2.35 11.50
N ILE F 2 -27.36 -3.45 11.93
CA ILE F 2 -27.08 -4.09 13.22
C ILE F 2 -26.22 -5.34 13.03
N ALA F 3 -25.21 -5.49 13.88
CA ALA F 3 -24.52 -6.75 14.07
C ALA F 3 -24.68 -7.18 15.52
N LEU F 4 -24.74 -8.48 15.75
CA LEU F 4 -24.69 -9.05 17.09
C LEU F 4 -23.42 -9.87 17.19
N VAL F 5 -22.58 -9.56 18.18
CA VAL F 5 -21.34 -10.27 18.43
C VAL F 5 -21.41 -10.85 19.84
N THR F 6 -21.21 -12.17 19.94
CA THR F 6 -21.29 -12.84 21.24
C THR F 6 -19.91 -12.91 21.89
N HIS F 7 -19.91 -13.11 23.21
CA HIS F 7 -18.67 -13.15 24.01
C HIS F 7 -17.71 -12.04 23.58
N ALA F 8 -18.22 -10.79 23.60
CA ALA F 8 -17.56 -9.71 22.88
C ALA F 8 -16.18 -9.36 23.42
N ARG F 9 -15.92 -9.69 24.69
CA ARG F 9 -14.65 -9.39 25.34
C ARG F 9 -13.60 -10.47 25.12
N HIS F 10 -13.95 -11.58 24.46
CA HIS F 10 -13.08 -12.75 24.35
C HIS F 10 -12.85 -13.15 22.91
N PHE F 11 -11.76 -13.88 22.70
CA PHE F 11 -11.49 -14.63 21.45
C PHE F 11 -11.53 -13.65 20.28
N ALA F 12 -12.43 -13.83 19.31
CA ALA F 12 -12.48 -12.95 18.15
C ALA F 12 -13.39 -11.75 18.36
N GLY F 13 -13.95 -11.59 19.56
CA GLY F 13 -14.86 -10.52 19.85
C GLY F 13 -14.30 -9.12 19.63
N PRO F 14 -13.21 -8.76 20.32
CA PRO F 14 -12.68 -7.40 20.11
C PRO F 14 -12.38 -7.09 18.65
N ALA F 15 -11.83 -8.05 17.90
CA ALA F 15 -11.55 -7.80 16.50
C ALA F 15 -12.83 -7.56 15.72
N ALA F 16 -13.90 -8.29 16.05
CA ALA F 16 -15.16 -8.16 15.30
C ALA F 16 -15.86 -6.85 15.62
N VAL F 17 -15.91 -6.48 16.90
CA VAL F 17 -16.54 -5.22 17.31
C VAL F 17 -15.85 -4.05 16.63
N GLU F 18 -14.52 -3.97 16.74
CA GLU F 18 -13.76 -2.88 16.13
C GLU F 18 -13.99 -2.82 14.62
N ALA F 19 -13.91 -3.96 13.94
CA ALA F 19 -14.04 -3.96 12.49
C ALA F 19 -15.46 -3.57 12.07
N LEU F 20 -16.47 -4.18 12.70
CA LEU F 20 -17.85 -3.93 12.30
C LEU F 20 -18.25 -2.48 12.57
N THR F 21 -17.78 -1.91 13.71
CA THR F 21 -18.05 -0.50 14.01
C THR F 21 -17.39 0.42 13.00
N GLN F 22 -16.13 0.13 12.64
CA GLN F 22 -15.47 0.90 11.58
C GLN F 22 -16.21 0.81 10.25
N ASP F 23 -16.95 -0.26 10.03
CA ASP F 23 -17.66 -0.48 8.77
C ASP F 23 -19.07 0.10 8.76
N GLY F 24 -19.44 0.88 9.77
CA GLY F 24 -20.75 1.49 9.77
C GLY F 24 -21.84 0.68 10.44
N TYR F 25 -21.50 -0.41 11.14
CA TYR F 25 -22.47 -1.18 11.88
C TYR F 25 -22.65 -0.62 13.28
N THR F 26 -23.87 -0.74 13.77
CA THR F 26 -24.15 -0.62 15.19
C THR F 26 -23.99 -2.03 15.76
N VAL F 27 -23.00 -2.22 16.64
CA VAL F 27 -22.62 -3.56 17.08
C VAL F 27 -23.25 -3.81 18.44
N VAL F 28 -24.31 -4.61 18.46
CA VAL F 28 -24.90 -5.09 19.70
C VAL F 28 -24.09 -6.27 20.23
N CYS F 29 -23.71 -6.21 21.51
CA CYS F 29 -22.71 -7.10 22.07
C CYS F 29 -23.27 -7.88 23.25
N HIS F 30 -23.01 -9.18 23.25
CA HIS F 30 -23.29 -10.07 24.37
C HIS F 30 -21.99 -10.41 25.09
N ASP F 31 -22.06 -10.59 26.41
CA ASP F 31 -20.89 -11.03 27.16
C ASP F 31 -21.29 -11.35 28.58
N ALA F 32 -20.64 -12.36 29.16
CA ALA F 32 -20.97 -12.77 30.53
C ALA F 32 -20.83 -11.60 31.50
N SER F 33 -19.85 -10.72 31.28
CA SER F 33 -19.65 -9.60 32.19
C SER F 33 -20.76 -8.56 32.12
N PHE F 34 -21.69 -8.69 31.17
CA PHE F 34 -22.75 -7.71 30.99
C PHE F 34 -23.98 -7.99 31.86
N ALA F 35 -23.87 -8.91 32.82
CA ALA F 35 -24.89 -9.01 33.85
C ALA F 35 -24.75 -7.89 34.89
N ASP F 36 -23.58 -7.28 34.98
CA ASP F 36 -23.33 -6.11 35.81
C ASP F 36 -23.57 -4.86 34.96
N ALA F 37 -24.57 -4.05 35.34
CA ALA F 37 -24.89 -2.86 34.55
C ALA F 37 -23.75 -1.84 34.56
N ALA F 38 -22.89 -1.86 35.59
CA ALA F 38 -21.72 -0.99 35.56
C ALA F 38 -20.80 -1.37 34.41
N GLU F 39 -20.53 -2.66 34.25
CA GLU F 39 -19.74 -3.14 33.11
C GLU F 39 -20.36 -2.71 31.78
N ARG F 40 -21.69 -2.78 31.68
CA ARG F 40 -22.36 -2.43 30.44
C ARG F 40 -22.19 -0.95 30.10
N GLN F 41 -22.13 -0.09 31.12
CA GLN F 41 -21.93 1.33 30.88
C GLN F 41 -20.48 1.62 30.51
N ARG F 42 -19.53 1.04 31.25
CA ARG F 42 -18.12 1.21 30.87
C ARG F 42 -17.86 0.70 29.46
N PHE F 43 -18.36 -0.49 29.14
CA PHE F 43 -18.08 -1.06 27.82
C PHE F 43 -18.65 -0.18 26.71
N GLU F 44 -19.87 0.32 26.88
CA GLU F 44 -20.43 1.24 25.89
C GLU F 44 -19.66 2.57 25.85
N SER F 45 -19.01 2.95 26.96
CA SER F 45 -18.17 4.15 26.95
C SER F 45 -16.86 3.90 26.24
N GLU F 46 -16.20 2.78 26.53
CA GLU F 46 -14.93 2.46 25.91
C GLU F 46 -15.06 2.04 24.45
N ASN F 47 -16.28 1.75 23.98
CA ASN F 47 -16.50 1.31 22.60
C ASN F 47 -17.65 2.11 22.00
N PRO F 48 -17.39 3.33 21.52
CA PRO F 48 -18.43 4.06 20.78
C PRO F 48 -19.00 3.23 19.64
N GLY F 49 -20.32 3.28 19.49
CA GLY F 49 -20.97 2.52 18.43
C GLY F 49 -21.41 1.12 18.82
N THR F 50 -21.56 0.83 20.11
CA THR F 50 -22.01 -0.47 20.56
C THR F 50 -23.16 -0.33 21.56
N ILE F 51 -23.88 -1.43 21.72
CA ILE F 51 -24.91 -1.60 22.75
C ILE F 51 -24.56 -2.89 23.46
N ALA F 52 -24.59 -2.88 24.80
CA ALA F 52 -24.32 -4.08 25.58
C ALA F 52 -25.64 -4.65 26.10
N LEU F 53 -25.90 -5.91 25.76
CA LEU F 53 -27.09 -6.62 26.22
C LEU F 53 -26.90 -7.17 27.61
N ALA F 54 -27.98 -7.19 28.38
CA ALA F 54 -27.99 -7.90 29.64
C ALA F 54 -28.16 -9.40 29.45
N GLU F 55 -28.93 -9.80 28.43
CA GLU F 55 -29.31 -11.20 28.24
C GLU F 55 -28.11 -12.14 28.25
N GLN F 56 -28.30 -13.31 28.87
CA GLN F 56 -27.26 -14.33 28.96
C GLN F 56 -27.63 -15.65 28.31
N LYS F 57 -28.91 -15.88 28.00
CA LYS F 57 -29.38 -17.15 27.43
C LYS F 57 -29.24 -17.09 25.92
N PRO F 58 -28.65 -18.12 25.28
CA PRO F 58 -28.36 -18.00 23.85
C PRO F 58 -29.60 -17.93 22.99
N GLU F 59 -30.73 -18.50 23.44
CA GLU F 59 -31.97 -18.47 22.65
C GLU F 59 -32.73 -17.16 22.82
N ARG F 60 -32.28 -16.23 23.67
CA ARG F 60 -32.93 -14.94 23.80
C ARG F 60 -32.07 -13.77 23.32
N LEU F 61 -30.86 -14.04 22.81
CA LEU F 61 -30.01 -12.94 22.35
C LEU F 61 -30.63 -12.22 21.15
N VAL F 62 -31.26 -12.97 20.24
CA VAL F 62 -31.80 -12.37 19.03
C VAL F 62 -32.96 -11.43 19.35
N ASP F 63 -33.92 -11.90 20.17
CA ASP F 63 -35.01 -11.00 20.58
C ASP F 63 -34.49 -9.83 21.40
N ALA F 64 -33.47 -10.04 22.23
CA ALA F 64 -32.89 -8.93 22.97
C ALA F 64 -32.23 -7.92 22.02
N THR F 65 -31.52 -8.42 20.99
CA THR F 65 -30.94 -7.51 20.00
C THR F 65 -32.03 -6.81 19.21
N LEU F 66 -33.12 -7.52 18.89
CA LEU F 66 -34.19 -6.91 18.13
C LEU F 66 -34.90 -5.80 18.90
N GLN F 67 -34.63 -5.63 20.20
CA GLN F 67 -35.18 -4.46 20.88
C GLN F 67 -34.50 -3.18 20.44
N HIS F 68 -33.30 -3.24 19.86
CA HIS F 68 -32.56 -2.05 19.49
C HIS F 68 -32.57 -1.77 17.99
N GLY F 69 -33.35 -2.50 17.21
CA GLY F 69 -33.42 -2.26 15.77
C GLY F 69 -34.38 -3.22 15.12
N GLU F 70 -34.67 -2.96 13.83
CA GLU F 70 -35.66 -3.75 13.11
C GLU F 70 -35.11 -5.06 12.57
N ALA F 71 -33.81 -5.14 12.27
CA ALA F 71 -33.27 -6.34 11.65
C ALA F 71 -31.81 -6.52 12.02
N ILE F 72 -31.39 -7.77 12.10
CA ILE F 72 -29.99 -8.13 12.30
C ILE F 72 -29.40 -8.51 10.96
N ASP F 73 -28.33 -7.82 10.55
CA ASP F 73 -27.66 -8.07 9.28
C ASP F 73 -26.61 -9.18 9.38
N THR F 74 -25.85 -9.22 10.48
CA THR F 74 -24.78 -10.17 10.67
C THR F 74 -24.80 -10.65 12.12
N ILE F 75 -24.62 -11.95 12.33
CA ILE F 75 -24.38 -12.50 13.66
C ILE F 75 -22.97 -13.10 13.66
N VAL F 76 -22.13 -12.66 14.59
CA VAL F 76 -20.83 -13.30 14.82
C VAL F 76 -20.98 -14.17 16.06
N SER F 77 -21.12 -15.49 15.87
CA SER F 77 -21.19 -16.45 16.97
C SER F 77 -19.76 -16.77 17.41
N ASN F 78 -19.27 -15.96 18.34
CA ASN F 78 -17.89 -15.98 18.82
C ASN F 78 -17.84 -16.84 20.09
N ASP F 79 -17.80 -18.16 19.91
CA ASP F 79 -17.89 -19.06 21.05
C ASP F 79 -16.51 -19.48 21.55
N TYR F 80 -16.38 -19.63 22.86
CA TYR F 80 -15.08 -19.97 23.41
C TYR F 80 -15.26 -20.66 24.75
N ILE F 81 -14.16 -21.24 25.23
CA ILE F 81 -14.08 -21.87 26.55
C ILE F 81 -12.84 -21.30 27.24
N PRO F 82 -12.95 -20.86 28.50
CA PRO F 82 -11.80 -20.29 29.20
C PRO F 82 -10.58 -21.20 29.15
N ARG F 83 -9.47 -20.60 28.80
CA ARG F 83 -8.17 -21.23 28.99
C ARG F 83 -8.03 -21.60 30.47
N PRO F 84 -7.38 -22.72 30.80
CA PRO F 84 -6.73 -23.72 29.96
C PRO F 84 -7.65 -24.89 29.61
N MET F 85 -8.97 -24.71 29.72
CA MET F 85 -9.83 -25.87 29.51
C MET F 85 -9.78 -26.39 28.09
N ASN F 86 -9.38 -25.59 27.10
CA ASN F 86 -9.28 -26.12 25.75
C ASN F 86 -8.27 -27.25 25.66
N ARG F 87 -7.33 -27.33 26.61
CA ARG F 87 -6.30 -28.37 26.63
C ARG F 87 -6.63 -29.47 27.63
N LEU F 88 -7.89 -29.61 28.03
CA LEU F 88 -8.26 -30.68 28.93
C LEU F 88 -8.06 -32.03 28.25
N PRO F 89 -7.40 -32.99 28.89
CA PRO F 89 -7.16 -34.29 28.27
C PRO F 89 -8.37 -35.21 28.39
N LEU F 90 -8.25 -36.38 27.75
CA LEU F 90 -9.29 -37.38 27.81
C LEU F 90 -9.30 -38.09 29.17
N GLU F 91 -8.12 -38.38 29.71
CA GLU F 91 -8.01 -39.18 30.92
C GLU F 91 -8.17 -38.29 32.15
N GLY F 92 -9.03 -38.71 33.09
CA GLY F 92 -9.19 -38.00 34.34
C GLY F 92 -10.07 -36.77 34.32
N THR F 93 -10.46 -36.26 33.14
CA THR F 93 -11.26 -35.04 33.11
C THR F 93 -12.69 -35.35 33.55
N SER F 94 -13.26 -34.45 34.37
CA SER F 94 -14.58 -34.70 34.93
C SER F 94 -15.66 -34.65 33.86
N GLU F 95 -16.75 -35.40 34.09
CA GLU F 95 -17.90 -35.36 33.20
C GLU F 95 -18.47 -33.94 33.09
N ALA F 96 -18.47 -33.20 34.20
CA ALA F 96 -18.95 -31.82 34.18
C ALA F 96 -18.17 -31.00 33.16
N ASP F 97 -16.84 -31.09 33.19
CA ASP F 97 -16.05 -30.34 32.21
C ASP F 97 -16.30 -30.82 30.78
N ILE F 98 -16.42 -32.14 30.59
CA ILE F 98 -16.77 -32.67 29.27
C ILE F 98 -18.08 -32.07 28.79
N ARG F 99 -19.10 -32.08 29.64
CA ARG F 99 -20.38 -31.48 29.27
C ARG F 99 -20.25 -29.99 29.02
N GLN F 100 -19.48 -29.29 29.87
CA GLN F 100 -19.30 -27.85 29.66
C GLN F 100 -18.62 -27.57 28.32
N MET F 101 -17.71 -28.45 27.89
CA MET F 101 -17.03 -28.24 26.62
C MET F 101 -18.06 -28.16 25.47
N PHE F 102 -18.97 -29.13 25.42
CA PHE F 102 -20.00 -29.12 24.38
C PHE F 102 -20.99 -27.99 24.60
N GLU F 103 -21.31 -27.68 25.86
CA GLU F 103 -22.30 -26.65 26.14
C GLU F 103 -21.86 -25.32 25.55
N ALA F 104 -20.60 -24.96 25.79
CA ALA F 104 -20.08 -23.67 25.36
C ALA F 104 -19.80 -23.63 23.86
N LEU F 105 -19.36 -24.74 23.26
CA LEU F 105 -18.86 -24.70 21.89
C LEU F 105 -19.79 -25.31 20.85
N SER F 106 -20.83 -26.03 21.28
CA SER F 106 -21.69 -26.80 20.38
C SER F 106 -23.16 -26.52 20.64
N ILE F 107 -23.58 -26.58 21.90
CA ILE F 107 -24.99 -26.42 22.21
C ILE F 107 -25.40 -24.94 22.13
N PHE F 108 -24.63 -24.07 22.76
CA PHE F 108 -24.91 -22.63 22.75
C PHE F 108 -25.05 -22.08 21.34
N PRO F 109 -24.10 -22.27 20.41
CA PRO F 109 -24.34 -21.78 19.04
C PRO F 109 -25.51 -22.46 18.33
N ILE F 110 -25.86 -23.71 18.68
CA ILE F 110 -27.03 -24.33 18.04
C ILE F 110 -28.31 -23.63 18.49
N LEU F 111 -28.42 -23.38 19.80
CA LEU F 111 -29.59 -22.69 20.33
C LEU F 111 -29.70 -21.28 19.75
N LEU F 112 -28.57 -20.58 19.64
CA LEU F 112 -28.55 -19.26 19.03
C LEU F 112 -29.02 -19.32 17.58
N LEU F 113 -28.37 -20.17 16.77
CA LEU F 113 -28.75 -20.31 15.36
C LEU F 113 -30.25 -20.59 15.22
N GLN F 114 -30.75 -21.58 15.96
CA GLN F 114 -32.15 -21.94 15.92
C GLN F 114 -33.06 -20.74 16.14
N SER F 115 -32.82 -19.97 17.21
CA SER F 115 -33.63 -18.79 17.49
C SER F 115 -33.54 -17.75 16.39
N ALA F 116 -32.48 -17.78 15.59
CA ALA F 116 -32.24 -16.72 14.62
C ALA F 116 -32.95 -16.94 13.30
N ILE F 117 -33.32 -18.18 12.97
CA ILE F 117 -33.73 -18.48 11.60
C ILE F 117 -34.98 -17.67 11.22
N ALA F 118 -36.06 -17.81 11.98
CA ALA F 118 -37.29 -17.12 11.60
C ALA F 118 -37.10 -15.61 11.45
N PRO F 119 -36.53 -14.88 12.42
CA PRO F 119 -36.38 -13.44 12.21
C PRO F 119 -35.41 -13.07 11.10
N LEU F 120 -34.35 -13.85 10.88
CA LEU F 120 -33.44 -13.51 9.80
C LEU F 120 -34.10 -13.77 8.45
N ARG F 121 -34.88 -14.84 8.35
CA ARG F 121 -35.57 -15.14 7.10
C ARG F 121 -36.60 -14.07 6.76
N ALA F 122 -37.36 -13.64 7.77
CA ALA F 122 -38.37 -12.61 7.54
C ALA F 122 -37.77 -11.32 7.01
N ALA F 123 -36.56 -11.00 7.44
CA ALA F 123 -35.89 -9.77 7.04
C ALA F 123 -35.23 -9.86 5.66
N GLY F 124 -35.24 -11.03 5.01
CA GLY F 124 -34.68 -11.17 3.68
C GLY F 124 -33.33 -11.84 3.59
N GLY F 125 -32.82 -12.38 4.70
CA GLY F 125 -31.48 -12.94 4.75
C GLY F 125 -30.56 -12.14 5.65
N ALA F 126 -29.36 -12.69 5.83
CA ALA F 126 -28.37 -12.19 6.77
C ALA F 126 -27.14 -13.08 6.68
N SER F 127 -26.07 -12.75 7.42
CA SER F 127 -24.90 -13.61 7.50
C SER F 127 -24.69 -14.07 8.95
N VAL F 128 -24.39 -15.34 9.14
CA VAL F 128 -24.05 -15.91 10.45
C VAL F 128 -22.65 -16.51 10.37
N ILE F 129 -21.72 -15.96 11.14
CA ILE F 129 -20.31 -16.29 11.08
C ILE F 129 -19.93 -16.96 12.39
N PHE F 130 -19.57 -18.24 12.35
CA PHE F 130 -19.18 -18.93 13.56
C PHE F 130 -17.67 -18.91 13.67
N ILE F 131 -17.17 -18.45 14.80
CA ILE F 131 -15.75 -18.51 15.11
C ILE F 131 -15.52 -19.84 15.80
N THR F 132 -14.73 -20.72 15.18
CA THR F 132 -14.54 -22.03 15.79
C THR F 132 -13.07 -22.20 16.17
N SER F 133 -12.37 -23.10 15.49
CA SER F 133 -10.95 -23.30 15.75
C SER F 133 -10.38 -24.13 14.60
N SER F 134 -9.07 -24.07 14.46
CA SER F 134 -8.40 -24.94 13.51
C SER F 134 -8.70 -26.41 13.78
N VAL F 135 -8.84 -26.79 15.05
CA VAL F 135 -9.11 -28.18 15.38
C VAL F 135 -10.53 -28.57 15.02
N GLY F 136 -11.35 -27.63 14.57
CA GLY F 136 -12.60 -28.02 13.94
C GLY F 136 -12.41 -28.83 12.68
N LYS F 137 -11.22 -28.80 12.10
CA LYS F 137 -10.91 -29.53 10.87
C LYS F 137 -9.71 -30.44 11.02
N LYS F 138 -8.67 -30.01 11.73
CA LYS F 138 -7.43 -30.74 11.87
C LYS F 138 -7.16 -31.05 13.33
N PRO F 139 -7.05 -32.33 13.70
CA PRO F 139 -6.93 -32.70 15.11
C PRO F 139 -5.56 -32.37 15.69
N LEU F 140 -5.55 -32.19 17.00
CA LEU F 140 -4.33 -31.97 17.76
C LEU F 140 -4.34 -32.82 19.01
N ALA F 141 -3.17 -33.38 19.34
CA ALA F 141 -3.03 -34.31 20.46
C ALA F 141 -3.57 -33.73 21.76
N TYR F 142 -3.32 -32.46 22.03
CA TYR F 142 -3.68 -31.89 23.33
C TYR F 142 -5.09 -31.30 23.39
N ASN F 143 -5.87 -31.43 22.32
CA ASN F 143 -7.26 -30.95 22.26
C ASN F 143 -8.23 -32.08 21.96
N PRO F 144 -8.25 -33.13 22.79
CA PRO F 144 -9.10 -34.30 22.50
C PRO F 144 -10.56 -34.15 22.89
N LEU F 145 -10.93 -33.10 23.64
CA LEU F 145 -12.33 -32.82 23.94
C LEU F 145 -12.79 -31.51 23.31
N TYR F 146 -11.87 -30.55 23.26
CA TYR F 146 -12.09 -29.28 22.59
C TYR F 146 -12.32 -29.48 21.10
N GLY F 147 -11.51 -30.34 20.47
CA GLY F 147 -11.61 -30.64 19.06
C GLY F 147 -12.98 -31.15 18.67
N PRO F 148 -13.44 -32.23 19.33
CA PRO F 148 -14.79 -32.73 19.03
C PRO F 148 -15.87 -31.67 19.11
N ALA F 149 -15.89 -30.85 20.18
CA ALA F 149 -16.93 -29.84 20.30
C ALA F 149 -16.80 -28.80 19.19
N ARG F 150 -15.56 -28.46 18.80
CA ARG F 150 -15.37 -27.51 17.70
C ARG F 150 -15.81 -28.10 16.37
N ALA F 151 -15.51 -29.39 16.14
CA ALA F 151 -15.87 -30.00 14.87
C ALA F 151 -17.38 -30.15 14.73
N ALA F 152 -18.11 -30.30 15.83
CA ALA F 152 -19.57 -30.35 15.77
C ALA F 152 -20.12 -29.09 15.11
N THR F 153 -19.61 -27.92 15.54
CA THR F 153 -20.11 -26.63 15.04
C THR F 153 -19.63 -26.33 13.62
N VAL F 154 -18.41 -26.74 13.25
CA VAL F 154 -18.04 -26.67 11.84
C VAL F 154 -19.02 -27.49 10.99
N ALA F 155 -19.37 -28.69 11.47
CA ALA F 155 -20.30 -29.52 10.70
C ALA F 155 -21.72 -28.95 10.74
N LEU F 156 -22.07 -28.24 11.81
CA LEU F 156 -23.35 -27.53 11.81
C LEU F 156 -23.40 -26.50 10.68
N VAL F 157 -22.31 -25.77 10.46
CA VAL F 157 -22.27 -24.77 9.39
C VAL F 157 -22.42 -25.44 8.03
N GLU F 158 -21.65 -26.51 7.80
CA GLU F 158 -21.68 -27.17 6.48
C GLU F 158 -23.05 -27.76 6.16
N SER F 159 -23.71 -28.34 7.16
CA SER F 159 -25.01 -28.95 6.94
C SER F 159 -26.12 -27.90 6.88
N ALA F 160 -26.18 -27.01 7.89
CA ALA F 160 -27.25 -26.01 7.94
C ALA F 160 -27.27 -25.13 6.70
N ALA F 161 -26.10 -24.81 6.14
CA ALA F 161 -26.09 -23.98 4.94
C ALA F 161 -26.80 -24.63 3.77
N LYS F 162 -26.94 -25.97 3.77
CA LYS F 162 -27.59 -26.63 2.64
C LYS F 162 -29.04 -26.18 2.48
N THR F 163 -29.70 -25.85 3.59
CA THR F 163 -31.07 -25.35 3.56
C THR F 163 -31.14 -23.84 3.75
N LEU F 164 -30.40 -23.30 4.73
CA LEU F 164 -30.55 -21.88 5.05
C LEU F 164 -30.11 -20.96 3.92
N SER F 165 -29.15 -21.39 3.08
CA SER F 165 -28.68 -20.49 2.02
C SER F 165 -29.82 -20.11 1.05
N ARG F 166 -30.84 -20.95 0.91
CA ARG F 166 -31.92 -20.62 0.00
C ARG F 166 -32.78 -19.48 0.54
N ASP F 167 -32.71 -19.20 1.83
CA ASP F 167 -33.40 -18.05 2.40
C ASP F 167 -32.52 -16.82 2.47
N GLY F 168 -31.33 -16.86 1.89
CA GLY F 168 -30.40 -15.76 2.00
C GLY F 168 -29.73 -15.67 3.34
N ILE F 169 -29.88 -16.69 4.18
CA ILE F 169 -29.18 -16.75 5.46
C ILE F 169 -27.88 -17.50 5.20
N LEU F 170 -26.76 -16.77 5.17
CA LEU F 170 -25.46 -17.28 4.71
C LEU F 170 -24.58 -17.63 5.90
N LEU F 171 -24.25 -18.91 6.06
CA LEU F 171 -23.47 -19.39 7.20
C LEU F 171 -22.01 -19.67 6.82
N TYR F 172 -21.10 -19.38 7.75
CA TYR F 172 -19.68 -19.61 7.57
C TYR F 172 -19.07 -20.05 8.88
N ALA F 173 -17.94 -20.73 8.77
CA ALA F 173 -17.12 -21.03 9.95
C ALA F 173 -15.71 -20.53 9.68
N ILE F 174 -15.13 -19.88 10.69
CA ILE F 174 -13.73 -19.47 10.68
C ILE F 174 -12.98 -20.30 11.71
N GLY F 175 -11.80 -20.79 11.34
CA GLY F 175 -11.02 -21.66 12.20
C GLY F 175 -9.65 -21.09 12.52
N PRO F 176 -9.56 -20.27 13.56
CA PRO F 176 -8.28 -19.62 13.83
C PRO F 176 -7.29 -20.52 14.52
N ALA F 177 -6.03 -20.21 14.26
CA ALA F 177 -4.92 -20.76 15.03
C ALA F 177 -3.82 -19.72 14.93
N PHE F 178 -3.02 -19.60 16.00
CA PHE F 178 -1.92 -18.63 16.00
C PHE F 178 -2.44 -17.24 15.67
N PHE F 179 -3.57 -16.90 16.30
CA PHE F 179 -4.29 -15.67 16.06
C PHE F 179 -4.13 -14.82 17.32
N ASN F 180 -3.57 -13.63 17.15
CA ASN F 180 -3.41 -12.69 18.26
C ASN F 180 -4.79 -12.32 18.82
N ASN F 181 -5.10 -12.80 20.02
CA ASN F 181 -6.40 -12.55 20.65
C ASN F 181 -6.25 -12.72 22.15
N PRO F 182 -7.08 -12.03 22.95
CA PRO F 182 -6.85 -12.05 24.40
C PRO F 182 -7.10 -13.39 25.07
N THR F 183 -7.74 -14.35 24.40
CA THR F 183 -8.07 -15.62 25.03
C THR F 183 -6.95 -16.64 24.91
N TYR F 184 -6.45 -16.88 23.69
CA TYR F 184 -5.47 -17.93 23.45
C TYR F 184 -4.07 -17.40 23.12
N PHE F 185 -3.93 -16.18 22.59
CA PHE F 185 -2.61 -15.62 22.25
C PHE F 185 -2.56 -14.14 22.61
N PRO F 186 -2.60 -13.82 23.90
CA PRO F 186 -2.55 -12.40 24.29
C PRO F 186 -1.17 -11.83 24.04
N THR F 187 -1.15 -10.55 23.64
CA THR F 187 0.11 -9.87 23.32
C THR F 187 1.09 -9.96 24.47
N SER F 188 0.58 -9.99 25.71
CA SER F 188 1.41 -10.00 26.91
C SER F 188 2.47 -11.09 26.88
N ASP F 189 2.10 -12.32 26.47
CA ASP F 189 3.05 -13.43 26.45
C ASP F 189 4.17 -13.23 25.44
N TRP F 190 3.86 -12.66 24.26
CA TRP F 190 4.70 -12.85 23.08
C TRP F 190 6.15 -12.37 23.31
N GLU F 191 6.33 -11.21 23.92
CA GLU F 191 7.68 -10.72 24.19
C GLU F 191 8.43 -11.60 25.19
N ASN F 192 7.71 -12.34 26.03
CA ASN F 192 8.31 -13.08 27.13
C ASN F 192 8.37 -14.58 26.88
N ASN F 193 7.96 -15.03 25.69
CA ASN F 193 7.71 -16.44 25.40
C ASN F 193 8.54 -16.86 24.18
N PRO F 194 9.83 -17.16 24.37
CA PRO F 194 10.64 -17.60 23.21
C PRO F 194 10.23 -18.96 22.66
N GLU F 195 9.62 -19.84 23.46
CA GLU F 195 9.15 -21.11 22.93
C GLU F 195 8.01 -20.92 21.92
N LEU F 196 7.09 -20.00 22.22
CA LEU F 196 6.04 -19.65 21.28
C LEU F 196 6.62 -19.03 20.01
N ARG F 197 7.53 -18.06 20.17
CA ARG F 197 8.10 -17.41 19.00
C ARG F 197 8.80 -18.41 18.09
N GLU F 198 9.42 -19.45 18.65
CA GLU F 198 10.07 -20.45 17.82
C GLU F 198 9.07 -21.43 17.21
N ARG F 199 8.00 -21.76 17.95
CA ARG F 199 6.94 -22.60 17.42
C ARG F 199 6.29 -21.93 16.21
N VAL F 200 6.07 -20.63 16.29
CA VAL F 200 5.50 -19.87 15.17
C VAL F 200 6.45 -19.88 13.98
N ASP F 201 7.73 -19.58 14.24
CA ASP F 201 8.73 -19.63 13.18
C ASP F 201 8.76 -21.01 12.53
N ARG F 202 8.58 -22.07 13.32
CA ARG F 202 8.62 -23.43 12.78
C ARG F 202 7.35 -23.80 12.04
N ASP F 203 6.17 -23.40 12.56
CA ASP F 203 4.89 -23.99 12.15
C ASP F 203 3.93 -23.06 11.40
N VAL F 204 4.19 -21.76 11.33
CA VAL F 204 3.31 -20.82 10.64
C VAL F 204 4.06 -20.28 9.43
N PRO F 205 3.70 -20.67 8.21
CA PRO F 205 4.43 -20.16 7.03
C PRO F 205 4.45 -18.65 6.93
N LEU F 206 3.37 -17.98 7.31
CA LEU F 206 3.34 -16.52 7.36
C LEU F 206 4.37 -15.96 8.36
N GLY F 207 4.79 -16.76 9.35
CA GLY F 207 5.87 -16.34 10.22
C GLY F 207 5.49 -15.38 11.32
N ARG F 208 4.21 -15.31 11.66
CA ARG F 208 3.75 -14.34 12.65
C ARG F 208 2.33 -14.72 13.04
N LEU F 209 1.89 -14.24 14.20
CA LEU F 209 0.49 -14.37 14.55
C LEU F 209 -0.39 -13.58 13.59
N GLY F 210 -1.60 -14.08 13.39
CA GLY F 210 -2.61 -13.29 12.68
C GLY F 210 -3.08 -12.15 13.55
N ARG F 211 -3.24 -10.92 12.90
CA ARG F 211 -3.58 -9.71 13.66
C ARG F 211 -5.10 -9.56 13.81
N PRO F 212 -5.53 -8.86 14.88
CA PRO F 212 -6.96 -8.55 15.07
C PRO F 212 -7.61 -7.91 13.85
N ASP F 213 -6.95 -6.95 13.19
CA ASP F 213 -7.56 -6.29 12.03
C ASP F 213 -7.69 -7.22 10.84
N GLU F 214 -6.84 -8.24 10.75
CA GLU F 214 -6.93 -9.19 9.65
C GLU F 214 -8.13 -10.12 9.85
N MET F 215 -8.33 -10.59 11.09
CA MET F 215 -9.59 -11.25 11.45
C MET F 215 -10.76 -10.32 11.21
N GLY F 216 -10.63 -9.05 11.56
CA GLY F 216 -11.69 -8.08 11.30
C GLY F 216 -12.02 -7.93 9.81
N ALA F 217 -10.99 -7.92 8.95
CA ALA F 217 -11.20 -7.78 7.52
C ALA F 217 -12.01 -8.95 6.96
N LEU F 218 -11.64 -10.19 7.36
CA LEU F 218 -12.40 -11.38 6.94
C LEU F 218 -13.87 -11.28 7.38
N ILE F 219 -14.10 -10.88 8.63
CA ILE F 219 -15.45 -10.78 9.16
C ILE F 219 -16.27 -9.77 8.37
N THR F 220 -15.72 -8.58 8.10
CA THR F 220 -16.51 -7.56 7.40
C THR F 220 -16.72 -7.91 5.95
N PHE F 221 -15.75 -8.58 5.32
CA PHE F 221 -15.92 -9.07 3.95
C PHE F 221 -17.07 -10.08 3.89
N LEU F 222 -17.07 -11.06 4.81
CA LEU F 222 -18.19 -11.99 4.86
C LEU F 222 -19.50 -11.25 5.11
N ALA F 223 -19.51 -10.34 6.09
CA ALA F 223 -20.73 -9.60 6.43
C ALA F 223 -21.30 -8.83 5.24
N SER F 224 -20.46 -8.41 4.29
CA SER F 224 -20.94 -7.63 3.16
C SER F 224 -21.82 -8.42 2.19
N ARG F 225 -21.72 -9.76 2.18
CA ARG F 225 -22.41 -10.62 1.23
C ARG F 225 -21.94 -10.45 -0.21
N ARG F 226 -20.87 -9.69 -0.45
CA ARG F 226 -20.43 -9.47 -1.83
C ARG F 226 -19.89 -10.74 -2.50
N ALA F 227 -19.51 -11.76 -1.72
CA ALA F 227 -19.13 -13.02 -2.34
C ALA F 227 -19.98 -14.18 -1.82
N ALA F 228 -21.30 -14.02 -1.88
CA ALA F 228 -22.23 -15.03 -1.38
C ALA F 228 -21.95 -16.47 -1.82
N PRO F 229 -21.45 -16.77 -3.02
CA PRO F 229 -21.25 -18.20 -3.39
C PRO F 229 -20.22 -18.96 -2.57
N ILE F 230 -19.44 -18.32 -1.70
CA ILE F 230 -18.53 -19.07 -0.84
C ILE F 230 -19.22 -19.51 0.45
N VAL F 231 -20.55 -19.30 0.52
CA VAL F 231 -21.35 -19.69 1.68
C VAL F 231 -21.13 -21.17 2.03
N GLY F 232 -21.12 -21.46 3.32
CA GLY F 232 -21.26 -22.83 3.79
C GLY F 232 -19.98 -23.61 3.96
N GLN F 233 -18.85 -22.94 4.16
CA GLN F 233 -17.59 -23.64 4.32
C GLN F 233 -16.79 -23.05 5.47
N PHE F 234 -15.70 -23.77 5.76
CA PHE F 234 -14.75 -23.48 6.82
C PHE F 234 -13.59 -22.72 6.21
N PHE F 235 -13.19 -21.61 6.84
CA PHE F 235 -12.01 -20.85 6.44
C PHE F 235 -10.96 -21.00 7.52
N ALA F 236 -9.79 -21.51 7.13
CA ALA F 236 -8.68 -21.51 8.08
C ALA F 236 -8.16 -20.08 8.22
N PHE F 237 -7.82 -19.71 9.47
CA PHE F 237 -7.22 -18.41 9.80
C PHE F 237 -5.97 -18.72 10.62
N THR F 238 -4.95 -19.25 9.94
CA THR F 238 -3.85 -19.91 10.60
C THR F 238 -2.50 -19.48 10.04
N GLY F 239 -2.47 -18.58 9.07
CA GLY F 239 -1.20 -18.23 8.45
C GLY F 239 -0.54 -19.35 7.68
N GLY F 240 -1.33 -20.30 7.15
CA GLY F 240 -0.79 -21.41 6.42
C GLY F 240 -0.44 -22.62 7.26
N TYR F 241 -0.70 -22.59 8.56
CA TYR F 241 -0.49 -23.78 9.37
C TYR F 241 -1.38 -24.91 8.88
N LEU F 242 -2.67 -24.60 8.62
CA LEU F 242 -3.58 -25.51 7.91
C LEU F 242 -3.52 -25.20 6.42
N PRO F 243 -3.84 -26.16 5.53
CA PRO F 243 -4.23 -27.55 5.84
C PRO F 243 -3.02 -28.41 6.23
N VAL G 1 -4.78 -67.76 -9.53
CA VAL G 1 -5.33 -66.43 -9.30
C VAL G 1 -4.18 -65.44 -9.37
N ILE G 2 -4.23 -64.44 -10.24
CA ILE G 2 -3.01 -63.67 -10.44
C ILE G 2 -3.21 -62.21 -10.03
N ALA G 3 -2.12 -61.60 -9.56
CA ALA G 3 -2.02 -60.17 -9.29
C ALA G 3 -0.89 -59.58 -10.12
N LEU G 4 -1.03 -58.29 -10.46
CA LEU G 4 0.02 -57.53 -11.13
C LEU G 4 0.54 -56.47 -10.17
N VAL G 5 1.86 -56.44 -9.95
CA VAL G 5 2.50 -55.48 -9.05
C VAL G 5 3.55 -54.72 -9.86
N THR G 6 3.42 -53.40 -9.92
CA THR G 6 4.39 -52.60 -10.68
C THR G 6 5.55 -52.15 -9.80
N HIS G 7 6.65 -51.76 -10.44
CA HIS G 7 7.88 -51.38 -9.75
C HIS G 7 8.15 -52.29 -8.55
N ALA G 8 8.13 -53.60 -8.81
CA ALA G 8 8.11 -54.57 -7.70
C ALA G 8 9.32 -54.47 -6.76
N ARG G 9 10.42 -53.86 -7.19
CA ARG G 9 11.62 -53.80 -6.36
C ARG G 9 11.72 -52.57 -5.46
N HIS G 10 10.75 -51.65 -5.55
CA HIS G 10 10.80 -50.39 -4.85
C HIS G 10 9.52 -50.14 -4.06
N PHE G 11 9.59 -49.19 -3.13
CA PHE G 11 8.42 -48.63 -2.42
C PHE G 11 7.65 -49.80 -1.80
N ALA G 12 6.35 -49.91 -2.03
CA ALA G 12 5.53 -50.97 -1.44
C ALA G 12 5.62 -52.29 -2.20
N GLY G 13 6.46 -52.37 -3.24
CA GLY G 13 6.53 -53.55 -4.06
C GLY G 13 6.85 -54.82 -3.29
N PRO G 14 7.96 -54.82 -2.56
CA PRO G 14 8.31 -56.03 -1.78
C PRO G 14 7.21 -56.47 -0.81
N ALA G 15 6.63 -55.54 -0.03
CA ALA G 15 5.54 -55.92 0.88
C ALA G 15 4.39 -56.57 0.13
N ALA G 16 4.03 -56.04 -1.05
CA ALA G 16 2.89 -56.57 -1.77
C ALA G 16 3.19 -57.94 -2.36
N VAL G 17 4.39 -58.13 -2.91
CA VAL G 17 4.73 -59.41 -3.51
C VAL G 17 4.67 -60.52 -2.46
N GLU G 18 5.39 -60.31 -1.35
CA GLU G 18 5.41 -61.25 -0.23
C GLU G 18 3.99 -61.65 0.19
N ALA G 19 3.14 -60.66 0.44
CA ALA G 19 1.85 -60.94 1.07
C ALA G 19 0.90 -61.61 0.09
N LEU G 20 0.90 -61.17 -1.16
CA LEU G 20 0.05 -61.74 -2.19
C LEU G 20 0.42 -63.19 -2.50
N THR G 21 1.73 -63.47 -2.71
CA THR G 21 2.16 -64.85 -2.95
C THR G 21 1.85 -65.74 -1.75
N GLN G 22 1.99 -65.21 -0.53
CA GLN G 22 1.64 -65.99 0.64
C GLN G 22 0.15 -66.26 0.72
N ASP G 23 -0.65 -65.42 0.10
CA ASP G 23 -2.10 -65.56 0.06
C ASP G 23 -2.58 -66.36 -1.17
N GLY G 24 -1.68 -67.04 -1.87
CA GLY G 24 -2.06 -67.92 -2.95
C GLY G 24 -2.14 -67.28 -4.32
N TYR G 25 -1.62 -66.06 -4.48
CA TYR G 25 -1.57 -65.40 -5.79
C TYR G 25 -0.31 -65.78 -6.57
N THR G 26 -0.47 -65.97 -7.87
CA THR G 26 0.66 -65.89 -8.79
C THR G 26 0.86 -64.40 -9.07
N VAL G 27 1.96 -63.84 -8.60
CA VAL G 27 2.16 -62.40 -8.68
C VAL G 27 3.05 -62.12 -9.89
N VAL G 28 2.44 -61.57 -10.93
CA VAL G 28 3.17 -61.10 -12.12
C VAL G 28 3.73 -59.71 -11.80
N CYS G 29 5.03 -59.50 -12.03
CA CYS G 29 5.68 -58.28 -11.58
C CYS G 29 6.31 -57.50 -12.73
N HIS G 30 6.17 -56.18 -12.66
CA HIS G 30 6.85 -55.24 -13.53
C HIS G 30 7.94 -54.52 -12.74
N ASP G 31 9.03 -54.18 -13.43
CA ASP G 31 10.11 -53.41 -12.84
C ASP G 31 11.09 -53.00 -13.92
N ALA G 32 11.57 -51.76 -13.84
CA ALA G 32 12.47 -51.23 -14.88
C ALA G 32 13.69 -52.12 -15.07
N SER G 33 14.15 -52.78 -14.00
CA SER G 33 15.32 -53.65 -14.09
C SER G 33 15.03 -54.90 -14.90
N PHE G 34 13.75 -55.25 -15.09
CA PHE G 34 13.43 -56.45 -15.83
C PHE G 34 13.68 -56.31 -17.33
N ALA G 35 14.10 -55.13 -17.82
CA ALA G 35 14.57 -55.06 -19.20
C ALA G 35 15.86 -55.86 -19.37
N ASP G 36 16.54 -56.18 -18.27
CA ASP G 36 17.71 -57.05 -18.25
C ASP G 36 17.24 -58.47 -17.90
N ALA G 37 17.35 -59.40 -18.87
CA ALA G 37 16.91 -60.78 -18.64
C ALA G 37 17.55 -61.41 -17.41
N ALA G 38 18.83 -61.08 -17.15
CA ALA G 38 19.48 -61.59 -15.94
C ALA G 38 18.78 -61.15 -14.66
N GLU G 39 18.20 -59.95 -14.66
CA GLU G 39 17.44 -59.47 -13.50
C GLU G 39 16.09 -60.21 -13.38
N ARG G 40 15.45 -60.54 -14.52
CA ARG G 40 14.21 -61.29 -14.46
C ARG G 40 14.43 -62.68 -13.87
N GLN G 41 15.41 -63.41 -14.41
CA GLN G 41 15.70 -64.75 -13.91
C GLN G 41 16.08 -64.70 -12.44
N ARG G 42 16.84 -63.68 -12.03
CA ARG G 42 17.25 -63.60 -10.63
C ARG G 42 16.05 -63.29 -9.72
N PHE G 43 15.19 -62.37 -10.14
CA PHE G 43 14.05 -62.02 -9.30
C PHE G 43 13.11 -63.22 -9.12
N GLU G 44 12.81 -63.93 -10.20
CA GLU G 44 11.97 -65.12 -10.10
C GLU G 44 12.61 -66.18 -9.22
N SER G 45 13.95 -66.24 -9.23
CA SER G 45 14.68 -67.18 -8.38
C SER G 45 14.46 -66.90 -6.90
N GLU G 46 14.60 -65.63 -6.50
CA GLU G 46 14.56 -65.26 -5.09
C GLU G 46 13.14 -65.00 -4.58
N ASN G 47 12.13 -64.99 -5.45
CA ASN G 47 10.76 -64.67 -5.05
C ASN G 47 9.82 -65.76 -5.54
N PRO G 48 9.59 -66.78 -4.73
CA PRO G 48 8.70 -67.86 -5.14
C PRO G 48 7.32 -67.34 -5.53
N GLY G 49 6.74 -67.98 -6.55
CA GLY G 49 5.40 -67.63 -6.98
C GLY G 49 5.30 -66.39 -7.83
N THR G 50 6.42 -65.89 -8.37
CA THR G 50 6.43 -64.66 -9.15
C THR G 50 6.82 -64.91 -10.59
N ILE G 51 6.24 -64.11 -11.48
CA ILE G 51 6.63 -64.04 -12.90
C ILE G 51 7.10 -62.61 -13.15
N ALA G 52 8.31 -62.46 -13.71
CA ALA G 52 8.85 -61.14 -14.03
C ALA G 52 8.65 -60.80 -15.51
N LEU G 53 7.94 -59.71 -15.78
CA LEU G 53 7.69 -59.24 -17.14
C LEU G 53 8.87 -58.47 -17.70
N ALA G 54 9.06 -58.57 -19.02
CA ALA G 54 9.99 -57.71 -19.73
C ALA G 54 9.39 -56.33 -20.06
N GLU G 55 8.06 -56.28 -20.23
CA GLU G 55 7.34 -55.08 -20.67
C GLU G 55 7.62 -53.87 -19.78
N GLN G 56 7.68 -52.70 -20.41
CA GLN G 56 7.95 -51.44 -19.73
C GLN G 56 6.90 -50.38 -19.94
N LYS G 57 6.14 -50.41 -21.03
CA LYS G 57 5.15 -49.36 -21.25
C LYS G 57 3.93 -49.63 -20.39
N PRO G 58 3.44 -48.63 -19.64
CA PRO G 58 2.32 -48.88 -18.72
C PRO G 58 1.10 -49.48 -19.38
N GLU G 59 0.77 -49.02 -20.59
CA GLU G 59 -0.44 -49.45 -21.27
C GLU G 59 -0.34 -50.86 -21.86
N ARG G 60 0.82 -51.50 -21.75
CA ARG G 60 1.01 -52.86 -22.25
C ARG G 60 1.20 -53.90 -21.15
N LEU G 61 1.30 -53.46 -19.88
CA LEU G 61 1.49 -54.37 -18.76
C LEU G 61 0.33 -55.37 -18.66
N VAL G 62 -0.90 -54.89 -18.85
CA VAL G 62 -2.07 -55.75 -18.62
C VAL G 62 -2.09 -56.90 -19.62
N ASP G 63 -1.84 -56.58 -20.89
CA ASP G 63 -1.80 -57.64 -21.90
C ASP G 63 -0.64 -58.59 -21.66
N ALA G 64 0.52 -58.05 -21.26
CA ALA G 64 1.65 -58.91 -20.91
C ALA G 64 1.30 -59.82 -19.74
N THR G 65 0.54 -59.29 -18.77
CA THR G 65 0.14 -60.09 -17.64
C THR G 65 -0.82 -61.20 -18.07
N LEU G 66 -1.74 -60.88 -18.98
CA LEU G 66 -2.72 -61.87 -19.41
C LEU G 66 -2.10 -62.98 -20.26
N GLN G 67 -0.84 -62.86 -20.63
CA GLN G 67 -0.12 -63.95 -21.28
C GLN G 67 0.11 -65.12 -20.34
N HIS G 68 -0.24 -64.96 -19.06
CA HIS G 68 0.10 -65.92 -18.01
C HIS G 68 -1.12 -66.36 -17.22
N GLY G 69 -2.32 -65.98 -17.65
CA GLY G 69 -3.52 -66.36 -16.94
C GLY G 69 -4.72 -65.76 -17.64
N GLU G 70 -5.90 -66.26 -17.27
CA GLU G 70 -7.11 -65.83 -17.94
C GLU G 70 -7.62 -64.46 -17.48
N ALA G 71 -7.24 -64.02 -16.28
CA ALA G 71 -7.77 -62.78 -15.74
C ALA G 71 -6.89 -62.28 -14.61
N ILE G 72 -6.96 -60.98 -14.36
CA ILE G 72 -6.21 -60.32 -13.31
C ILE G 72 -7.15 -60.05 -12.15
N ASP G 73 -6.89 -60.70 -11.00
CA ASP G 73 -7.73 -60.44 -9.84
C ASP G 73 -7.46 -59.06 -9.23
N THR G 74 -6.20 -58.62 -9.24
CA THR G 74 -5.77 -57.47 -8.45
C THR G 74 -4.58 -56.81 -9.13
N ILE G 75 -4.58 -55.48 -9.20
CA ILE G 75 -3.45 -54.72 -9.67
C ILE G 75 -2.99 -53.80 -8.55
N VAL G 76 -1.71 -53.88 -8.21
CA VAL G 76 -1.09 -52.95 -7.28
C VAL G 76 -0.27 -51.99 -8.12
N SER G 77 -0.78 -50.77 -8.25
CA SER G 77 -0.11 -49.72 -9.02
C SER G 77 0.79 -48.98 -8.05
N ASN G 78 2.02 -49.47 -7.95
CA ASN G 78 3.02 -49.08 -6.96
C ASN G 78 3.96 -48.09 -7.63
N ASP G 79 3.49 -46.86 -7.76
CA ASP G 79 4.22 -45.83 -8.46
C ASP G 79 5.18 -45.09 -7.53
N TYR G 80 6.36 -44.79 -8.02
CA TYR G 80 7.36 -44.18 -7.17
C TYR G 80 8.33 -43.36 -8.03
N ILE G 81 9.04 -42.46 -7.36
CA ILE G 81 10.11 -41.67 -7.96
C ILE G 81 11.34 -41.89 -7.07
N PRO G 82 12.52 -42.16 -7.63
CA PRO G 82 13.70 -42.34 -6.79
C PRO G 82 13.93 -41.14 -5.86
N ARG G 83 14.15 -41.43 -4.58
CA ARG G 83 14.66 -40.39 -3.69
C ARG G 83 15.98 -39.84 -4.23
N PRO G 84 16.27 -38.55 -4.00
CA PRO G 84 15.44 -37.54 -3.34
C PRO G 84 14.62 -36.73 -4.32
N MET G 85 14.16 -37.31 -5.44
CA MET G 85 13.35 -36.49 -6.34
C MET G 85 12.06 -36.04 -5.68
N ASN G 86 11.55 -36.78 -4.70
CA ASN G 86 10.32 -36.36 -4.04
C ASN G 86 10.48 -35.02 -3.34
N ARG G 87 11.72 -34.59 -3.05
CA ARG G 87 12.02 -33.31 -2.40
C ARG G 87 12.34 -32.20 -3.40
N LEU G 88 12.06 -32.41 -4.68
CA LEU G 88 12.35 -31.43 -5.72
C LEU G 88 11.67 -30.10 -5.43
N PRO G 89 12.43 -28.99 -5.34
CA PRO G 89 11.82 -27.69 -5.04
C PRO G 89 11.22 -27.05 -6.29
N LEU G 90 10.49 -25.95 -6.05
CA LEU G 90 10.00 -25.14 -7.16
C LEU G 90 11.14 -24.39 -7.84
N GLU G 91 11.92 -23.64 -7.07
CA GLU G 91 12.97 -22.83 -7.67
C GLU G 91 14.07 -23.70 -8.28
N GLY G 92 14.54 -23.30 -9.47
CA GLY G 92 15.67 -23.93 -10.12
C GLY G 92 15.40 -25.27 -10.78
N THR G 93 14.24 -25.86 -10.55
CA THR G 93 13.99 -27.20 -11.04
C THR G 93 13.70 -27.16 -12.53
N SER G 94 14.26 -28.12 -13.27
CA SER G 94 14.13 -28.10 -14.71
C SER G 94 12.72 -28.51 -15.14
N GLU G 95 12.30 -28.00 -16.30
CA GLU G 95 11.03 -28.43 -16.85
C GLU G 95 11.03 -29.94 -17.09
N ALA G 96 12.18 -30.50 -17.45
CA ALA G 96 12.29 -31.94 -17.66
C ALA G 96 12.01 -32.70 -16.38
N ASP G 97 12.46 -32.18 -15.22
CA ASP G 97 12.23 -32.86 -13.96
C ASP G 97 10.78 -32.72 -13.52
N ILE G 98 10.16 -31.56 -13.76
CA ILE G 98 8.74 -31.40 -13.49
C ILE G 98 7.93 -32.40 -14.29
N ARG G 99 8.23 -32.53 -15.58
CA ARG G 99 7.46 -33.44 -16.42
C ARG G 99 7.70 -34.88 -16.01
N GLN G 100 8.93 -35.24 -15.63
CA GLN G 100 9.15 -36.61 -15.21
C GLN G 100 8.36 -36.94 -13.95
N MET G 101 8.19 -35.95 -13.06
CA MET G 101 7.49 -36.21 -11.81
C MET G 101 6.02 -36.56 -12.08
N PHE G 102 5.35 -35.79 -12.94
CA PHE G 102 4.01 -36.14 -13.34
C PHE G 102 3.99 -37.43 -14.16
N GLU G 103 5.01 -37.68 -14.98
CA GLU G 103 5.02 -38.88 -15.80
C GLU G 103 5.03 -40.13 -14.93
N ALA G 104 5.87 -40.15 -13.90
CA ALA G 104 5.99 -41.38 -13.11
C ALA G 104 4.86 -41.55 -12.11
N LEU G 105 4.33 -40.46 -11.55
CA LEU G 105 3.36 -40.61 -10.46
C LEU G 105 1.91 -40.30 -10.85
N SER G 106 1.66 -39.78 -12.05
CA SER G 106 0.30 -39.42 -12.47
C SER G 106 -0.05 -40.02 -13.83
N ILE G 107 0.83 -39.86 -14.82
CA ILE G 107 0.50 -40.30 -16.17
C ILE G 107 0.60 -41.81 -16.27
N PHE G 108 1.68 -42.39 -15.77
CA PHE G 108 1.87 -43.83 -15.76
C PHE G 108 0.65 -44.54 -15.16
N PRO G 109 0.21 -44.24 -13.92
CA PRO G 109 -1.00 -44.91 -13.40
C PRO G 109 -2.26 -44.72 -14.25
N ILE G 110 -2.44 -43.58 -14.92
CA ILE G 110 -3.63 -43.39 -15.77
C ILE G 110 -3.59 -44.30 -16.99
N LEU G 111 -2.45 -44.34 -17.69
CA LEU G 111 -2.34 -45.21 -18.87
C LEU G 111 -2.52 -46.68 -18.48
N LEU G 112 -1.97 -47.08 -17.34
CA LEU G 112 -2.19 -48.44 -16.84
C LEU G 112 -3.69 -48.69 -16.57
N LEU G 113 -4.35 -47.77 -15.85
CA LEU G 113 -5.75 -47.99 -15.49
C LEU G 113 -6.63 -48.02 -16.72
N GLN G 114 -6.49 -47.03 -17.60
CA GLN G 114 -7.27 -46.98 -18.83
C GLN G 114 -7.20 -48.30 -19.59
N SER G 115 -6.00 -48.88 -19.69
CA SER G 115 -5.80 -50.13 -20.41
C SER G 115 -6.43 -51.32 -19.70
N ALA G 116 -6.65 -51.25 -18.40
CA ALA G 116 -7.15 -52.39 -17.66
C ALA G 116 -8.67 -52.50 -17.64
N ILE G 117 -9.40 -51.47 -18.06
CA ILE G 117 -10.82 -51.41 -17.75
C ILE G 117 -11.59 -52.46 -18.53
N ALA G 118 -11.28 -52.64 -19.81
CA ALA G 118 -12.04 -53.62 -20.59
C ALA G 118 -11.78 -55.05 -20.12
N PRO G 119 -10.52 -55.52 -19.98
CA PRO G 119 -10.33 -56.89 -19.48
C PRO G 119 -10.81 -57.10 -18.06
N LEU G 120 -10.63 -56.11 -17.17
CA LEU G 120 -11.11 -56.28 -15.81
C LEU G 120 -12.64 -56.36 -15.76
N ARG G 121 -13.33 -55.59 -16.61
CA ARG G 121 -14.78 -55.67 -16.65
C ARG G 121 -15.24 -57.00 -17.24
N ALA G 122 -14.57 -57.46 -18.31
CA ALA G 122 -14.89 -58.75 -18.91
C ALA G 122 -14.82 -59.86 -17.88
N ALA G 123 -13.87 -59.79 -16.96
CA ALA G 123 -13.77 -60.85 -15.97
C ALA G 123 -14.75 -60.69 -14.82
N GLY G 124 -15.58 -59.65 -14.83
CA GLY G 124 -16.58 -59.50 -13.80
C GLY G 124 -16.12 -58.74 -12.58
N GLY G 125 -14.94 -58.11 -12.63
CA GLY G 125 -14.47 -57.28 -11.54
C GLY G 125 -13.00 -57.59 -11.21
N ALA G 126 -12.46 -56.71 -10.36
CA ALA G 126 -11.09 -56.79 -9.87
C ALA G 126 -10.86 -55.68 -8.86
N SER G 127 -9.68 -55.67 -8.23
CA SER G 127 -9.28 -54.59 -7.34
C SER G 127 -8.06 -53.91 -7.94
N VAL G 128 -8.06 -52.58 -7.97
CA VAL G 128 -6.88 -51.84 -8.40
C VAL G 128 -6.47 -50.94 -7.23
N ILE G 129 -5.28 -51.18 -6.70
CA ILE G 129 -4.80 -50.53 -5.49
C ILE G 129 -3.63 -49.62 -5.88
N PHE G 130 -3.82 -48.31 -5.74
CA PHE G 130 -2.78 -47.33 -6.04
C PHE G 130 -1.98 -46.98 -4.79
N ILE G 131 -0.67 -47.17 -4.84
CA ILE G 131 0.21 -46.72 -3.76
C ILE G 131 0.63 -45.29 -4.07
N THR G 132 0.22 -44.34 -3.23
CA THR G 132 0.48 -42.93 -3.48
C THR G 132 1.41 -42.44 -2.37
N SER G 133 0.97 -41.50 -1.55
CA SER G 133 1.77 -40.90 -0.50
C SER G 133 0.86 -40.12 0.43
N SER G 134 1.34 -39.91 1.66
CA SER G 134 0.59 -39.07 2.58
C SER G 134 0.36 -37.68 2.02
N VAL G 135 1.28 -37.19 1.16
CA VAL G 135 1.09 -35.88 0.56
C VAL G 135 0.02 -35.87 -0.53
N GLY G 136 -0.53 -37.03 -0.90
CA GLY G 136 -1.73 -37.01 -1.73
C GLY G 136 -2.89 -36.30 -1.08
N LYS G 137 -2.87 -36.19 0.24
CA LYS G 137 -3.96 -35.62 1.02
C LYS G 137 -3.50 -34.46 1.90
N LYS G 138 -2.26 -34.50 2.39
CA LYS G 138 -1.77 -33.56 3.38
C LYS G 138 -0.49 -32.92 2.87
N PRO G 139 -0.45 -31.62 2.64
CA PRO G 139 0.72 -31.01 2.00
C PRO G 139 1.90 -30.90 2.94
N LEU G 140 3.08 -30.84 2.35
CA LEU G 140 4.33 -30.72 3.10
C LEU G 140 5.23 -29.72 2.37
N ALA G 141 5.88 -28.85 3.14
CA ALA G 141 6.72 -27.80 2.58
C ALA G 141 7.75 -28.33 1.59
N TYR G 142 8.35 -29.49 1.88
CA TYR G 142 9.43 -29.98 1.03
C TYR G 142 8.96 -30.78 -0.18
N ASN G 143 7.63 -30.93 -0.41
CA ASN G 143 7.20 -31.78 -1.51
C ASN G 143 6.30 -30.98 -2.47
N PRO G 144 6.73 -29.79 -2.92
CA PRO G 144 5.80 -28.92 -3.67
C PRO G 144 5.52 -29.39 -5.08
N LEU G 145 6.20 -30.41 -5.56
CA LEU G 145 5.93 -30.97 -6.87
C LEU G 145 5.53 -32.43 -6.79
N TYR G 146 6.20 -33.20 -5.94
CA TYR G 146 5.78 -34.55 -5.60
C TYR G 146 4.35 -34.55 -5.05
N GLY G 147 4.03 -33.60 -4.18
CA GLY G 147 2.69 -33.50 -3.64
C GLY G 147 1.63 -33.41 -4.73
N PRO G 148 1.74 -32.41 -5.63
CA PRO G 148 0.74 -32.31 -6.69
C PRO G 148 0.58 -33.57 -7.51
N ALA G 149 1.68 -34.23 -7.87
CA ALA G 149 1.56 -35.40 -8.73
C ALA G 149 0.89 -36.56 -7.99
N ARG G 150 1.15 -36.69 -6.69
CA ARG G 150 0.47 -37.71 -5.90
C ARG G 150 -1.02 -37.39 -5.76
N ALA G 151 -1.34 -36.12 -5.58
CA ALA G 151 -2.72 -35.71 -5.36
C ALA G 151 -3.58 -35.93 -6.59
N ALA G 152 -2.96 -35.86 -7.79
CA ALA G 152 -3.68 -36.17 -9.02
C ALA G 152 -4.14 -37.61 -9.04
N THR G 153 -3.26 -38.52 -8.61
CA THR G 153 -3.61 -39.94 -8.63
C THR G 153 -4.63 -40.31 -7.55
N VAL G 154 -4.54 -39.70 -6.35
CA VAL G 154 -5.59 -39.87 -5.35
C VAL G 154 -6.94 -39.41 -5.91
N ALA G 155 -6.94 -38.28 -6.62
CA ALA G 155 -8.19 -37.76 -7.19
C ALA G 155 -8.64 -38.61 -8.36
N LEU G 156 -7.68 -39.26 -9.03
CA LEU G 156 -8.04 -40.25 -10.04
C LEU G 156 -8.85 -41.39 -9.44
N VAL G 157 -8.36 -41.95 -8.31
CA VAL G 157 -9.08 -43.00 -7.61
C VAL G 157 -10.48 -42.54 -7.24
N GLU G 158 -10.59 -41.39 -6.56
CA GLU G 158 -11.88 -40.94 -6.05
C GLU G 158 -12.87 -40.73 -7.20
N SER G 159 -12.40 -40.18 -8.33
CA SER G 159 -13.31 -39.89 -9.43
C SER G 159 -13.64 -41.14 -10.24
N ALA G 160 -12.61 -41.92 -10.63
CA ALA G 160 -12.84 -43.09 -11.47
C ALA G 160 -13.67 -44.14 -10.74
N ALA G 161 -13.55 -44.19 -9.42
CA ALA G 161 -14.34 -45.15 -8.67
C ALA G 161 -15.83 -44.90 -8.84
N LYS G 162 -16.24 -43.65 -9.09
CA LYS G 162 -17.67 -43.36 -9.20
C LYS G 162 -18.31 -44.14 -10.35
N THR G 163 -17.56 -44.44 -11.39
CA THR G 163 -18.06 -45.25 -12.52
C THR G 163 -17.62 -46.70 -12.48
N LEU G 164 -16.33 -46.95 -12.22
CA LEU G 164 -15.79 -48.33 -12.31
C LEU G 164 -16.35 -49.24 -11.23
N SER G 165 -16.80 -48.69 -10.09
CA SER G 165 -17.34 -49.53 -9.02
C SER G 165 -18.52 -50.36 -9.51
N ARG G 166 -19.37 -49.77 -10.37
CA ARG G 166 -20.55 -50.49 -10.86
C ARG G 166 -20.17 -51.70 -11.71
N ASP G 167 -18.98 -51.68 -12.32
CA ASP G 167 -18.43 -52.84 -13.03
C ASP G 167 -17.74 -53.84 -12.10
N GLY G 168 -17.78 -53.63 -10.79
CA GLY G 168 -17.03 -54.49 -9.90
C GLY G 168 -15.53 -54.25 -9.92
N ILE G 169 -15.07 -53.18 -10.56
CA ILE G 169 -13.65 -52.82 -10.54
C ILE G 169 -13.45 -51.81 -9.40
N LEU G 170 -12.83 -52.26 -8.31
CA LEU G 170 -12.79 -51.50 -7.06
C LEU G 170 -11.43 -50.83 -6.92
N LEU G 171 -11.43 -49.50 -6.87
CA LEU G 171 -10.20 -48.69 -6.79
C LEU G 171 -10.00 -48.17 -5.38
N TYR G 172 -8.74 -48.16 -4.94
CA TYR G 172 -8.34 -47.67 -3.63
C TYR G 172 -7.00 -46.97 -3.80
N ALA G 173 -6.74 -46.00 -2.92
CA ALA G 173 -5.42 -45.39 -2.82
C ALA G 173 -4.91 -45.54 -1.39
N ILE G 174 -3.63 -45.89 -1.27
CA ILE G 174 -2.95 -45.97 0.02
C ILE G 174 -1.91 -44.87 0.08
N GLY G 175 -1.90 -44.14 1.19
CA GLY G 175 -1.01 -43.02 1.37
C GLY G 175 -0.01 -43.27 2.49
N PRO G 176 1.13 -43.87 2.16
CA PRO G 176 2.07 -44.24 3.21
C PRO G 176 2.96 -43.07 3.65
N ALA G 177 3.37 -43.15 4.91
CA ALA G 177 4.40 -42.28 5.42
C ALA G 177 5.00 -43.03 6.60
N PHE G 178 6.32 -42.89 6.79
CA PHE G 178 6.99 -43.56 7.90
C PHE G 178 6.78 -45.06 7.79
N PHE G 179 6.74 -45.54 6.54
CA PHE G 179 6.54 -46.95 6.20
C PHE G 179 7.92 -47.55 5.89
N ASN G 180 8.28 -48.61 6.63
CA ASN G 180 9.54 -49.32 6.40
C ASN G 180 9.54 -49.91 4.99
N ASN G 181 10.30 -49.31 4.08
CA ASN G 181 10.36 -49.78 2.70
C ASN G 181 11.67 -49.29 2.09
N PRO G 182 12.16 -49.95 1.03
CA PRO G 182 13.54 -49.67 0.57
C PRO G 182 13.72 -48.33 -0.09
N THR G 183 12.64 -47.68 -0.53
CA THR G 183 12.75 -46.38 -1.18
C THR G 183 12.92 -45.25 -0.16
N TYR G 184 11.96 -45.11 0.75
CA TYR G 184 11.93 -43.95 1.65
C TYR G 184 12.40 -44.25 3.07
N PHE G 185 12.23 -45.46 3.58
CA PHE G 185 12.50 -45.72 4.98
C PHE G 185 13.07 -47.13 5.16
N PRO G 186 14.27 -47.44 4.60
CA PRO G 186 14.76 -48.76 4.82
C PRO G 186 15.29 -48.94 6.24
N THR G 187 15.41 -50.22 6.63
CA THR G 187 15.75 -50.54 8.02
C THR G 187 17.12 -49.99 8.40
N SER G 188 18.03 -49.93 7.41
CA SER G 188 19.33 -49.29 7.59
C SER G 188 19.18 -47.87 8.13
N ASP G 189 18.30 -47.07 7.50
CA ASP G 189 18.11 -45.67 7.87
C ASP G 189 17.69 -45.55 9.33
N TRP G 190 16.76 -46.41 9.77
CA TRP G 190 16.32 -46.35 11.16
C TRP G 190 17.50 -46.58 12.10
N GLU G 191 18.43 -47.44 11.72
CA GLU G 191 19.61 -47.71 12.54
C GLU G 191 20.62 -46.56 12.48
N ASN G 192 20.81 -45.97 11.29
CA ASN G 192 21.89 -45.00 11.04
C ASN G 192 21.52 -43.54 11.27
N ASN G 193 20.23 -43.20 11.43
CA ASN G 193 19.79 -41.81 11.46
C ASN G 193 19.08 -41.54 12.78
N PRO G 194 19.80 -41.10 13.82
CA PRO G 194 19.13 -40.77 15.08
C PRO G 194 18.10 -39.66 14.94
N GLU G 195 18.18 -38.84 13.88
CA GLU G 195 17.14 -37.84 13.65
C GLU G 195 15.85 -38.49 13.16
N LEU G 196 15.92 -39.62 12.46
CA LEU G 196 14.70 -40.34 12.09
C LEU G 196 13.99 -40.91 13.30
N ARG G 197 14.74 -41.53 14.21
CA ARG G 197 14.13 -42.13 15.39
C ARG G 197 13.48 -41.05 16.26
N GLU G 198 14.12 -39.88 16.37
CA GLU G 198 13.55 -38.77 17.13
C GLU G 198 12.33 -38.18 16.42
N ARG G 199 12.36 -38.13 15.09
CA ARG G 199 11.24 -37.56 14.35
C ARG G 199 10.02 -38.48 14.44
N VAL G 200 10.23 -39.80 14.44
CA VAL G 200 9.13 -40.73 14.60
C VAL G 200 8.55 -40.66 16.01
N ASP G 201 9.41 -40.52 17.03
CA ASP G 201 8.89 -40.39 18.39
C ASP G 201 8.00 -39.17 18.54
N ARG G 202 8.39 -38.07 17.87
CA ARG G 202 7.66 -36.80 17.97
C ARG G 202 6.35 -36.84 17.17
N ASP G 203 6.39 -37.27 15.91
CA ASP G 203 5.26 -37.07 15.00
C ASP G 203 4.49 -38.34 14.60
N VAL G 204 4.91 -39.54 14.99
CA VAL G 204 4.21 -40.77 14.64
C VAL G 204 3.55 -41.31 15.90
N PRO G 205 2.22 -41.24 16.04
CA PRO G 205 1.57 -41.76 17.27
C PRO G 205 1.93 -43.21 17.56
N LEU G 206 1.91 -44.06 16.53
CA LEU G 206 2.31 -45.46 16.73
C LEU G 206 3.72 -45.57 17.31
N GLY G 207 4.59 -44.60 17.04
CA GLY G 207 5.90 -44.59 17.63
C GLY G 207 6.93 -45.44 16.93
N ARG G 208 6.63 -45.90 15.72
CA ARG G 208 7.49 -46.81 14.98
C ARG G 208 7.11 -46.74 13.52
N LEU G 209 7.99 -47.24 12.67
CA LEU G 209 7.68 -47.34 11.25
C LEU G 209 6.66 -48.45 11.00
N GLY G 210 5.81 -48.26 9.98
CA GLY G 210 4.91 -49.33 9.60
C GLY G 210 5.70 -50.50 9.03
N ARG G 211 5.23 -51.78 9.38
CA ARG G 211 6.02 -52.92 8.94
C ARG G 211 5.59 -53.34 7.53
N PRO G 212 6.48 -53.96 6.76
CA PRO G 212 6.04 -54.49 5.46
C PRO G 212 4.88 -55.48 5.54
N ASP G 213 4.86 -56.36 6.55
CA ASP G 213 3.73 -57.28 6.66
C ASP G 213 2.43 -56.54 6.95
N GLU G 214 2.51 -55.37 7.59
CA GLU G 214 1.29 -54.61 7.86
C GLU G 214 0.76 -53.98 6.58
N MET G 215 1.67 -53.52 5.70
CA MET G 215 1.24 -53.03 4.39
C MET G 215 0.71 -54.19 3.56
N GLY G 216 1.42 -55.32 3.60
CA GLY G 216 0.91 -56.52 2.94
C GLY G 216 -0.47 -56.93 3.44
N ALA G 217 -0.69 -56.84 4.76
CA ALA G 217 -2.00 -57.19 5.32
C ALA G 217 -3.09 -56.29 4.78
N LEU G 218 -2.82 -54.98 4.67
CA LEU G 218 -3.80 -54.08 4.09
C LEU G 218 -4.07 -54.45 2.63
N ILE G 219 -3.02 -54.65 1.84
CA ILE G 219 -3.18 -54.94 0.41
C ILE G 219 -3.96 -56.22 0.21
N THR G 220 -3.66 -57.22 1.02
CA THR G 220 -4.25 -58.53 0.86
C THR G 220 -5.73 -58.50 1.29
N PHE G 221 -6.05 -57.65 2.28
CA PHE G 221 -7.43 -57.43 2.70
C PHE G 221 -8.25 -56.76 1.61
N LEU G 222 -7.69 -55.71 0.99
CA LEU G 222 -8.41 -55.06 -0.11
C LEU G 222 -8.57 -56.02 -1.28
N ALA G 223 -7.57 -56.85 -1.54
CA ALA G 223 -7.62 -57.77 -2.67
C ALA G 223 -8.72 -58.81 -2.52
N SER G 224 -9.10 -59.13 -1.28
CA SER G 224 -10.13 -60.13 -1.04
C SER G 224 -11.52 -59.65 -1.46
N ARG G 225 -11.71 -58.33 -1.58
CA ARG G 225 -13.00 -57.70 -1.87
C ARG G 225 -14.05 -58.00 -0.80
N ARG G 226 -13.67 -58.55 0.35
CA ARG G 226 -14.65 -58.91 1.36
C ARG G 226 -15.28 -57.68 2.02
N ALA G 227 -14.65 -56.51 1.93
CA ALA G 227 -15.27 -55.28 2.41
C ALA G 227 -15.43 -54.27 1.27
N ALA G 228 -15.99 -54.72 0.13
CA ALA G 228 -16.25 -53.92 -1.07
C ALA G 228 -16.77 -52.49 -0.82
N PRO G 229 -17.67 -52.25 0.14
CA PRO G 229 -18.25 -50.90 0.26
C PRO G 229 -17.28 -49.81 0.69
N ILE G 230 -16.02 -50.12 1.01
CA ILE G 230 -15.05 -49.06 1.29
C ILE G 230 -14.30 -48.62 0.03
N VAL G 231 -14.65 -49.17 -1.15
CA VAL G 231 -14.15 -48.73 -2.44
C VAL G 231 -14.15 -47.20 -2.61
N GLY G 232 -13.15 -46.70 -3.35
CA GLY G 232 -13.15 -45.32 -3.81
C GLY G 232 -12.55 -44.32 -2.85
N GLN G 233 -11.67 -44.78 -1.98
CA GLN G 233 -11.25 -44.05 -0.79
C GLN G 233 -9.74 -44.03 -0.69
N PHE G 234 -9.23 -43.01 0.00
CA PHE G 234 -7.82 -42.88 0.37
C PHE G 234 -7.65 -43.41 1.79
N PHE G 235 -6.67 -44.31 1.99
CA PHE G 235 -6.33 -44.85 3.30
C PHE G 235 -4.94 -44.36 3.71
N ALA G 236 -4.88 -43.62 4.80
CA ALA G 236 -3.58 -43.23 5.34
C ALA G 236 -2.91 -44.45 5.97
N PHE G 237 -1.65 -44.69 5.62
CA PHE G 237 -0.83 -45.75 6.23
C PHE G 237 0.37 -45.07 6.89
N THR G 238 0.14 -44.42 8.04
CA THR G 238 1.09 -43.46 8.58
C THR G 238 1.27 -43.59 10.09
N GLY G 239 0.72 -44.62 10.72
CA GLY G 239 0.81 -44.72 12.17
C GLY G 239 0.15 -43.61 12.93
N GLY G 240 -0.87 -42.97 12.34
CA GLY G 240 -1.56 -41.87 13.00
C GLY G 240 -0.97 -40.51 12.74
N TYR G 241 0.05 -40.42 11.88
CA TYR G 241 0.60 -39.11 11.55
C TYR G 241 -0.43 -38.28 10.79
N LEU G 242 -1.12 -38.86 9.79
CA LEU G 242 -2.35 -38.26 9.29
C LEU G 242 -3.52 -38.75 10.11
N PRO G 243 -4.63 -37.98 10.16
CA PRO G 243 -4.86 -36.68 9.53
C PRO G 243 -4.22 -35.48 10.24
N VAL H 1 -0.35 0.26 -9.93
CA VAL H 1 -0.52 -1.07 -9.33
C VAL H 1 -1.01 -2.10 -10.38
N ILE H 2 -0.23 -3.17 -10.54
CA ILE H 2 -0.35 -4.08 -11.67
C ILE H 2 -0.91 -5.43 -11.21
N ALA H 3 -1.92 -5.93 -11.92
CA ALA H 3 -2.32 -7.32 -11.87
C ALA H 3 -2.07 -7.97 -13.23
N LEU H 4 -1.76 -9.26 -13.19
CA LEU H 4 -1.66 -10.11 -14.37
C LEU H 4 -2.76 -11.14 -14.33
N VAL H 5 -3.58 -11.18 -15.37
CA VAL H 5 -4.67 -12.15 -15.49
C VAL H 5 -4.42 -12.98 -16.74
N THR H 6 -4.39 -14.32 -16.59
CA THR H 6 -4.18 -15.21 -17.72
C THR H 6 -5.52 -15.67 -18.31
N HIS H 7 -5.44 -16.15 -19.56
CA HIS H 7 -6.61 -16.61 -20.32
C HIS H 7 -7.80 -15.66 -20.12
N ALA H 8 -7.56 -14.38 -20.40
CA ALA H 8 -8.46 -13.34 -19.91
C ALA H 8 -9.84 -13.37 -20.55
N ARG H 9 -10.02 -13.99 -21.71
CA ARG H 9 -11.33 -14.04 -22.34
C ARG H 9 -12.16 -15.25 -21.88
N HIS H 10 -11.69 -15.98 -20.87
CA HIS H 10 -12.28 -17.27 -20.54
C HIS H 10 -12.44 -17.44 -19.04
N PHE H 11 -13.30 -18.40 -18.68
CA PHE H 11 -13.45 -18.84 -17.29
C PHE H 11 -13.65 -17.64 -16.37
N ALA H 12 -12.78 -17.48 -15.37
CA ALA H 12 -12.90 -16.36 -14.44
C ALA H 12 -12.17 -15.12 -14.92
N GLY H 13 -11.62 -15.15 -16.13
CA GLY H 13 -10.90 -14.03 -16.70
C GLY H 13 -11.68 -12.72 -16.76
N PRO H 14 -12.83 -12.71 -17.42
CA PRO H 14 -13.63 -11.47 -17.46
C PRO H 14 -13.99 -10.92 -16.11
N ALA H 15 -14.41 -11.79 -15.17
CA ALA H 15 -14.72 -11.33 -13.83
C ALA H 15 -13.49 -10.75 -13.16
N ALA H 16 -12.34 -11.41 -13.32
CA ALA H 16 -11.09 -10.91 -12.79
C ALA H 16 -10.78 -9.53 -13.35
N VAL H 17 -10.81 -9.39 -14.68
CA VAL H 17 -10.42 -8.13 -15.30
C VAL H 17 -11.33 -7.00 -14.83
N GLU H 18 -12.64 -7.26 -14.77
CA GLU H 18 -13.60 -6.23 -14.44
C GLU H 18 -13.41 -5.71 -13.02
N ALA H 19 -13.38 -6.60 -12.02
CA ALA H 19 -13.27 -6.16 -10.64
C ALA H 19 -11.92 -5.51 -10.37
N LEU H 20 -10.85 -6.07 -10.94
CA LEU H 20 -9.52 -5.53 -10.70
C LEU H 20 -9.36 -4.13 -11.29
N THR H 21 -9.81 -3.94 -12.53
CA THR H 21 -9.81 -2.60 -13.12
C THR H 21 -10.64 -1.63 -12.28
N GLN H 22 -11.87 -2.04 -11.92
CA GLN H 22 -12.71 -1.22 -11.05
C GLN H 22 -12.03 -0.88 -9.74
N ASP H 23 -11.10 -1.72 -9.28
CA ASP H 23 -10.41 -1.49 -8.03
C ASP H 23 -9.12 -0.68 -8.17
N GLY H 24 -8.88 -0.07 -9.33
CA GLY H 24 -7.70 0.76 -9.48
C GLY H 24 -6.47 0.07 -10.03
N TYR H 25 -6.56 -1.21 -10.37
CA TYR H 25 -5.44 -1.94 -10.94
C TYR H 25 -5.30 -1.63 -12.43
N THR H 26 -4.06 -1.51 -12.87
CA THR H 26 -3.71 -1.66 -14.28
C THR H 26 -3.64 -3.17 -14.53
N VAL H 27 -4.53 -3.72 -15.34
CA VAL H 27 -4.64 -5.15 -15.51
C VAL H 27 -3.94 -5.58 -16.79
N VAL H 28 -2.81 -6.25 -16.66
CA VAL H 28 -2.07 -6.81 -17.78
C VAL H 28 -2.65 -8.18 -18.09
N CYS H 29 -3.07 -8.40 -19.34
CA CYS H 29 -3.88 -9.57 -19.68
C CYS H 29 -3.19 -10.44 -20.71
N HIS H 30 -3.16 -11.75 -20.44
CA HIS H 30 -2.73 -12.78 -21.36
C HIS H 30 -3.94 -13.48 -21.96
N ASP H 31 -3.77 -13.99 -23.17
CA ASP H 31 -4.81 -14.77 -23.84
C ASP H 31 -4.28 -15.31 -25.15
N ALA H 32 -4.66 -16.54 -25.48
CA ALA H 32 -4.19 -17.16 -26.72
C ALA H 32 -4.58 -16.35 -27.95
N SER H 33 -5.70 -15.62 -27.91
CA SER H 33 -6.11 -14.81 -29.05
C SER H 33 -5.25 -13.56 -29.20
N PHE H 34 -4.52 -13.18 -28.16
CA PHE H 34 -3.68 -12.00 -28.18
C PHE H 34 -2.42 -12.18 -29.02
N ALA H 35 -2.20 -13.34 -29.64
CA ALA H 35 -1.13 -13.44 -30.63
C ALA H 35 -1.39 -12.52 -31.80
N ASP H 36 -2.64 -12.12 -31.98
CA ASP H 36 -3.10 -11.38 -33.14
C ASP H 36 -3.19 -9.92 -32.73
N ALA H 37 -2.53 -9.04 -33.48
CA ALA H 37 -2.37 -7.65 -33.04
C ALA H 37 -3.69 -6.90 -32.96
N ALA H 38 -4.62 -7.18 -33.88
CA ALA H 38 -5.91 -6.47 -33.85
C ALA H 38 -6.74 -6.90 -32.65
N GLU H 39 -6.68 -8.19 -32.29
CA GLU H 39 -7.38 -8.66 -31.10
C GLU H 39 -6.87 -7.93 -29.86
N ARG H 40 -5.56 -7.68 -29.80
CA ARG H 40 -5.01 -6.93 -28.68
C ARG H 40 -5.58 -5.51 -28.62
N GLN H 41 -5.69 -4.83 -29.77
CA GLN H 41 -6.29 -3.50 -29.73
C GLN H 41 -7.79 -3.57 -29.46
N ARG H 42 -8.46 -4.58 -30.00
CA ARG H 42 -9.90 -4.70 -29.79
C ARG H 42 -10.20 -4.98 -28.31
N PHE H 43 -9.35 -5.78 -27.67
CA PHE H 43 -9.54 -6.08 -26.25
C PHE H 43 -9.32 -4.84 -25.40
N GLU H 44 -8.21 -4.13 -25.66
CA GLU H 44 -7.87 -2.94 -24.88
C GLU H 44 -8.91 -1.84 -25.05
N SER H 45 -9.53 -1.76 -26.23
CA SER H 45 -10.52 -0.72 -26.47
C SER H 45 -11.89 -1.06 -25.86
N GLU H 46 -12.18 -2.35 -25.68
CA GLU H 46 -13.38 -2.76 -24.97
C GLU H 46 -13.16 -2.85 -23.47
N ASN H 47 -11.91 -2.81 -22.99
CA ASN H 47 -11.59 -2.98 -21.59
C ASN H 47 -10.62 -1.88 -21.17
N PRO H 48 -11.14 -0.67 -20.93
CA PRO H 48 -10.25 0.44 -20.59
C PRO H 48 -9.53 0.17 -19.28
N GLY H 49 -8.23 0.46 -19.28
CA GLY H 49 -7.38 0.18 -18.15
C GLY H 49 -6.63 -1.14 -18.22
N THR H 50 -6.75 -1.88 -19.32
CA THR H 50 -6.06 -3.15 -19.52
C THR H 50 -4.93 -2.98 -20.51
N ILE H 51 -3.95 -3.89 -20.42
CA ILE H 51 -2.82 -3.96 -21.35
C ILE H 51 -2.74 -5.40 -21.82
N ALA H 52 -2.86 -5.62 -23.13
CA ALA H 52 -2.85 -6.97 -23.68
C ALA H 52 -1.42 -7.41 -24.02
N LEU H 53 -1.05 -8.61 -23.59
CA LEU H 53 0.26 -9.17 -23.88
C LEU H 53 0.27 -9.97 -25.17
N ALA H 54 1.40 -9.90 -25.87
CA ALA H 54 1.66 -10.79 -26.98
C ALA H 54 2.09 -12.17 -26.52
N GLU H 55 2.82 -12.24 -25.41
CA GLU H 55 3.45 -13.47 -24.94
C GLU H 55 2.45 -14.61 -24.77
N GLN H 56 2.89 -15.82 -25.11
CA GLN H 56 2.08 -17.03 -24.98
C GLN H 56 2.72 -18.10 -24.09
N LYS H 57 4.04 -18.05 -23.86
CA LYS H 57 4.65 -19.13 -23.09
C LYS H 57 4.48 -18.86 -21.59
N PRO H 58 4.11 -19.88 -20.80
CA PRO H 58 3.82 -19.63 -19.37
C PRO H 58 4.96 -18.96 -18.63
N GLU H 59 6.20 -19.38 -18.82
CA GLU H 59 7.34 -18.88 -18.06
C GLU H 59 7.83 -17.50 -18.50
N ARG H 60 7.25 -16.91 -19.54
CA ARG H 60 7.66 -15.59 -20.01
C ARG H 60 6.66 -14.48 -19.68
N LEU H 61 5.51 -14.82 -19.10
CA LEU H 61 4.46 -13.83 -18.87
C LEU H 61 4.89 -12.79 -17.84
N VAL H 62 5.59 -13.23 -16.79
CA VAL H 62 5.95 -12.33 -15.68
C VAL H 62 6.87 -11.22 -16.18
N ASP H 63 7.89 -11.58 -16.95
CA ASP H 63 8.80 -10.58 -17.52
C ASP H 63 8.08 -9.64 -18.49
N ALA H 64 7.24 -10.18 -19.37
CA ALA H 64 6.49 -9.32 -20.29
C ALA H 64 5.58 -8.38 -19.52
N THR H 65 5.04 -8.82 -18.39
CA THR H 65 4.23 -7.95 -17.56
C THR H 65 5.07 -6.85 -16.91
N LEU H 66 6.28 -7.17 -16.45
CA LEU H 66 7.08 -6.14 -15.80
C LEU H 66 7.59 -5.08 -16.77
N GLN H 67 7.39 -5.27 -18.07
CA GLN H 67 7.63 -4.21 -19.04
C GLN H 67 6.70 -3.03 -18.85
N HIS H 68 5.62 -3.20 -18.08
CA HIS H 68 4.61 -2.17 -17.88
C HIS H 68 4.51 -1.69 -16.44
N GLY H 69 5.40 -2.13 -15.57
CA GLY H 69 5.32 -1.68 -14.19
C GLY H 69 6.54 -2.09 -13.41
N GLU H 70 6.67 -1.52 -12.21
CA GLU H 70 7.82 -1.86 -11.38
C GLU H 70 7.66 -3.26 -10.81
N ALA H 71 6.43 -3.64 -10.41
CA ALA H 71 6.21 -4.90 -9.72
C ALA H 71 4.79 -5.39 -9.99
N ILE H 72 4.58 -6.70 -9.78
CA ILE H 72 3.28 -7.34 -9.95
C ILE H 72 2.64 -7.50 -8.57
N ASP H 73 1.49 -6.87 -8.36
CA ASP H 73 0.85 -6.96 -7.05
C ASP H 73 0.07 -8.26 -6.91
N THR H 74 -0.55 -8.71 -8.00
CA THR H 74 -1.41 -9.89 -7.97
C THR H 74 -1.32 -10.61 -9.31
N ILE H 75 -1.20 -11.93 -9.26
CA ILE H 75 -1.37 -12.79 -10.43
C ILE H 75 -2.62 -13.62 -10.25
N VAL H 76 -3.52 -13.56 -11.23
CA VAL H 76 -4.64 -14.49 -11.32
C VAL H 76 -4.30 -15.52 -12.39
N SER H 77 -3.95 -16.73 -11.95
CA SER H 77 -3.68 -17.87 -12.83
C SER H 77 -5.02 -18.53 -13.17
N ASN H 78 -5.60 -18.11 -14.30
CA ASN H 78 -6.97 -18.46 -14.69
C ASN H 78 -6.90 -19.58 -15.73
N ASP H 79 -6.62 -20.78 -15.24
CA ASP H 79 -6.39 -21.92 -16.12
C ASP H 79 -7.70 -22.64 -16.45
N TYR H 80 -7.81 -23.08 -17.71
CA TYR H 80 -9.04 -23.67 -18.19
C TYR H 80 -8.75 -24.57 -19.39
N ILE H 81 -9.71 -25.43 -19.68
CA ILE H 81 -9.69 -26.22 -20.91
C ILE H 81 -11.09 -26.18 -21.47
N PRO H 82 -11.25 -26.09 -22.79
CA PRO H 82 -12.60 -25.92 -23.35
C PRO H 82 -13.52 -27.10 -23.10
N ARG H 83 -14.78 -26.78 -22.85
CA ARG H 83 -15.85 -27.77 -22.95
C ARG H 83 -15.86 -28.36 -24.36
N PRO H 84 -16.07 -29.68 -24.51
CA PRO H 84 -16.41 -30.67 -23.49
C PRO H 84 -15.21 -31.50 -23.03
N MET H 85 -14.01 -30.99 -23.28
CA MET H 85 -12.80 -31.74 -22.93
C MET H 85 -12.71 -31.98 -21.42
N ASN H 86 -13.34 -31.12 -20.62
CA ASN H 86 -13.38 -31.30 -19.17
C ASN H 86 -14.14 -32.57 -18.78
N ARG H 87 -15.00 -33.07 -19.65
CA ARG H 87 -15.82 -34.26 -19.39
C ARG H 87 -15.27 -35.50 -20.07
N LEU H 88 -14.01 -35.48 -20.52
CA LEU H 88 -13.47 -36.64 -21.20
C LEU H 88 -13.44 -37.82 -20.26
N PRO H 89 -13.94 -38.98 -20.69
CA PRO H 89 -13.92 -40.18 -19.84
C PRO H 89 -12.54 -40.84 -19.82
N LEU H 90 -12.42 -41.80 -18.92
CA LEU H 90 -11.23 -42.62 -18.82
C LEU H 90 -11.04 -43.49 -20.06
N GLU H 91 -12.11 -44.14 -20.53
CA GLU H 91 -12.02 -45.13 -21.60
C GLU H 91 -12.02 -44.45 -22.96
N GLY H 92 -11.07 -44.85 -23.82
CA GLY H 92 -11.08 -44.41 -25.20
C GLY H 92 -10.47 -43.05 -25.44
N THR H 93 -10.14 -42.30 -24.40
CA THR H 93 -9.55 -40.97 -24.57
C THR H 93 -8.07 -41.13 -24.92
N SER H 94 -7.63 -40.39 -25.93
CA SER H 94 -6.27 -40.51 -26.41
C SER H 94 -5.23 -40.07 -25.37
N GLU H 95 -4.01 -40.61 -25.51
CA GLU H 95 -2.90 -40.16 -24.69
C GLU H 95 -2.67 -38.66 -24.89
N ALA H 96 -2.81 -38.18 -26.12
CA ALA H 96 -2.60 -36.76 -26.40
C ALA H 96 -3.53 -35.88 -25.59
N ASP H 97 -4.83 -36.25 -25.52
CA ASP H 97 -5.77 -35.46 -24.74
C ASP H 97 -5.48 -35.51 -23.25
N ILE H 98 -5.08 -36.69 -22.76
CA ILE H 98 -4.69 -36.81 -21.35
C ILE H 98 -3.54 -35.87 -21.03
N ARG H 99 -2.50 -35.86 -21.88
CA ARG H 99 -1.36 -34.99 -21.65
C ARG H 99 -1.75 -33.52 -21.75
N GLN H 100 -2.62 -33.17 -22.70
CA GLN H 100 -3.07 -31.78 -22.81
C GLN H 100 -3.84 -31.34 -21.56
N MET H 101 -4.65 -32.23 -20.98
CA MET H 101 -5.32 -31.93 -19.72
C MET H 101 -4.35 -31.46 -18.65
N PHE H 102 -3.27 -32.22 -18.44
CA PHE H 102 -2.32 -31.81 -17.42
C PHE H 102 -1.54 -30.59 -17.86
N GLU H 103 -1.21 -30.51 -19.15
CA GLU H 103 -0.46 -29.36 -19.68
C GLU H 103 -1.16 -28.06 -19.35
N ALA H 104 -2.47 -27.99 -19.64
CA ALA H 104 -3.22 -26.75 -19.47
C ALA H 104 -3.55 -26.47 -18.01
N LEU H 105 -3.80 -27.50 -17.21
CA LEU H 105 -4.38 -27.31 -15.89
C LEU H 105 -3.39 -27.52 -14.76
N SER H 106 -2.18 -27.99 -15.06
CA SER H 106 -1.23 -28.37 -14.03
C SER H 106 0.19 -27.90 -14.34
N ILE H 107 0.66 -28.13 -15.57
CA ILE H 107 2.04 -27.78 -15.90
C ILE H 107 2.15 -26.29 -16.20
N PHE H 108 1.19 -25.74 -16.94
CA PHE H 108 1.20 -24.31 -17.23
C PHE H 108 1.19 -23.46 -15.95
N PRO H 109 0.30 -23.66 -14.97
CA PRO H 109 0.41 -22.90 -13.71
C PRO H 109 1.70 -23.13 -12.94
N ILE H 110 2.30 -24.32 -13.00
CA ILE H 110 3.56 -24.55 -12.27
C ILE H 110 4.67 -23.70 -12.88
N LEU H 111 4.78 -23.72 -14.22
CA LEU H 111 5.83 -22.96 -14.90
C LEU H 111 5.64 -21.46 -14.71
N LEU H 112 4.39 -21.00 -14.71
CA LEU H 112 4.10 -19.61 -14.37
C LEU H 112 4.56 -19.27 -12.95
N LEU H 113 4.14 -20.06 -11.97
CA LEU H 113 4.49 -19.80 -10.57
C LEU H 113 5.99 -19.77 -10.39
N GLN H 114 6.68 -20.77 -10.94
CA GLN H 114 8.12 -20.89 -10.76
C GLN H 114 8.87 -19.66 -11.26
N SER H 115 8.52 -19.19 -12.46
CA SER H 115 9.06 -17.95 -13.02
C SER H 115 8.71 -16.72 -12.19
N ALA H 116 7.63 -16.76 -11.39
CA ALA H 116 7.21 -15.59 -10.64
C ALA H 116 7.95 -15.42 -9.33
N ILE H 117 8.56 -16.48 -8.80
CA ILE H 117 9.01 -16.46 -7.40
C ILE H 117 10.09 -15.40 -7.20
N ALA H 118 11.14 -15.42 -8.03
CA ALA H 118 12.25 -14.50 -7.80
C ALA H 118 11.83 -13.03 -7.94
N PRO H 119 11.17 -12.61 -9.02
CA PRO H 119 10.80 -11.18 -9.07
C PRO H 119 9.77 -10.81 -8.03
N LEU H 120 8.86 -11.71 -7.68
CA LEU H 120 7.86 -11.39 -6.66
C LEU H 120 8.48 -11.30 -5.26
N ARG H 121 9.43 -12.18 -4.94
CA ARG H 121 10.13 -12.02 -3.67
C ARG H 121 10.90 -10.69 -3.65
N ALA H 122 11.56 -10.36 -4.76
CA ALA H 122 12.41 -9.16 -4.77
C ALA H 122 11.58 -7.92 -4.54
N ALA H 123 10.33 -7.91 -4.99
CA ALA H 123 9.42 -6.79 -4.77
C ALA H 123 8.79 -6.79 -3.38
N GLY H 124 9.06 -7.79 -2.55
CA GLY H 124 8.53 -7.81 -1.20
C GLY H 124 7.21 -8.53 -1.04
N GLY H 125 6.76 -9.27 -2.04
CA GLY H 125 5.56 -10.07 -1.93
C GLY H 125 4.51 -9.68 -2.96
N ALA H 126 3.45 -10.50 -2.97
CA ALA H 126 2.32 -10.39 -3.90
C ALA H 126 1.30 -11.47 -3.58
N SER H 127 0.21 -11.51 -4.34
CA SER H 127 -0.79 -12.57 -4.26
C SER H 127 -0.79 -13.35 -5.56
N VAL H 128 -0.93 -14.67 -5.46
CA VAL H 128 -1.12 -15.52 -6.64
C VAL H 128 -2.39 -16.33 -6.40
N ILE H 129 -3.42 -16.07 -7.20
CA ILE H 129 -4.73 -16.69 -7.04
C ILE H 129 -4.92 -17.65 -8.20
N PHE H 130 -4.98 -18.96 -7.92
CA PHE H 130 -5.22 -19.97 -8.96
C PHE H 130 -6.71 -20.27 -9.04
N ILE H 131 -7.29 -20.06 -10.23
CA ILE H 131 -8.66 -20.51 -10.48
C ILE H 131 -8.60 -21.97 -10.91
N THR H 132 -9.22 -22.84 -10.10
CA THR H 132 -9.18 -24.28 -10.35
C THR H 132 -10.63 -24.72 -10.59
N SER H 133 -11.17 -25.61 -9.77
CA SER H 133 -12.52 -26.12 -9.96
C SER H 133 -12.94 -26.82 -8.68
N SER H 134 -14.26 -27.01 -8.51
CA SER H 134 -14.72 -27.73 -7.33
C SER H 134 -14.12 -29.14 -7.28
N VAL H 135 -13.85 -29.74 -8.46
CA VAL H 135 -13.26 -31.08 -8.52
C VAL H 135 -11.79 -31.12 -8.13
N GLY H 136 -11.15 -29.98 -7.91
CA GLY H 136 -9.85 -30.02 -7.23
C GLY H 136 -9.92 -30.57 -5.81
N LYS H 137 -11.11 -30.58 -5.21
CA LYS H 137 -11.33 -31.12 -3.88
C LYS H 137 -12.37 -32.25 -3.80
N LYS H 138 -13.38 -32.27 -4.68
CA LYS H 138 -14.48 -33.22 -4.56
C LYS H 138 -14.73 -33.92 -5.89
N PRO H 139 -14.57 -35.25 -5.97
CA PRO H 139 -14.66 -35.92 -7.26
C PRO H 139 -16.04 -35.81 -7.88
N LEU H 140 -16.06 -35.97 -9.21
CA LEU H 140 -17.29 -36.05 -10.00
C LEU H 140 -17.09 -37.11 -11.06
N ALA H 141 -18.08 -38.01 -11.21
CA ALA H 141 -17.95 -39.19 -12.08
C ALA H 141 -17.57 -38.85 -13.51
N TYR H 142 -17.96 -37.68 -14.01
CA TYR H 142 -17.73 -37.34 -15.41
C TYR H 142 -16.47 -36.53 -15.62
N ASN H 143 -15.68 -36.30 -14.56
CA ASN H 143 -14.42 -35.57 -14.67
C ASN H 143 -13.27 -36.44 -14.17
N PRO H 144 -13.07 -37.66 -14.67
CA PRO H 144 -12.02 -38.52 -14.12
C PRO H 144 -10.62 -38.18 -14.58
N LEU H 145 -10.46 -37.28 -15.55
CA LEU H 145 -9.14 -36.77 -15.94
C LEU H 145 -8.98 -35.29 -15.63
N TYR H 146 -10.01 -34.50 -15.91
CA TYR H 146 -10.02 -33.09 -15.52
C TYR H 146 -9.85 -32.94 -14.01
N GLY H 147 -10.44 -33.86 -13.24
CA GLY H 147 -10.33 -33.84 -11.79
C GLY H 147 -8.91 -33.96 -11.30
N PRO H 148 -8.22 -35.06 -11.67
CA PRO H 148 -6.80 -35.17 -11.31
C PRO H 148 -5.97 -33.94 -11.65
N ALA H 149 -6.14 -33.39 -12.84
CA ALA H 149 -5.33 -32.24 -13.23
C ALA H 149 -5.62 -31.05 -12.31
N ARG H 150 -6.88 -30.84 -11.95
CA ARG H 150 -7.22 -29.71 -11.10
C ARG H 150 -6.71 -29.93 -9.69
N ALA H 151 -6.75 -31.18 -9.21
CA ALA H 151 -6.32 -31.49 -7.86
C ALA H 151 -4.83 -31.27 -7.69
N ALA H 152 -4.05 -31.55 -8.73
CA ALA H 152 -2.62 -31.28 -8.70
C ALA H 152 -2.37 -29.81 -8.38
N THR H 153 -3.08 -28.90 -9.06
CA THR H 153 -2.81 -27.48 -8.84
C THR H 153 -3.31 -27.00 -7.48
N VAL H 154 -4.41 -27.58 -6.97
CA VAL H 154 -4.83 -27.23 -5.61
C VAL H 154 -3.76 -27.66 -4.60
N ALA H 155 -3.22 -28.85 -4.78
CA ALA H 155 -2.14 -29.33 -3.91
C ALA H 155 -0.88 -28.50 -4.09
N LEU H 156 -0.63 -27.98 -5.30
CA LEU H 156 0.47 -27.06 -5.51
C LEU H 156 0.30 -25.83 -4.64
N VAL H 157 -0.91 -25.27 -4.56
CA VAL H 157 -1.17 -24.12 -3.69
C VAL H 157 -0.90 -24.50 -2.23
N GLU H 158 -1.46 -25.61 -1.76
CA GLU H 158 -1.37 -25.91 -0.34
C GLU H 158 0.08 -26.20 0.07
N SER H 159 0.86 -26.79 -0.83
CA SER H 159 2.24 -27.09 -0.48
C SER H 159 3.14 -25.89 -0.69
N ALA H 160 3.04 -25.23 -1.86
CA ALA H 160 3.95 -24.11 -2.13
C ALA H 160 3.77 -22.98 -1.13
N ALA H 161 2.59 -22.85 -0.53
CA ALA H 161 2.35 -21.77 0.42
C ALA H 161 3.15 -21.99 1.70
N LYS H 162 3.47 -23.24 2.03
CA LYS H 162 4.22 -23.53 3.24
C LYS H 162 5.56 -22.79 3.27
N THR H 163 6.15 -22.53 2.10
CA THR H 163 7.41 -21.79 2.01
C THR H 163 7.26 -20.37 1.49
N LEU H 164 6.45 -20.15 0.45
CA LEU H 164 6.39 -18.84 -0.21
C LEU H 164 5.73 -17.78 0.65
N SER H 165 4.88 -18.20 1.60
CA SER H 165 4.23 -17.25 2.50
C SER H 165 5.25 -16.46 3.31
N ARG H 166 6.41 -17.05 3.61
CA ARG H 166 7.41 -16.33 4.37
C ARG H 166 8.01 -15.21 3.54
N ASP H 167 8.01 -15.35 2.21
CA ASP H 167 8.46 -14.28 1.34
C ASP H 167 7.39 -13.20 1.12
N GLY H 168 6.26 -13.30 1.81
CA GLY H 168 5.11 -12.46 1.52
C GLY H 168 4.40 -12.79 0.22
N ILE H 169 4.71 -13.94 -0.38
CA ILE H 169 4.06 -14.40 -1.60
C ILE H 169 2.90 -15.30 -1.16
N LEU H 170 1.66 -14.80 -1.29
CA LEU H 170 0.48 -15.43 -0.69
C LEU H 170 -0.28 -16.17 -1.77
N LEU H 171 -0.34 -17.51 -1.67
CA LEU H 171 -1.07 -18.31 -2.67
C LEU H 171 -2.45 -18.72 -2.17
N TYR H 172 -3.42 -18.73 -3.08
CA TYR H 172 -4.78 -19.19 -2.81
C TYR H 172 -5.30 -19.97 -4.01
N ALA H 173 -6.30 -20.83 -3.75
CA ALA H 173 -7.01 -21.57 -4.79
C ALA H 173 -8.49 -21.31 -4.64
N ILE H 174 -9.15 -21.06 -5.76
CA ILE H 174 -10.60 -20.93 -5.84
C ILE H 174 -11.12 -22.10 -6.67
N GLY H 175 -12.20 -22.73 -6.20
CA GLY H 175 -12.76 -23.90 -6.84
C GLY H 175 -14.21 -23.68 -7.20
N PRO H 176 -14.44 -23.04 -8.35
CA PRO H 176 -15.81 -22.71 -8.71
C PRO H 176 -16.60 -23.92 -9.21
N ALA H 177 -17.90 -23.86 -8.98
CA ALA H 177 -18.85 -24.67 -9.73
C ALA H 177 -20.13 -23.86 -9.78
N PHE H 178 -20.91 -24.07 -10.85
CA PHE H 178 -22.14 -23.32 -11.07
C PHE H 178 -21.91 -21.81 -11.00
N PHE H 179 -20.75 -21.40 -11.52
CA PHE H 179 -20.34 -20.00 -11.60
C PHE H 179 -20.70 -19.50 -13.00
N ASN H 180 -21.54 -18.46 -13.07
CA ASN H 180 -21.91 -17.88 -14.38
C ASN H 180 -20.66 -17.37 -15.08
N ASN H 181 -20.24 -18.04 -16.16
CA ASN H 181 -18.98 -17.67 -16.80
C ASN H 181 -19.00 -18.22 -18.22
N PRO H 182 -18.21 -17.64 -19.13
CA PRO H 182 -18.30 -18.02 -20.55
C PRO H 182 -17.98 -19.47 -20.83
N THR H 183 -17.14 -20.11 -20.03
CA THR H 183 -16.60 -21.42 -20.42
C THR H 183 -17.51 -22.59 -20.00
N TYR H 184 -17.97 -22.60 -18.75
CA TYR H 184 -18.69 -23.75 -18.21
C TYR H 184 -20.15 -23.49 -17.94
N PHE H 185 -20.54 -22.24 -17.65
CA PHE H 185 -21.93 -21.88 -17.38
C PHE H 185 -22.26 -20.52 -17.98
N PRO H 186 -22.24 -20.40 -19.31
CA PRO H 186 -22.59 -19.13 -19.95
C PRO H 186 -24.06 -18.83 -19.78
N THR H 187 -24.40 -17.53 -19.89
CA THR H 187 -25.79 -17.13 -19.74
C THR H 187 -26.69 -17.82 -20.74
N SER H 188 -26.20 -18.05 -21.95
CA SER H 188 -27.04 -18.67 -22.97
C SER H 188 -27.47 -20.07 -22.55
N ASP H 189 -26.57 -20.82 -21.92
CA ASP H 189 -26.92 -22.14 -21.39
C ASP H 189 -28.02 -22.03 -20.34
N TRP H 190 -27.90 -21.04 -19.43
CA TRP H 190 -28.98 -20.83 -18.47
C TRP H 190 -30.30 -20.54 -19.18
N GLU H 191 -30.25 -19.74 -20.24
CA GLU H 191 -31.44 -19.33 -20.95
C GLU H 191 -32.02 -20.46 -21.80
N ASN H 192 -31.17 -21.23 -22.47
CA ASN H 192 -31.62 -22.17 -23.49
C ASN H 192 -31.90 -23.58 -22.98
N ASN H 193 -31.22 -24.03 -21.94
CA ASN H 193 -31.24 -25.45 -21.59
C ASN H 193 -32.04 -25.71 -20.33
N PRO H 194 -33.23 -26.30 -20.44
CA PRO H 194 -34.09 -26.43 -19.26
C PRO H 194 -33.48 -27.26 -18.15
N GLU H 195 -32.49 -28.11 -18.45
CA GLU H 195 -31.92 -29.00 -17.44
C GLU H 195 -31.06 -28.25 -16.44
N LEU H 196 -30.46 -27.12 -16.85
CA LEU H 196 -29.48 -26.46 -15.98
C LEU H 196 -30.16 -25.80 -14.78
N ARG H 197 -31.26 -25.07 -15.01
CA ARG H 197 -31.96 -24.46 -13.88
C ARG H 197 -32.55 -25.53 -12.96
N GLU H 198 -32.95 -26.68 -13.54
CA GLU H 198 -33.41 -27.80 -12.73
C GLU H 198 -32.28 -28.34 -11.86
N ARG H 199 -31.08 -28.46 -12.43
CA ARG H 199 -29.94 -28.99 -11.69
C ARG H 199 -29.54 -28.04 -10.57
N VAL H 200 -29.56 -26.74 -10.83
CA VAL H 200 -29.20 -25.75 -9.82
C VAL H 200 -30.22 -25.74 -8.69
N ASP H 201 -31.52 -25.85 -9.02
CA ASP H 201 -32.55 -25.91 -7.98
C ASP H 201 -32.29 -27.06 -7.04
N ARG H 202 -31.87 -28.20 -7.57
CA ARG H 202 -31.68 -29.40 -6.77
C ARG H 202 -30.38 -29.34 -5.96
N ASP H 203 -29.27 -28.95 -6.59
CA ASP H 203 -27.97 -29.13 -5.95
C ASP H 203 -27.30 -27.88 -5.41
N VAL H 204 -27.75 -26.69 -5.77
CA VAL H 204 -27.07 -25.48 -5.33
C VAL H 204 -27.93 -24.83 -4.25
N PRO H 205 -27.52 -24.89 -2.97
CA PRO H 205 -28.32 -24.26 -1.91
C PRO H 205 -28.61 -22.79 -2.13
N LEU H 206 -27.65 -22.07 -2.71
CA LEU H 206 -27.90 -20.67 -3.03
C LEU H 206 -29.01 -20.52 -4.07
N GLY H 207 -29.28 -21.56 -4.87
CA GLY H 207 -30.37 -21.57 -5.81
C GLY H 207 -30.15 -20.82 -7.12
N ARG H 208 -28.92 -20.45 -7.43
CA ARG H 208 -28.62 -19.68 -8.63
C ARG H 208 -27.15 -19.83 -8.97
N LEU H 209 -26.78 -19.37 -10.16
CA LEU H 209 -25.39 -19.32 -10.58
C LEU H 209 -24.65 -18.22 -9.81
N GLY H 210 -23.39 -18.46 -9.50
CA GLY H 210 -22.58 -17.38 -8.94
C GLY H 210 -22.36 -16.29 -9.98
N ARG H 211 -22.52 -15.03 -9.55
CA ARG H 211 -22.41 -13.89 -10.47
C ARG H 211 -20.95 -13.53 -10.73
N PRO H 212 -20.66 -12.96 -11.92
CA PRO H 212 -19.29 -12.50 -12.18
C PRO H 212 -18.78 -11.54 -11.10
N ASP H 213 -19.61 -10.58 -10.68
CA ASP H 213 -19.11 -9.63 -9.68
C ASP H 213 -18.83 -10.30 -8.35
N GLU H 214 -19.46 -11.45 -8.07
CA GLU H 214 -19.18 -12.14 -6.81
C GLU H 214 -17.82 -12.81 -6.85
N MET H 215 -17.47 -13.45 -7.98
CA MET H 215 -16.12 -13.97 -8.15
C MET H 215 -15.12 -12.83 -8.11
N GLY H 216 -15.48 -11.69 -8.71
CA GLY H 216 -14.58 -10.54 -8.70
C GLY H 216 -14.38 -9.95 -7.31
N ALA H 217 -15.45 -9.91 -6.52
CA ALA H 217 -15.31 -9.47 -5.12
C ALA H 217 -14.34 -10.36 -4.34
N LEU H 218 -14.43 -11.68 -4.52
CA LEU H 218 -13.52 -12.59 -3.84
C LEU H 218 -12.08 -12.35 -4.30
N ILE H 219 -11.88 -12.18 -5.61
CA ILE H 219 -10.53 -11.95 -6.14
C ILE H 219 -9.96 -10.66 -5.58
N THR H 220 -10.73 -9.57 -5.63
CA THR H 220 -10.25 -8.27 -5.13
C THR H 220 -9.97 -8.32 -3.64
N PHE H 221 -10.79 -9.06 -2.88
CA PHE H 221 -10.52 -9.22 -1.45
C PHE H 221 -9.18 -9.92 -1.21
N LEU H 222 -8.97 -11.08 -1.83
CA LEU H 222 -7.68 -11.75 -1.70
C LEU H 222 -6.54 -10.82 -2.12
N ALA H 223 -6.73 -10.08 -3.21
CA ALA H 223 -5.67 -9.24 -3.76
C ALA H 223 -5.25 -8.15 -2.78
N SER H 224 -6.16 -7.73 -1.92
CA SER H 224 -5.92 -6.63 -0.99
C SER H 224 -4.94 -6.98 0.10
N ARG H 225 -4.79 -8.26 0.42
CA ARG H 225 -3.92 -8.82 1.46
C ARG H 225 -4.44 -8.52 2.86
N ARG H 226 -5.61 -7.91 2.99
CA ARG H 226 -6.10 -7.45 4.30
C ARG H 226 -6.37 -8.62 5.24
N ALA H 227 -6.54 -9.84 4.72
CA ALA H 227 -6.79 -11.02 5.55
C ALA H 227 -5.77 -12.11 5.25
N ALA H 228 -4.50 -11.71 5.12
CA ALA H 228 -3.40 -12.61 4.78
C ALA H 228 -3.36 -13.94 5.54
N PRO H 229 -3.78 -14.01 6.81
CA PRO H 229 -3.69 -15.32 7.51
C PRO H 229 -4.59 -16.42 6.94
N ILE H 230 -5.40 -16.16 5.90
CA ILE H 230 -6.17 -17.24 5.26
C ILE H 230 -5.40 -17.81 4.07
N VAL H 231 -4.13 -17.41 3.91
CA VAL H 231 -3.27 -17.87 2.82
C VAL H 231 -3.15 -19.40 2.77
N GLY H 232 -3.01 -19.90 1.54
CA GLY H 232 -2.60 -21.27 1.35
C GLY H 232 -3.71 -22.28 1.43
N GLN H 233 -4.95 -21.87 1.15
CA GLN H 233 -6.06 -22.81 1.21
C GLN H 233 -6.98 -22.65 0.01
N PHE H 234 -7.91 -23.61 -0.06
CA PHE H 234 -8.85 -23.76 -1.14
C PHE H 234 -10.15 -23.10 -0.70
N PHE H 235 -10.74 -22.30 -1.59
CA PHE H 235 -12.04 -21.67 -1.33
C PHE H 235 -13.06 -22.22 -2.32
N ALA H 236 -14.03 -22.96 -1.83
CA ALA H 236 -15.13 -23.34 -2.70
C ALA H 236 -15.91 -22.09 -3.10
N PHE H 237 -16.20 -21.96 -4.40
CA PHE H 237 -17.06 -20.89 -4.93
C PHE H 237 -18.22 -21.60 -5.64
N THR H 238 -19.16 -22.14 -4.86
CA THR H 238 -20.12 -23.10 -5.42
C THR H 238 -21.55 -22.86 -4.97
N GLY H 239 -21.82 -21.80 -4.20
CA GLY H 239 -23.15 -21.59 -3.67
C GLY H 239 -23.60 -22.66 -2.69
N GLY H 240 -22.66 -23.33 -2.01
CA GLY H 240 -23.00 -24.33 -1.04
C GLY H 240 -23.14 -25.73 -1.59
N TYR H 241 -22.83 -25.92 -2.87
CA TYR H 241 -22.79 -27.27 -3.42
C TYR H 241 -21.66 -28.08 -2.79
N LEU H 242 -20.43 -27.47 -2.63
CA LEU H 242 -19.44 -28.03 -1.71
C LEU H 242 -19.62 -27.44 -0.32
N PRO H 243 -19.17 -28.14 0.73
CA PRO H 243 -18.54 -29.47 0.67
C PRO H 243 -19.55 -30.61 0.59
CL CL I . -2.74 44.78 -14.68
CL CL J . 27.21 24.14 -13.14
CL CL K . 20.21 45.85 9.81
CL CL L . -1.37 17.54 2.98
CL CL M . -26.25 -46.84 7.15
CL CL N . -6.21 -18.78 18.22
CL CL O . 6.78 -44.14 3.19
CL CL P . -17.75 -23.00 -12.99
#